data_6SHH
#
_entry.id   6SHH
#
_cell.length_a   60.630
_cell.length_b   116.410
_cell.length_c   290.940
_cell.angle_alpha   90.000
_cell.angle_beta   90.000
_cell.angle_gamma   90.000
#
_symmetry.space_group_name_H-M   'P 21 21 21'
#
loop_
_entity.id
_entity.type
_entity.pdbx_description
1 polymer Kallikrein-7
2 non-polymer 'TRIETHYLENE GLYCOL'
3 non-polymer 'SULFATE ION'
4 non-polymer '(3-chlorophenyl) 6-methyl-2-oxidanylidene-chromene-3-carboxylate'
5 non-polymer '4-(2-HYDROXYETHYL)-1-PIPERAZINE ETHANESULFONIC ACID'
6 water water
#
_entity_poly.entity_id   1
_entity_poly.type   'polypeptide(L)'
_entity_poly.pdbx_seq_one_letter_code
;IIDGAPCARGSHPWQVALLSGNQLHCGGVLVNERWVLTAAHCKMNEYTVHLGSDTLGDRRAQRIKASKSFRHPGYSTQTH
VNDLMLVKLNSQARLSSMVKKVRLPSRCEPPGTTCTVSGWGTTTSPDVTFPSDLMCVDVKLISPQDCTKVYKDLLENSML
CAGIPDSKKNACNGDSGGPLVCRGTLQGLVSWGTFPCGQPNDPGVYTQVCKFTKWINDTMKKHR
;
_entity_poly.pdbx_strand_id   A,B,C,D,E,F,G,H
#
# COMPACT_ATOMS: atom_id res chain seq x y z
N ILE A 1 9.97 -17.42 -6.92
CA ILE A 1 9.54 -18.71 -7.47
C ILE A 1 10.31 -19.82 -6.70
N ILE A 2 9.61 -20.78 -6.08
CA ILE A 2 10.26 -21.86 -5.32
C ILE A 2 10.42 -23.07 -6.23
N ASP A 3 11.57 -23.76 -6.21
CA ASP A 3 11.86 -24.96 -7.00
C ASP A 3 11.67 -24.81 -8.54
N GLY A 4 11.96 -23.62 -9.05
CA GLY A 4 11.91 -23.38 -10.48
C GLY A 4 13.30 -23.33 -11.10
N ALA A 5 13.39 -22.72 -12.30
CA ALA A 5 14.66 -22.59 -13.02
C ALA A 5 14.60 -21.32 -13.82
N PRO A 6 15.73 -20.73 -14.27
CA PRO A 6 15.62 -19.53 -15.10
C PRO A 6 14.79 -19.80 -16.34
N CYS A 7 13.89 -18.86 -16.70
CA CYS A 7 13.08 -18.89 -17.92
C CYS A 7 14.01 -18.82 -19.12
N ALA A 8 13.61 -19.39 -20.25
CA ALA A 8 14.43 -19.27 -21.47
C ALA A 8 14.38 -17.79 -21.91
N ARG A 9 15.55 -17.25 -22.26
CA ARG A 9 15.68 -15.84 -22.64
C ARG A 9 14.77 -15.48 -23.85
N GLY A 10 14.06 -14.37 -23.71
CA GLY A 10 13.13 -13.89 -24.73
C GLY A 10 11.72 -14.46 -24.70
N SER A 11 11.44 -15.50 -23.87
CA SER A 11 10.11 -16.15 -23.84
C SER A 11 9.08 -15.46 -22.90
N HIS A 12 9.47 -14.48 -22.08
CA HIS A 12 8.44 -13.78 -21.27
C HIS A 12 8.41 -12.26 -21.55
N PRO A 13 8.15 -11.83 -22.83
CA PRO A 13 8.22 -10.40 -23.16
C PRO A 13 7.12 -9.54 -22.57
N TRP A 14 6.04 -10.19 -22.13
CA TRP A 14 4.87 -9.55 -21.52
C TRP A 14 5.04 -9.38 -20.02
N GLN A 15 6.11 -10.00 -19.44
CA GLN A 15 6.45 -9.91 -18.01
C GLN A 15 7.10 -8.56 -17.65
N VAL A 16 6.61 -7.95 -16.59
CA VAL A 16 7.10 -6.69 -16.05
C VAL A 16 7.32 -6.85 -14.55
N ALA A 17 8.07 -5.92 -13.97
CA ALA A 17 8.30 -5.87 -12.55
C ALA A 17 7.99 -4.46 -12.13
N LEU A 18 7.37 -4.36 -10.95
CA LEU A 18 7.04 -3.09 -10.30
C LEU A 18 8.10 -2.89 -9.22
N LEU A 19 8.81 -1.77 -9.31
CA LEU A 19 9.90 -1.41 -8.42
C LEU A 19 9.51 -0.26 -7.55
N SER A 20 10.11 -0.24 -6.37
CA SER A 20 9.95 0.82 -5.39
C SER A 20 11.33 1.02 -4.79
N GLY A 21 11.87 2.21 -4.97
CA GLY A 21 13.22 2.51 -4.46
C GLY A 21 14.27 1.58 -5.03
N ASN A 22 14.14 1.24 -6.33
CA ASN A 22 15.02 0.36 -7.10
C ASN A 22 15.06 -1.08 -6.56
N GLN A 23 14.01 -1.48 -5.82
CA GLN A 23 13.87 -2.82 -5.28
C GLN A 23 12.60 -3.39 -5.81
N LEU A 24 12.57 -4.72 -5.98
CA LEU A 24 11.40 -5.44 -6.45
C LEU A 24 10.26 -5.30 -5.46
N HIS A 25 9.08 -4.98 -5.99
CA HIS A 25 7.88 -4.84 -5.19
C HIS A 25 6.90 -5.95 -5.58
N CYS A 26 6.61 -6.08 -6.89
CA CYS A 26 5.65 -7.04 -7.41
C CYS A 26 6.01 -7.38 -8.83
N GLY A 27 5.32 -8.40 -9.37
CA GLY A 27 5.39 -8.70 -10.79
C GLY A 27 4.22 -8.00 -11.44
N GLY A 28 4.01 -8.28 -12.72
CA GLY A 28 2.88 -7.77 -13.49
C GLY A 28 2.94 -8.22 -14.92
N VAL A 29 1.93 -7.84 -15.71
CA VAL A 29 1.82 -8.22 -17.11
CA VAL A 29 1.84 -8.23 -17.11
C VAL A 29 1.48 -7.03 -18.00
N LEU A 30 2.12 -6.91 -19.14
CA LEU A 30 1.82 -5.82 -20.08
C LEU A 30 0.56 -6.21 -20.83
N VAL A 31 -0.48 -5.34 -20.77
CA VAL A 31 -1.78 -5.58 -21.43
C VAL A 31 -1.76 -4.95 -22.84
N ASN A 32 -1.25 -3.73 -22.94
CA ASN A 32 -1.06 -2.94 -24.14
C ASN A 32 0.02 -1.87 -23.81
N GLU A 33 0.33 -0.95 -24.74
CA GLU A 33 1.39 0.06 -24.58
C GLU A 33 1.19 0.98 -23.39
N ARG A 34 -0.06 1.14 -22.94
CA ARG A 34 -0.34 2.05 -21.86
C ARG A 34 -0.64 1.36 -20.52
N TRP A 35 -0.82 0.04 -20.52
CA TRP A 35 -1.34 -0.62 -19.34
C TRP A 35 -0.62 -1.88 -18.90
N VAL A 36 -0.48 -1.99 -17.58
CA VAL A 36 0.09 -3.13 -16.88
C VAL A 36 -1.04 -3.67 -15.97
N LEU A 37 -1.20 -4.99 -15.93
CA LEU A 37 -2.17 -5.64 -15.07
C LEU A 37 -1.37 -6.34 -13.97
N THR A 38 -1.81 -6.20 -12.71
CA THR A 38 -1.13 -6.75 -11.56
C THR A 38 -2.18 -7.06 -10.45
N ALA A 39 -1.71 -7.35 -9.23
CA ALA A 39 -2.56 -7.62 -8.08
C ALA A 39 -2.90 -6.29 -7.41
N ALA A 40 -4.11 -6.17 -6.83
CA ALA A 40 -4.55 -5.00 -6.07
C ALA A 40 -3.70 -4.80 -4.76
N HIS A 41 -3.07 -5.89 -4.28
N HIS A 41 -3.09 -5.89 -4.25
CA HIS A 41 -2.20 -5.96 -3.11
CA HIS A 41 -2.22 -5.88 -3.08
C HIS A 41 -0.90 -5.18 -3.34
C HIS A 41 -0.94 -5.05 -3.34
N CYS A 42 -0.54 -4.95 -4.62
CA CYS A 42 0.64 -4.23 -5.06
C CYS A 42 0.44 -2.70 -5.19
N LYS A 43 -0.74 -2.18 -4.81
CA LYS A 43 -1.06 -0.75 -4.84
C LYS A 43 0.02 0.10 -4.19
N MET A 44 0.39 1.18 -4.89
CA MET A 44 1.34 2.21 -4.45
C MET A 44 0.89 3.52 -5.09
N ASN A 45 1.34 4.69 -4.60
CA ASN A 45 0.91 5.92 -5.30
C ASN A 45 1.73 6.15 -6.58
N GLU A 46 2.98 5.62 -6.61
CA GLU A 46 3.90 5.71 -7.75
C GLU A 46 4.56 4.34 -7.95
N TYR A 47 4.86 3.99 -9.21
CA TYR A 47 5.52 2.73 -9.60
C TYR A 47 6.66 3.03 -10.57
N THR A 48 7.65 2.14 -10.62
CA THR A 48 8.69 2.15 -11.62
C THR A 48 8.54 0.79 -12.26
N VAL A 49 8.19 0.81 -13.50
CA VAL A 49 7.96 -0.41 -14.27
C VAL A 49 9.19 -0.76 -15.08
N HIS A 50 9.67 -2.01 -14.90
CA HIS A 50 10.79 -2.59 -15.63
C HIS A 50 10.17 -3.44 -16.71
N LEU A 51 10.57 -3.20 -17.97
CA LEU A 51 10.08 -3.94 -19.13
C LEU A 51 11.29 -4.31 -19.98
N GLY A 52 11.15 -5.40 -20.74
CA GLY A 52 12.12 -5.79 -21.75
C GLY A 52 13.41 -6.46 -21.39
N SER A 53 13.51 -7.03 -20.21
CA SER A 53 14.69 -7.79 -19.83
C SER A 53 14.34 -8.80 -18.79
N ASP A 54 14.90 -10.01 -18.95
CA ASP A 54 14.74 -11.17 -18.07
C ASP A 54 15.58 -10.98 -16.82
N THR A 55 16.53 -10.02 -16.88
CA THR A 55 17.45 -9.62 -15.81
C THR A 55 17.01 -8.28 -15.22
N LEU A 56 16.68 -8.26 -13.92
CA LEU A 56 16.40 -7.06 -13.17
C LEU A 56 17.76 -6.42 -13.02
N GLY A 57 17.85 -5.13 -13.21
CA GLY A 57 19.14 -4.44 -13.14
C GLY A 57 19.79 -4.24 -14.50
N ASP A 58 19.14 -4.73 -15.59
CA ASP A 58 19.69 -4.58 -16.94
C ASP A 58 19.53 -3.15 -17.45
N ARG A 59 20.61 -2.59 -18.03
CA ARG A 59 20.62 -1.27 -18.65
C ARG A 59 19.77 -1.31 -19.96
N ARG A 60 19.63 -2.48 -20.60
CA ARG A 60 18.81 -2.70 -21.81
C ARG A 60 17.32 -2.53 -21.59
N ALA A 61 16.88 -2.69 -20.33
CA ALA A 61 15.48 -2.63 -20.00
C ALA A 61 14.91 -1.22 -20.02
N GLN A 62 13.62 -1.14 -20.29
CA GLN A 62 12.86 0.10 -20.19
C GLN A 62 12.45 0.28 -18.73
N ARG A 63 12.46 1.53 -18.26
CA ARG A 63 12.13 1.89 -16.86
C ARG A 63 11.11 3.01 -17.00
N ILE A 64 9.83 2.68 -16.88
CA ILE A 64 8.75 3.66 -17.09
C ILE A 64 8.02 3.93 -15.77
N LYS A 65 7.78 5.22 -15.48
CA LYS A 65 7.01 5.64 -14.31
C LYS A 65 5.52 5.46 -14.59
N ALA A 66 4.76 5.22 -13.51
CA ALA A 66 3.32 5.03 -13.53
C ALA A 66 2.81 5.76 -12.31
N SER A 67 1.96 6.78 -12.54
CA SER A 67 1.47 7.62 -11.45
C SER A 67 0.02 7.39 -11.16
N LYS A 68 -0.63 6.52 -11.93
CA LYS A 68 -2.04 6.19 -11.78
C LYS A 68 -2.21 4.69 -11.82
N SER A 69 -3.19 4.20 -11.05
CA SER A 69 -3.55 2.79 -10.92
C SER A 69 -4.95 2.69 -10.37
N PHE A 70 -5.66 1.62 -10.74
CA PHE A 70 -7.06 1.45 -10.39
C PHE A 70 -7.26 0.03 -9.94
N ARG A 71 -7.63 -0.16 -8.68
CA ARG A 71 -7.91 -1.49 -8.16
C ARG A 71 -9.33 -1.82 -8.50
N HIS A 72 -9.63 -3.12 -8.63
CA HIS A 72 -10.98 -3.58 -8.83
C HIS A 72 -11.75 -3.14 -7.56
N PRO A 73 -12.93 -2.50 -7.68
CA PRO A 73 -13.62 -1.98 -6.48
C PRO A 73 -14.13 -3.02 -5.49
N GLY A 74 -14.23 -4.26 -5.92
CA GLY A 74 -14.60 -5.36 -5.05
C GLY A 74 -13.41 -5.93 -4.30
N TYR A 75 -12.20 -5.36 -4.49
CA TYR A 75 -11.01 -5.87 -3.81
C TYR A 75 -11.15 -5.73 -2.31
N SER A 76 -10.77 -6.78 -1.58
CA SER A 76 -10.76 -6.81 -0.14
C SER A 76 -9.37 -7.21 0.39
N THR A 77 -8.78 -6.34 1.22
CA THR A 77 -7.51 -6.60 1.90
C THR A 77 -7.67 -7.80 2.91
N GLN A 78 -8.89 -8.00 3.47
CA GLN A 78 -9.20 -9.07 4.42
C GLN A 78 -9.18 -10.46 3.81
N THR A 79 -9.87 -10.66 2.67
CA THR A 79 -10.01 -11.96 2.01
C THR A 79 -9.21 -12.16 0.72
N HIS A 80 -8.73 -11.06 0.12
CA HIS A 80 -7.98 -11.03 -1.15
C HIS A 80 -8.83 -11.35 -2.37
N VAL A 81 -10.16 -11.22 -2.22
CA VAL A 81 -11.10 -11.39 -3.30
C VAL A 81 -10.90 -10.20 -4.26
N ASN A 82 -11.05 -10.46 -5.57
CA ASN A 82 -10.96 -9.45 -6.64
C ASN A 82 -9.61 -8.77 -6.60
N ASP A 83 -8.57 -9.58 -6.45
CA ASP A 83 -7.22 -9.06 -6.33
C ASP A 83 -6.61 -8.70 -7.70
N LEU A 84 -6.93 -7.49 -8.22
CA LEU A 84 -6.41 -7.04 -9.50
C LEU A 84 -6.50 -5.54 -9.63
N MET A 85 -5.58 -5.00 -10.40
CA MET A 85 -5.38 -3.58 -10.57
C MET A 85 -4.75 -3.31 -11.89
N LEU A 86 -5.17 -2.21 -12.51
CA LEU A 86 -4.59 -1.76 -13.77
C LEU A 86 -3.69 -0.57 -13.46
N VAL A 87 -2.45 -0.63 -13.95
CA VAL A 87 -1.42 0.39 -13.77
C VAL A 87 -1.26 1.11 -15.12
N LYS A 88 -1.42 2.45 -15.07
CA LYS A 88 -1.32 3.30 -16.25
C LYS A 88 0.06 3.90 -16.37
N LEU A 89 0.81 3.42 -17.39
CA LEU A 89 2.16 3.90 -17.72
C LEU A 89 2.11 5.39 -18.11
N ASN A 90 3.04 6.21 -17.59
CA ASN A 90 3.16 7.65 -17.84
C ASN A 90 3.43 7.91 -19.32
N SER A 91 4.29 7.07 -19.92
CA SER A 91 4.55 7.11 -21.38
C SER A 91 4.34 5.70 -21.91
N GLN A 92 4.17 5.52 -23.22
CA GLN A 92 3.89 4.19 -23.78
C GLN A 92 5.08 3.27 -23.75
N ALA A 93 4.83 1.97 -23.55
CA ALA A 93 5.86 0.93 -23.64
C ALA A 93 6.30 0.85 -25.10
N ARG A 94 7.59 0.83 -25.34
CA ARG A 94 8.11 0.75 -26.71
C ARG A 94 8.26 -0.70 -27.05
N LEU A 95 7.34 -1.20 -27.87
CA LEU A 95 7.26 -2.63 -28.22
C LEU A 95 8.43 -3.09 -29.08
N SER A 96 8.84 -4.34 -28.90
CA SER A 96 9.94 -4.96 -29.67
C SER A 96 9.82 -6.47 -29.51
N SER A 97 10.88 -7.23 -29.86
CA SER A 97 10.91 -8.68 -29.63
C SER A 97 10.90 -8.98 -28.11
N MET A 98 11.39 -8.04 -27.28
CA MET A 98 11.48 -8.21 -25.82
C MET A 98 10.33 -7.57 -25.01
N VAL A 99 9.50 -6.72 -25.66
CA VAL A 99 8.36 -6.04 -25.06
C VAL A 99 7.12 -6.35 -25.94
N LYS A 100 6.20 -7.21 -25.42
CA LYS A 100 4.97 -7.61 -26.15
C LYS A 100 3.80 -7.67 -25.20
N LYS A 101 2.56 -7.54 -25.74
CA LYS A 101 1.34 -7.62 -24.95
C LYS A 101 1.02 -9.10 -24.75
N VAL A 102 0.50 -9.40 -23.59
CA VAL A 102 0.08 -10.73 -23.24
C VAL A 102 -1.21 -11.08 -23.96
N ARG A 103 -1.45 -12.37 -24.20
CA ARG A 103 -2.70 -12.79 -24.78
C ARG A 103 -3.64 -13.00 -23.59
N LEU A 104 -4.66 -12.14 -23.50
CA LEU A 104 -5.71 -12.22 -22.48
C LEU A 104 -6.62 -13.43 -22.82
N PRO A 105 -7.27 -14.08 -21.83
CA PRO A 105 -8.07 -15.27 -22.14
C PRO A 105 -9.48 -15.00 -22.68
N SER A 106 -9.96 -15.95 -23.50
CA SER A 106 -11.34 -15.95 -23.96
C SER A 106 -12.12 -16.95 -23.06
N ARG A 107 -11.48 -18.08 -22.74
CA ARG A 107 -12.10 -19.12 -21.91
C ARG A 107 -11.26 -19.35 -20.65
N CYS A 108 -11.82 -20.11 -19.72
CA CYS A 108 -11.12 -20.50 -18.48
C CYS A 108 -10.54 -21.88 -18.73
N GLU A 109 -9.23 -22.01 -18.64
CA GLU A 109 -8.56 -23.33 -18.86
C GLU A 109 -8.97 -24.18 -17.68
N PRO A 110 -9.37 -25.61 -17.74
CA PRO A 110 -9.90 -26.50 -16.69
C PRO A 110 -8.89 -27.08 -15.68
N PRO A 111 -9.34 -27.70 -14.57
CA PRO A 111 -8.40 -28.37 -13.65
C PRO A 111 -7.57 -29.45 -14.34
N GLY A 112 -6.30 -29.56 -13.97
CA GLY A 112 -5.38 -30.51 -14.56
C GLY A 112 -4.53 -29.91 -15.66
N THR A 113 -4.87 -28.69 -16.12
CA THR A 113 -4.12 -27.97 -17.17
C THR A 113 -2.73 -27.57 -16.67
N THR A 114 -1.68 -27.78 -17.49
CA THR A 114 -0.31 -27.36 -17.19
C THR A 114 -0.17 -25.89 -17.55
N CYS A 115 0.49 -25.14 -16.67
CA CYS A 115 0.72 -23.70 -16.72
C CYS A 115 2.13 -23.40 -16.25
N THR A 116 2.59 -22.17 -16.47
CA THR A 116 3.89 -21.67 -16.08
C THR A 116 3.64 -20.38 -15.34
N VAL A 117 4.20 -20.30 -14.15
CA VAL A 117 4.19 -19.08 -13.37
C VAL A 117 5.66 -18.60 -13.40
N SER A 118 5.82 -17.27 -13.52
CA SER A 118 7.15 -16.68 -13.58
C SER A 118 7.29 -15.42 -12.71
N GLY A 119 8.53 -15.04 -12.37
CA GLY A 119 8.78 -13.86 -11.56
C GLY A 119 10.18 -13.77 -10.98
N TRP A 120 10.50 -12.61 -10.38
CA TRP A 120 11.77 -12.37 -9.71
C TRP A 120 11.63 -12.46 -8.17
N GLY A 121 10.57 -13.13 -7.70
CA GLY A 121 10.34 -13.28 -6.26
C GLY A 121 11.39 -14.16 -5.61
N THR A 122 11.38 -14.28 -4.28
CA THR A 122 12.41 -15.09 -3.61
C THR A 122 12.31 -16.56 -4.06
N THR A 123 13.45 -17.23 -4.09
CA THR A 123 13.56 -18.64 -4.48
C THR A 123 13.66 -19.58 -3.27
N THR A 124 13.66 -19.01 -2.07
CA THR A 124 13.75 -19.72 -0.80
C THR A 124 12.77 -19.07 0.18
N SER A 125 12.37 -19.80 1.24
CA SER A 125 11.40 -19.33 2.24
C SER A 125 11.55 -20.15 3.53
N PRO A 126 11.67 -19.53 4.73
CA PRO A 126 11.49 -18.09 5.07
C PRO A 126 12.62 -17.14 4.66
N ASP A 127 13.86 -17.62 4.68
CA ASP A 127 15.08 -16.91 4.28
C ASP A 127 14.95 -16.39 2.84
N VAL A 128 15.36 -15.14 2.60
CA VAL A 128 15.15 -14.55 1.27
C VAL A 128 16.37 -14.62 0.35
N THR A 129 16.13 -15.11 -0.88
CA THR A 129 17.09 -15.21 -1.99
C THR A 129 16.41 -14.59 -3.22
N PHE A 130 16.67 -13.31 -3.48
CA PHE A 130 16.11 -12.60 -4.64
C PHE A 130 16.99 -12.80 -5.89
N PRO A 131 16.55 -13.55 -6.95
CA PRO A 131 17.42 -13.72 -8.13
C PRO A 131 17.46 -12.49 -9.05
N SER A 132 18.46 -12.44 -9.95
CA SER A 132 18.56 -11.37 -10.97
C SER A 132 17.78 -11.78 -12.18
N ASP A 133 17.89 -13.08 -12.54
CA ASP A 133 17.20 -13.62 -13.69
C ASP A 133 15.82 -14.11 -13.34
N LEU A 134 14.90 -13.93 -14.29
CA LEU A 134 13.50 -14.30 -14.21
C LEU A 134 13.41 -15.82 -14.14
N MET A 135 12.69 -16.30 -13.12
CA MET A 135 12.51 -17.72 -12.80
C MET A 135 11.16 -18.20 -13.25
N CYS A 136 11.09 -19.52 -13.59
CA CYS A 136 9.94 -20.22 -14.14
C CYS A 136 9.70 -21.50 -13.40
N VAL A 137 8.44 -21.86 -13.25
CA VAL A 137 8.06 -23.15 -12.70
C VAL A 137 6.73 -23.58 -13.32
N ASP A 138 6.61 -24.88 -13.62
CA ASP A 138 5.38 -25.44 -14.16
C ASP A 138 4.52 -25.96 -13.04
N VAL A 139 3.24 -25.64 -13.13
CA VAL A 139 2.23 -26.04 -12.15
C VAL A 139 1.00 -26.54 -12.91
N LYS A 140 0.09 -27.22 -12.23
CA LYS A 140 -1.13 -27.72 -12.84
C LYS A 140 -2.26 -27.07 -12.11
N LEU A 141 -3.31 -26.67 -12.83
CA LEU A 141 -4.49 -26.06 -12.23
C LEU A 141 -5.18 -27.10 -11.34
N ILE A 142 -5.57 -26.69 -10.13
CA ILE A 142 -6.23 -27.53 -9.13
C ILE A 142 -7.72 -27.16 -9.03
N SER A 143 -8.59 -28.18 -9.00
CA SER A 143 -10.03 -27.95 -8.90
C SER A 143 -10.42 -27.17 -7.64
N PRO A 144 -11.52 -26.36 -7.70
CA PRO A 144 -11.96 -25.60 -6.51
C PRO A 144 -12.30 -26.51 -5.32
N GLN A 145 -12.80 -27.71 -5.60
CA GLN A 145 -13.17 -28.71 -4.60
C GLN A 145 -11.91 -29.18 -3.85
N ASP A 146 -10.83 -29.46 -4.59
CA ASP A 146 -9.57 -29.89 -4.00
C ASP A 146 -8.89 -28.76 -3.27
N CYS A 147 -9.01 -27.54 -3.83
CA CYS A 147 -8.40 -26.38 -3.21
C CYS A 147 -9.09 -25.98 -1.90
N THR A 148 -10.44 -26.20 -1.80
CA THR A 148 -11.27 -25.90 -0.60
C THR A 148 -10.82 -26.76 0.60
N LYS A 149 -10.31 -28.00 0.36
CA LYS A 149 -9.79 -28.88 1.41
C LYS A 149 -8.67 -28.18 2.19
N VAL A 150 -7.89 -27.33 1.50
CA VAL A 150 -6.82 -26.60 2.14
C VAL A 150 -7.28 -25.25 2.68
N TYR A 151 -7.96 -24.42 1.86
CA TYR A 151 -8.26 -23.04 2.30
C TYR A 151 -9.68 -22.75 2.77
N LYS A 152 -10.57 -23.74 2.74
CA LYS A 152 -11.97 -23.66 3.22
C LYS A 152 -12.77 -22.49 2.59
N ASP A 153 -13.52 -21.71 3.39
CA ASP A 153 -14.34 -20.66 2.79
C ASP A 153 -13.61 -19.34 2.48
N LEU A 154 -12.28 -19.34 2.56
CA LEU A 154 -11.49 -18.18 2.17
C LEU A 154 -11.46 -18.09 0.63
N LEU A 155 -11.58 -19.25 0.00
CA LEU A 155 -11.60 -19.39 -1.43
C LEU A 155 -12.90 -18.90 -2.10
N GLU A 156 -12.79 -18.21 -3.22
CA GLU A 156 -13.92 -17.71 -3.96
C GLU A 156 -13.91 -18.23 -5.37
N ASN A 157 -15.00 -18.04 -6.08
CA ASN A 157 -15.10 -18.52 -7.43
C ASN A 157 -14.23 -17.82 -8.48
N SER A 158 -13.78 -16.61 -8.19
CA SER A 158 -12.90 -15.88 -9.07
C SER A 158 -11.41 -16.05 -8.71
N MET A 159 -11.11 -17.03 -7.88
CA MET A 159 -9.77 -17.35 -7.47
C MET A 159 -9.43 -18.67 -8.15
N LEU A 160 -8.20 -18.83 -8.57
CA LEU A 160 -7.75 -20.00 -9.24
C LEU A 160 -6.58 -20.60 -8.48
N CYS A 161 -6.53 -21.92 -8.32
CA CYS A 161 -5.47 -22.62 -7.55
C CYS A 161 -4.63 -23.47 -8.50
N ALA A 162 -3.32 -23.47 -8.26
CA ALA A 162 -2.34 -24.20 -9.09
C ALA A 162 -1.18 -24.70 -8.24
N GLY A 163 -0.60 -25.84 -8.63
CA GLY A 163 0.53 -26.45 -7.94
C GLY A 163 0.79 -27.87 -8.40
N ILE A 164 1.75 -28.56 -7.74
CA ILE A 164 2.16 -29.94 -8.08
C ILE A 164 2.05 -30.81 -6.82
N PRO A 165 1.43 -32.04 -6.87
CA PRO A 165 1.34 -32.86 -5.66
C PRO A 165 2.71 -33.17 -5.07
N ASP A 166 2.82 -33.11 -3.73
CA ASP A 166 4.04 -33.38 -2.93
C ASP A 166 5.24 -32.58 -3.41
N SER A 167 5.00 -31.32 -3.80
CA SER A 167 6.02 -30.48 -4.39
C SER A 167 6.04 -29.08 -3.83
N LYS A 168 7.24 -28.50 -3.79
CA LYS A 168 7.50 -27.17 -3.30
C LYS A 168 7.33 -26.14 -4.42
N LYS A 169 7.25 -26.61 -5.68
CA LYS A 169 7.09 -25.80 -6.89
C LYS A 169 5.96 -24.81 -6.73
N ASN A 170 6.29 -23.50 -6.65
CA ASN A 170 5.26 -22.48 -6.41
C ASN A 170 5.77 -21.08 -6.58
N ALA A 171 4.87 -20.08 -6.41
CA ALA A 171 5.19 -18.65 -6.40
C ALA A 171 5.38 -18.17 -4.94
N CYS A 172 6.18 -17.11 -4.72
CA CYS A 172 6.44 -16.58 -3.39
C CYS A 172 6.37 -15.03 -3.37
N ASN A 173 6.65 -14.37 -2.22
CA ASN A 173 6.64 -12.90 -2.13
C ASN A 173 7.63 -12.26 -3.16
N GLY A 174 7.13 -11.28 -3.91
CA GLY A 174 7.87 -10.64 -4.99
C GLY A 174 7.32 -11.10 -6.33
N ASP A 175 6.75 -12.32 -6.38
CA ASP A 175 6.08 -12.85 -7.58
C ASP A 175 4.64 -12.28 -7.70
N SER A 176 4.09 -11.76 -6.61
CA SER A 176 2.71 -11.21 -6.51
C SER A 176 2.34 -10.32 -7.68
N GLY A 177 1.19 -10.60 -8.30
CA GLY A 177 0.71 -9.86 -9.45
C GLY A 177 1.28 -10.34 -10.76
N GLY A 178 2.18 -11.31 -10.70
CA GLY A 178 2.82 -11.85 -11.89
C GLY A 178 2.00 -12.87 -12.64
N PRO A 179 2.45 -13.27 -13.85
CA PRO A 179 1.65 -14.17 -14.69
C PRO A 179 1.70 -15.66 -14.48
N LEU A 180 0.56 -16.27 -14.69
CA LEU A 180 0.28 -17.70 -14.76
C LEU A 180 -0.32 -17.86 -16.16
N VAL A 181 0.42 -18.52 -17.03
CA VAL A 181 0.04 -18.73 -18.41
CA VAL A 181 0.06 -18.72 -18.42
C VAL A 181 -0.21 -20.21 -18.69
N CYS A 182 -1.35 -20.51 -19.33
CA CYS A 182 -1.78 -21.85 -19.69
C CYS A 182 -2.17 -21.76 -21.13
N ARG A 183 -1.70 -22.73 -21.94
CA ARG A 183 -2.00 -22.85 -23.38
C ARG A 183 -2.09 -21.51 -24.13
N GLY A 184 -1.02 -20.75 -24.10
CA GLY A 184 -0.94 -19.45 -24.79
C GLY A 184 -1.72 -18.29 -24.21
N THR A 185 -2.41 -18.46 -23.08
CA THR A 185 -3.19 -17.35 -22.52
C THR A 185 -2.89 -17.15 -21.05
N LEU A 186 -3.08 -15.90 -20.61
CA LEU A 186 -2.95 -15.47 -19.21
C LEU A 186 -4.18 -15.98 -18.44
N GLN A 187 -3.98 -16.93 -17.54
CA GLN A 187 -5.10 -17.52 -16.77
C GLN A 187 -5.16 -16.96 -15.36
N GLY A 188 -4.02 -16.53 -14.81
CA GLY A 188 -4.04 -15.99 -13.43
C GLY A 188 -2.98 -14.97 -13.12
N LEU A 189 -3.19 -14.24 -12.02
CA LEU A 189 -2.23 -13.31 -11.41
C LEU A 189 -1.93 -13.85 -10.05
N VAL A 190 -0.62 -13.94 -9.68
CA VAL A 190 -0.17 -14.44 -8.38
C VAL A 190 -0.83 -13.55 -7.32
N SER A 191 -1.57 -14.20 -6.43
CA SER A 191 -2.32 -13.45 -5.44
C SER A 191 -1.84 -13.76 -4.04
N TRP A 192 -1.98 -15.03 -3.57
CA TRP A 192 -1.56 -15.40 -2.22
C TRP A 192 -1.36 -16.90 -2.10
N GLY A 193 -0.91 -17.31 -0.93
CA GLY A 193 -0.65 -18.69 -0.54
C GLY A 193 -0.24 -18.76 0.91
N THR A 194 0.28 -19.90 1.34
CA THR A 194 0.78 -20.08 2.70
C THR A 194 2.14 -19.43 2.83
N PHE A 195 2.56 -19.24 4.08
CA PHE A 195 3.86 -18.71 4.43
C PHE A 195 4.41 -19.56 5.60
N PRO A 196 5.64 -20.11 5.53
CA PRO A 196 6.62 -20.00 4.44
C PRO A 196 6.08 -20.54 3.11
N CYS A 197 6.61 -20.04 1.96
CA CYS A 197 6.23 -20.46 0.62
C CYS A 197 6.73 -21.89 0.36
N GLY A 198 6.28 -22.47 -0.73
CA GLY A 198 6.74 -23.77 -1.20
C GLY A 198 6.44 -24.91 -0.27
N GLN A 199 5.30 -24.83 0.40
CA GLN A 199 4.87 -25.87 1.31
C GLN A 199 4.11 -26.89 0.47
N PRO A 200 4.59 -28.15 0.49
CA PRO A 200 3.92 -29.18 -0.32
C PRO A 200 2.43 -29.33 -0.01
N ASN A 201 1.62 -29.52 -1.07
CA ASN A 201 0.17 -29.73 -1.05
C ASN A 201 -0.62 -28.52 -0.55
N ASP A 202 -0.01 -27.35 -0.57
CA ASP A 202 -0.64 -26.06 -0.27
C ASP A 202 -0.61 -25.33 -1.60
N PRO A 203 -1.71 -25.24 -2.36
CA PRO A 203 -1.63 -24.55 -3.67
C PRO A 203 -1.34 -23.05 -3.61
N GLY A 204 -0.82 -22.54 -4.70
CA GLY A 204 -0.70 -21.09 -4.89
C GLY A 204 -2.09 -20.65 -5.34
N VAL A 205 -2.50 -19.48 -4.89
CA VAL A 205 -3.84 -18.96 -5.20
C VAL A 205 -3.68 -17.76 -6.12
N TYR A 206 -4.45 -17.80 -7.20
CA TYR A 206 -4.38 -16.78 -8.27
C TYR A 206 -5.72 -16.09 -8.54
N THR A 207 -5.66 -14.87 -9.04
CA THR A 207 -6.82 -14.13 -9.45
C THR A 207 -7.17 -14.71 -10.83
N GLN A 208 -8.33 -15.30 -10.98
CA GLN A 208 -8.75 -15.91 -12.24
C GLN A 208 -9.11 -14.88 -13.30
N VAL A 209 -8.13 -14.58 -14.15
CA VAL A 209 -8.24 -13.56 -15.19
C VAL A 209 -9.41 -13.71 -16.13
N CYS A 210 -9.76 -14.91 -16.52
CA CYS A 210 -10.94 -15.14 -17.37
C CYS A 210 -12.31 -14.60 -16.87
N LYS A 211 -12.48 -14.32 -15.58
CA LYS A 211 -13.66 -13.77 -14.98
C LYS A 211 -13.62 -12.25 -14.85
N PHE A 212 -12.58 -11.63 -15.36
CA PHE A 212 -12.44 -10.19 -15.22
C PHE A 212 -12.25 -9.43 -16.50
N THR A 213 -12.37 -10.12 -17.62
CA THR A 213 -12.24 -9.47 -18.97
CA THR A 213 -12.17 -9.43 -18.93
C THR A 213 -12.95 -8.14 -19.37
N LYS A 214 -14.16 -8.09 -18.81
CA LYS A 214 -15.01 -6.91 -19.02
C LYS A 214 -14.50 -5.70 -18.24
N TRP A 215 -14.24 -5.87 -16.92
CA TRP A 215 -13.73 -4.81 -16.07
C TRP A 215 -12.36 -4.34 -16.57
N ILE A 216 -11.52 -5.30 -17.06
CA ILE A 216 -10.19 -4.98 -17.59
C ILE A 216 -10.31 -4.08 -18.83
N ASN A 217 -11.13 -4.50 -19.81
CA ASN A 217 -11.30 -3.72 -21.02
C ASN A 217 -12.07 -2.41 -20.76
N ASP A 218 -13.06 -2.41 -19.85
CA ASP A 218 -13.86 -1.23 -19.49
C ASP A 218 -13.09 -0.15 -18.74
N THR A 219 -12.21 -0.57 -17.81
CA THR A 219 -11.32 0.33 -17.07
C THR A 219 -10.26 0.97 -18.02
N MET A 220 -9.62 0.17 -18.90
CA MET A 220 -8.66 0.76 -19.85
C MET A 220 -9.36 1.80 -20.73
N LYS A 221 -10.60 1.48 -21.18
CA LYS A 221 -11.45 2.36 -21.99
C LYS A 221 -11.80 3.68 -21.29
N LYS A 222 -12.29 3.61 -20.03
CA LYS A 222 -12.70 4.76 -19.25
C LYS A 222 -11.53 5.66 -18.81
N HIS A 223 -10.33 5.09 -18.59
CA HIS A 223 -9.16 5.86 -18.11
C HIS A 223 -8.04 6.04 -19.16
N ARG A 224 -8.38 5.81 -20.44
CA ARG A 224 -7.54 5.98 -21.64
C ARG A 224 -6.93 7.40 -21.72
N ILE B 1 -6.84 -12.59 16.56
CA ILE B 1 -6.12 -13.21 17.68
C ILE B 1 -6.57 -14.66 17.69
N ILE B 2 -5.65 -15.64 17.60
CA ILE B 2 -6.01 -17.07 17.67
C ILE B 2 -5.93 -17.51 19.14
N ASP B 3 -6.91 -18.34 19.56
CA ASP B 3 -7.08 -18.94 20.87
C ASP B 3 -6.98 -17.91 21.99
N GLY B 4 -7.59 -16.73 21.80
CA GLY B 4 -7.64 -15.67 22.79
C GLY B 4 -8.99 -15.60 23.46
N ALA B 5 -9.35 -14.44 24.03
CA ALA B 5 -10.62 -14.22 24.72
C ALA B 5 -10.91 -12.71 24.76
N PRO B 6 -12.17 -12.23 24.90
CA PRO B 6 -12.38 -10.77 24.90
C PRO B 6 -11.63 -10.12 26.04
N CYS B 7 -10.91 -9.00 25.73
CA CYS B 7 -10.17 -8.23 26.73
C CYS B 7 -11.17 -7.72 27.73
N ALA B 8 -10.75 -7.48 28.97
CA ALA B 8 -11.65 -6.90 29.98
C ALA B 8 -12.07 -5.50 29.51
N ARG B 9 -13.32 -5.15 29.74
CA ARG B 9 -13.86 -3.86 29.30
C ARG B 9 -13.08 -2.69 29.91
N GLY B 10 -12.64 -1.78 29.07
CA GLY B 10 -11.88 -0.61 29.50
C GLY B 10 -10.41 -0.82 29.82
N SER B 11 -9.90 -2.05 29.63
CA SER B 11 -8.53 -2.37 29.96
C SER B 11 -7.51 -2.01 28.82
N HIS B 12 -7.95 -1.69 27.58
CA HIS B 12 -7.04 -1.27 26.48
C HIS B 12 -7.50 0.11 25.91
N PRO B 13 -7.51 1.20 26.71
CA PRO B 13 -7.95 2.51 26.18
C PRO B 13 -6.97 3.17 25.18
N TRP B 14 -5.75 2.59 25.05
CA TRP B 14 -4.70 3.04 24.13
C TRP B 14 -4.80 2.29 22.80
N GLN B 15 -5.69 1.27 22.72
CA GLN B 15 -5.91 0.50 21.50
C GLN B 15 -6.85 1.23 20.55
N VAL B 16 -6.48 1.33 19.26
CA VAL B 16 -7.28 1.93 18.21
C VAL B 16 -7.35 0.89 17.09
N ALA B 17 -8.30 1.09 16.17
CA ALA B 17 -8.44 0.31 14.95
C ALA B 17 -8.40 1.30 13.81
N LEU B 18 -7.75 0.88 12.74
CA LEU B 18 -7.72 1.65 11.51
C LEU B 18 -8.72 0.97 10.59
N LEU B 19 -9.67 1.75 10.10
CA LEU B 19 -10.75 1.25 9.25
C LEU B 19 -10.67 1.76 7.82
N SER B 20 -11.12 0.93 6.89
CA SER B 20 -11.19 1.28 5.49
C SER B 20 -12.54 0.78 4.98
N GLY B 21 -13.40 1.72 4.63
CA GLY B 21 -14.75 1.44 4.15
C GLY B 21 -15.56 0.70 5.18
N ASN B 22 -15.37 1.10 6.47
CA ASN B 22 -16.05 0.59 7.64
C ASN B 22 -15.70 -0.86 7.96
N GLN B 23 -14.55 -1.28 7.46
CA GLN B 23 -13.98 -2.61 7.68
C GLN B 23 -12.64 -2.44 8.36
N LEU B 24 -12.24 -3.43 9.14
CA LEU B 24 -10.98 -3.40 9.84
C LEU B 24 -9.85 -3.54 8.83
N HIS B 25 -8.89 -2.63 8.92
CA HIS B 25 -7.68 -2.65 8.09
C HIS B 25 -6.51 -3.13 8.95
N CYS B 26 -6.33 -2.51 10.12
CA CYS B 26 -5.24 -2.76 11.04
C CYS B 26 -5.60 -2.36 12.45
N GLY B 27 -4.74 -2.76 13.39
CA GLY B 27 -4.74 -2.30 14.76
C GLY B 27 -3.77 -1.12 14.84
N GLY B 28 -3.67 -0.53 16.02
CA GLY B 28 -2.77 0.58 16.30
C GLY B 28 -2.83 0.97 17.75
N VAL B 29 -2.00 1.99 18.13
CA VAL B 29 -1.89 2.51 19.50
CA VAL B 29 -1.87 2.49 19.50
C VAL B 29 -1.88 4.01 19.53
N LEU B 30 -2.55 4.59 20.52
CA LEU B 30 -2.58 6.03 20.65
C LEU B 30 -1.35 6.44 21.41
N VAL B 31 -0.46 7.23 20.74
CA VAL B 31 0.77 7.69 21.36
C VAL B 31 0.45 8.95 22.18
N ASN B 32 -0.32 9.88 21.57
CA ASN B 32 -0.80 11.10 22.22
C ASN B 32 -2.03 11.57 21.49
N GLU B 33 -2.54 12.74 21.84
CA GLU B 33 -3.75 13.30 21.22
C GLU B 33 -3.71 13.41 19.70
N ARG B 34 -2.52 13.57 19.12
CA ARG B 34 -2.42 13.79 17.67
C ARG B 34 -1.87 12.62 16.85
N TRP B 35 -1.42 11.55 17.48
CA TRP B 35 -0.65 10.49 16.82
C TRP B 35 -1.00 9.10 17.20
N VAL B 36 -1.03 8.24 16.19
CA VAL B 36 -1.27 6.81 16.32
C VAL B 36 0.00 6.09 15.80
N LEU B 37 0.43 5.06 16.50
CA LEU B 37 1.61 4.30 16.07
C LEU B 37 1.07 2.97 15.59
N THR B 38 1.51 2.51 14.41
CA THR B 38 1.05 1.24 13.79
C THR B 38 2.16 0.59 12.91
N ALA B 39 1.82 -0.44 12.14
CA ALA B 39 2.84 -1.08 11.31
C ALA B 39 2.91 -0.34 9.97
N ALA B 40 4.08 -0.25 9.35
CA ALA B 40 4.23 0.43 8.03
C ALA B 40 3.31 -0.23 6.99
N HIS B 41 3.26 -1.56 7.01
N HIS B 41 3.27 -1.57 7.01
CA HIS B 41 2.42 -2.35 6.13
CA HIS B 41 2.44 -2.37 6.13
C HIS B 41 0.96 -1.87 6.05
C HIS B 41 0.95 -1.91 6.06
N CYS B 42 0.50 -1.18 7.08
CA CYS B 42 -0.88 -0.64 7.14
C CYS B 42 -1.05 0.70 6.41
N LYS B 43 0.00 1.17 5.74
CA LYS B 43 -0.04 2.41 4.94
C LYS B 43 -1.29 2.53 4.03
N MET B 44 -1.93 3.73 4.06
CA MET B 44 -3.08 4.11 3.26
C MET B 44 -2.95 5.62 3.05
N ASN B 45 -3.64 6.14 2.04
CA ASN B 45 -3.66 7.57 1.77
C ASN B 45 -4.55 8.30 2.75
N GLU B 46 -5.59 7.63 3.23
CA GLU B 46 -6.58 8.14 4.19
C GLU B 46 -6.92 7.05 5.20
N TYR B 47 -7.14 7.45 6.44
CA TYR B 47 -7.50 6.52 7.52
C TYR B 47 -8.74 6.95 8.21
N THR B 48 -9.48 5.98 8.69
CA THR B 48 -10.60 6.16 9.60
C THR B 48 -10.12 5.47 10.89
N VAL B 49 -9.93 6.25 11.94
CA VAL B 49 -9.45 5.75 13.23
C VAL B 49 -10.61 5.64 14.23
N HIS B 50 -10.84 4.43 14.74
CA HIS B 50 -11.82 4.10 15.79
C HIS B 50 -11.06 4.11 17.11
N LEU B 51 -11.53 4.90 18.10
CA LEU B 51 -10.92 5.01 19.44
C LEU B 51 -12.04 4.91 20.47
N GLY B 52 -11.69 4.55 21.71
CA GLY B 52 -12.64 4.58 22.81
C GLY B 52 -13.76 3.57 22.93
N SER B 53 -13.59 2.37 22.39
CA SER B 53 -14.55 1.29 22.54
C SER B 53 -13.92 -0.06 22.26
N ASP B 54 -14.30 -1.06 23.03
CA ASP B 54 -13.84 -2.43 22.82
C ASP B 54 -14.67 -3.13 21.68
N THR B 55 -15.78 -2.50 21.26
CA THR B 55 -16.66 -3.01 20.20
C THR B 55 -16.51 -2.21 18.92
N LEU B 56 -16.06 -2.85 17.87
CA LEU B 56 -15.99 -2.19 16.56
C LEU B 56 -17.44 -1.93 16.16
N GLY B 57 -17.74 -0.68 15.81
CA GLY B 57 -19.10 -0.30 15.44
C GLY B 57 -20.00 0.01 16.63
N ASP B 58 -19.41 0.60 17.67
CA ASP B 58 -20.12 1.09 18.83
C ASP B 58 -20.30 2.59 18.53
N ARG B 59 -21.55 3.10 18.61
CA ARG B 59 -21.89 4.50 18.35
C ARG B 59 -21.15 5.41 19.34
N ARG B 60 -20.76 4.87 20.49
CA ARG B 60 -20.00 5.53 21.57
C ARG B 60 -18.51 5.76 21.19
N ALA B 61 -17.96 4.96 20.25
CA ALA B 61 -16.57 5.10 19.83
C ALA B 61 -16.31 6.45 19.17
N GLN B 62 -15.14 7.04 19.42
CA GLN B 62 -14.70 8.25 18.77
C GLN B 62 -14.23 7.84 17.38
N ARG B 63 -14.45 8.68 16.39
CA ARG B 63 -14.04 8.41 15.01
C ARG B 63 -13.37 9.64 14.46
N ILE B 64 -12.10 9.49 14.09
CA ILE B 64 -11.28 10.56 13.60
C ILE B 64 -10.63 10.10 12.28
N LYS B 65 -10.66 10.99 11.31
CA LYS B 65 -10.00 10.80 10.04
C LYS B 65 -8.54 11.23 10.19
N ALA B 66 -7.65 10.53 9.49
CA ALA B 66 -6.24 10.83 9.45
C ALA B 66 -5.82 10.79 7.98
N SER B 67 -5.26 11.90 7.48
CA SER B 67 -4.84 12.04 6.07
C SER B 67 -3.31 11.98 5.90
N LYS B 68 -2.53 12.16 6.98
CA LYS B 68 -1.05 12.13 6.91
C LYS B 68 -0.46 10.96 7.71
N SER B 69 0.51 10.26 7.12
CA SER B 69 1.21 9.14 7.75
C SER B 69 2.61 9.08 7.24
N PHE B 70 3.53 8.66 8.14
CA PHE B 70 4.98 8.67 7.97
C PHE B 70 5.58 7.31 8.32
N ARG B 71 5.92 6.55 7.30
CA ARG B 71 6.54 5.23 7.49
C ARG B 71 8.01 5.43 7.88
N HIS B 72 8.57 4.49 8.64
CA HIS B 72 10.00 4.55 8.99
C HIS B 72 10.75 4.46 7.65
N PRO B 73 11.74 5.33 7.38
CA PRO B 73 12.49 5.28 6.11
C PRO B 73 13.21 3.96 5.78
N GLY B 74 13.55 3.15 6.77
CA GLY B 74 14.19 1.85 6.53
C GLY B 74 13.18 0.74 6.24
N TYR B 75 11.89 1.05 6.24
CA TYR B 75 10.84 0.05 5.99
C TYR B 75 11.05 -0.58 4.60
N SER B 76 11.14 -1.89 4.59
CA SER B 76 11.28 -2.73 3.38
C SER B 76 10.04 -3.61 3.28
N THR B 77 9.33 -3.52 2.17
CA THR B 77 8.14 -4.34 1.91
C THR B 77 8.52 -5.81 1.71
N GLN B 78 9.78 -6.10 1.34
CA GLN B 78 10.28 -7.45 1.07
C GLN B 78 10.63 -8.24 2.30
N THR B 79 11.18 -7.56 3.30
CA THR B 79 11.69 -8.27 4.51
C THR B 79 10.88 -7.92 5.75
N HIS B 80 10.08 -6.86 5.76
CA HIS B 80 9.28 -6.49 6.98
C HIS B 80 10.19 -5.67 7.94
N VAL B 81 11.44 -5.38 7.61
CA VAL B 81 12.34 -4.65 8.54
C VAL B 81 11.82 -3.22 8.71
N ASN B 82 11.88 -2.70 9.93
CA ASN B 82 11.43 -1.34 10.28
C ASN B 82 9.92 -1.22 9.98
N ASP B 83 9.13 -2.20 10.43
CA ASP B 83 7.66 -2.23 10.21
C ASP B 83 6.96 -1.28 11.18
N LEU B 84 7.08 0.02 11.00
CA LEU B 84 6.37 0.97 11.88
C LEU B 84 6.05 2.26 11.15
N MET B 85 4.99 2.92 11.59
CA MET B 85 4.47 4.13 10.94
C MET B 85 3.66 4.93 11.95
N LEU B 86 3.84 6.24 11.91
CA LEU B 86 3.09 7.21 12.69
C LEU B 86 2.00 7.80 11.84
N VAL B 87 0.76 7.75 12.32
CA VAL B 87 -0.42 8.27 11.66
C VAL B 87 -0.86 9.54 12.39
N LYS B 88 -0.94 10.65 11.67
CA LYS B 88 -1.27 11.95 12.28
C LYS B 88 -2.75 12.19 12.13
N LEU B 89 -3.44 12.33 13.27
CA LEU B 89 -4.89 12.55 13.31
C LEU B 89 -5.26 13.95 12.81
N ASN B 90 -6.36 14.07 12.00
CA ASN B 90 -6.80 15.35 11.43
C ASN B 90 -7.27 16.31 12.53
N SER B 91 -7.70 15.73 13.66
CA SER B 91 -8.10 16.42 14.88
C SER B 91 -7.66 15.56 16.06
N GLN B 92 -7.37 16.21 17.19
CA GLN B 92 -6.93 15.57 18.42
C GLN B 92 -7.99 14.61 18.98
N ALA B 93 -7.53 13.55 19.66
CA ALA B 93 -8.42 12.60 20.30
C ALA B 93 -8.82 13.16 21.65
N ARG B 94 -10.10 12.95 22.06
CA ARG B 94 -10.52 13.41 23.39
C ARG B 94 -10.13 12.32 24.37
N LEU B 95 -9.25 12.66 25.30
CA LEU B 95 -8.87 11.69 26.32
C LEU B 95 -10.05 11.54 27.27
N SER B 96 -10.29 10.30 27.73
CA SER B 96 -11.38 9.94 28.63
C SER B 96 -11.00 8.65 29.34
N SER B 97 -11.95 8.05 30.04
CA SER B 97 -11.75 6.78 30.73
C SER B 97 -11.48 5.69 29.70
N MET B 98 -12.02 5.86 28.47
CA MET B 98 -11.91 4.88 27.39
C MET B 98 -10.86 5.19 26.30
N VAL B 99 -10.20 6.37 26.36
CA VAL B 99 -9.18 6.84 25.41
C VAL B 99 -8.04 7.40 26.23
N LYS B 100 -6.85 6.75 26.17
CA LYS B 100 -5.62 7.11 26.92
C LYS B 100 -4.37 6.88 26.08
N LYS B 101 -3.29 7.62 26.40
CA LYS B 101 -1.99 7.44 25.72
C LYS B 101 -1.34 6.14 26.22
N VAL B 102 -0.72 5.37 25.32
CA VAL B 102 0.02 4.16 25.71
C VAL B 102 1.34 4.56 26.42
N ARG B 103 1.95 3.65 27.18
CA ARG B 103 3.20 3.98 27.83
C ARG B 103 4.25 3.38 26.92
N LEU B 104 5.09 4.24 26.29
CA LEU B 104 6.22 3.85 25.43
C LEU B 104 7.36 3.31 26.30
N PRO B 105 8.17 2.36 25.80
CA PRO B 105 9.16 1.74 26.67
C PRO B 105 10.46 2.51 26.76
N SER B 106 11.16 2.34 27.88
CA SER B 106 12.48 2.92 28.02
C SER B 106 13.47 1.78 27.86
N ARG B 107 13.06 0.58 28.24
CA ARG B 107 13.93 -0.60 28.18
C ARG B 107 13.28 -1.76 27.40
N CYS B 108 14.12 -2.66 26.92
CA CYS B 108 13.69 -3.84 26.16
C CYS B 108 13.47 -4.95 27.18
N GLU B 109 12.24 -5.44 27.28
CA GLU B 109 11.91 -6.51 28.24
C GLU B 109 12.56 -7.75 27.66
N PRO B 110 13.27 -8.80 28.43
CA PRO B 110 14.01 -9.97 27.94
C PRO B 110 13.14 -11.16 27.53
N PRO B 111 13.72 -12.20 26.87
CA PRO B 111 12.94 -13.41 26.57
C PRO B 111 12.38 -14.06 27.84
N GLY B 112 11.16 -14.60 27.76
CA GLY B 112 10.55 -15.26 28.90
C GLY B 112 9.52 -14.39 29.60
N THR B 113 9.51 -13.08 29.29
CA THR B 113 8.55 -12.11 29.83
C THR B 113 7.17 -12.44 29.26
N THR B 114 6.14 -12.37 30.13
CA THR B 114 4.74 -12.54 29.75
C THR B 114 4.23 -11.18 29.21
N CYS B 115 3.49 -11.25 28.11
CA CYS B 115 2.97 -10.11 27.37
C CYS B 115 1.57 -10.42 26.99
N THR B 116 0.82 -9.37 26.57
CA THR B 116 -0.54 -9.50 26.04
C THR B 116 -0.57 -8.80 24.68
N VAL B 117 -1.13 -9.49 23.69
CA VAL B 117 -1.35 -8.96 22.33
C VAL B 117 -2.87 -8.87 22.17
N SER B 118 -3.34 -7.73 21.66
CA SER B 118 -4.75 -7.51 21.49
C SER B 118 -5.12 -7.04 20.06
N GLY B 119 -6.33 -7.35 19.65
CA GLY B 119 -6.84 -6.92 18.36
C GLY B 119 -8.21 -7.42 17.97
N TRP B 120 -8.71 -6.87 16.83
CA TRP B 120 -9.98 -7.23 16.23
C TRP B 120 -9.74 -8.09 14.98
N GLY B 121 -8.53 -8.62 14.85
CA GLY B 121 -8.16 -9.47 13.73
C GLY B 121 -8.89 -10.79 13.78
N THR B 122 -8.83 -11.55 12.72
CA THR B 122 -9.53 -12.83 12.64
C THR B 122 -9.17 -13.78 13.82
N THR B 123 -10.17 -14.60 14.29
CA THR B 123 -9.99 -15.54 15.38
C THR B 123 -9.75 -16.96 14.85
N THR B 124 -9.83 -17.14 13.53
CA THR B 124 -9.63 -18.42 12.84
C THR B 124 -8.72 -18.20 11.62
N SER B 125 -8.10 -19.29 11.13
CA SER B 125 -7.24 -19.29 9.95
C SER B 125 -7.21 -20.70 9.38
N PRO B 126 -7.25 -20.89 8.03
CA PRO B 126 -7.26 -19.88 6.94
C PRO B 126 -8.59 -19.11 6.81
N ASP B 127 -9.73 -19.80 7.02
CA ASP B 127 -11.08 -19.22 6.97
C ASP B 127 -11.16 -18.13 8.02
N VAL B 128 -11.65 -16.94 7.66
CA VAL B 128 -11.68 -15.77 8.52
C VAL B 128 -12.98 -15.65 9.35
N THR B 129 -12.82 -15.25 10.63
CA THR B 129 -13.91 -15.01 11.59
C THR B 129 -13.53 -13.72 12.32
N PHE B 130 -14.09 -12.58 11.87
CA PHE B 130 -13.80 -11.27 12.48
C PHE B 130 -14.72 -10.97 13.67
N PRO B 131 -14.16 -10.73 14.88
CA PRO B 131 -15.03 -10.46 16.04
C PRO B 131 -15.43 -8.98 16.17
N SER B 132 -16.45 -8.72 16.94
CA SER B 132 -16.95 -7.37 17.22
C SER B 132 -16.14 -6.77 18.37
N ASP B 133 -15.83 -7.59 19.39
CA ASP B 133 -15.09 -7.17 20.58
C ASP B 133 -13.63 -7.47 20.52
N LEU B 134 -12.82 -6.56 21.08
CA LEU B 134 -11.37 -6.67 21.15
C LEU B 134 -10.97 -7.94 21.86
N MET B 135 -10.12 -8.76 21.22
CA MET B 135 -9.64 -10.04 21.76
C MET B 135 -8.23 -9.90 22.28
N CYS B 136 -7.87 -10.68 23.33
CA CYS B 136 -6.56 -10.66 24.02
C CYS B 136 -6.02 -12.06 24.10
N VAL B 137 -4.71 -12.21 24.07
CA VAL B 137 -4.06 -13.49 24.38
C VAL B 137 -2.70 -13.22 25.08
N ASP B 138 -2.36 -14.02 26.09
CA ASP B 138 -1.07 -13.89 26.78
C ASP B 138 -0.05 -14.73 26.00
N VAL B 139 1.10 -14.15 25.70
CA VAL B 139 2.18 -14.83 24.97
C VAL B 139 3.47 -14.48 25.71
N LYS B 140 4.57 -15.26 25.52
CA LYS B 140 5.84 -14.97 26.18
C LYS B 140 6.89 -14.61 25.13
N LEU B 141 7.83 -13.66 25.46
CA LEU B 141 8.91 -13.26 24.55
C LEU B 141 9.84 -14.44 24.34
N ILE B 142 10.20 -14.66 23.07
CA ILE B 142 11.05 -15.77 22.63
C ILE B 142 12.37 -15.18 22.12
N SER B 143 13.50 -15.75 22.57
CA SER B 143 14.82 -15.29 22.22
C SER B 143 15.06 -15.27 20.72
N PRO B 144 15.86 -14.28 20.24
CA PRO B 144 16.27 -14.27 18.84
C PRO B 144 16.89 -15.60 18.39
N GLN B 145 17.70 -16.26 19.23
CA GLN B 145 18.30 -17.55 18.86
C GLN B 145 17.29 -18.65 18.61
N ASP B 146 16.21 -18.71 19.45
CA ASP B 146 15.13 -19.68 19.31
C ASP B 146 14.25 -19.38 18.10
N CYS B 147 13.91 -18.08 17.89
CA CYS B 147 13.07 -17.60 16.78
C CYS B 147 13.71 -17.81 15.36
N THR B 148 15.08 -17.88 15.30
CA THR B 148 15.90 -18.10 14.08
C THR B 148 15.79 -19.57 13.63
N LYS B 149 15.47 -20.47 14.57
CA LYS B 149 15.23 -21.88 14.23
C LYS B 149 13.96 -22.01 13.33
N VAL B 150 13.14 -20.95 13.31
CA VAL B 150 11.91 -20.91 12.52
C VAL B 150 12.09 -20.01 11.29
N TYR B 151 12.48 -18.73 11.48
CA TYR B 151 12.50 -17.77 10.38
C TYR B 151 13.87 -17.45 9.75
N LYS B 152 14.95 -18.12 10.19
CA LYS B 152 16.31 -17.97 9.64
C LYS B 152 16.74 -16.49 9.49
N ASP B 153 17.45 -16.14 8.42
CA ASP B 153 17.96 -14.77 8.20
C ASP B 153 16.86 -13.71 7.91
N LEU B 154 15.57 -14.11 7.83
CA LEU B 154 14.48 -13.15 7.63
C LEU B 154 14.34 -12.21 8.85
N LEU B 155 14.77 -12.71 10.02
CA LEU B 155 14.69 -12.10 11.33
C LEU B 155 15.79 -11.10 11.61
N GLU B 156 15.40 -9.89 12.00
CA GLU B 156 16.39 -8.83 12.30
C GLU B 156 16.41 -8.54 13.79
N ASN B 157 17.44 -7.82 14.22
CA ASN B 157 17.68 -7.46 15.63
C ASN B 157 16.59 -6.52 16.16
N SER B 158 15.90 -5.80 15.28
CA SER B 158 14.82 -4.87 15.71
C SER B 158 13.45 -5.57 15.66
N MET B 159 13.45 -6.88 15.45
CA MET B 159 12.21 -7.70 15.45
C MET B 159 12.13 -8.46 16.77
N LEU B 160 10.92 -8.56 17.32
CA LEU B 160 10.68 -9.21 18.63
C LEU B 160 9.76 -10.40 18.39
N CYS B 161 10.10 -11.57 18.89
CA CYS B 161 9.23 -12.75 18.70
C CYS B 161 8.49 -13.10 19.99
N ALA B 162 7.25 -13.58 19.85
CA ALA B 162 6.44 -13.98 21.00
C ALA B 162 5.46 -15.11 20.67
N GLY B 163 5.28 -15.99 21.63
CA GLY B 163 4.34 -17.10 21.51
C GLY B 163 4.34 -17.95 22.75
N ILE B 164 3.68 -19.11 22.67
CA ILE B 164 3.59 -20.09 23.74
C ILE B 164 3.98 -21.45 23.12
N PRO B 165 4.90 -22.23 23.73
CA PRO B 165 5.27 -23.53 23.14
C PRO B 165 4.11 -24.49 22.95
N ASP B 166 4.07 -25.11 21.78
CA ASP B 166 3.02 -26.09 21.39
C ASP B 166 1.61 -25.50 21.53
N SER B 167 1.47 -24.20 21.26
CA SER B 167 0.16 -23.52 21.39
C SER B 167 -0.13 -22.65 20.17
N LYS B 168 -1.41 -22.57 19.80
CA LYS B 168 -1.93 -21.78 18.66
C LYS B 168 -2.08 -20.32 19.08
N LYS B 169 -1.89 -19.99 20.34
CA LYS B 169 -2.01 -18.62 20.85
C LYS B 169 -1.14 -17.71 20.05
N ASN B 170 -1.77 -16.77 19.32
CA ASN B 170 -1.02 -15.87 18.46
C ASN B 170 -1.87 -14.71 17.93
N ALA B 171 -1.24 -13.82 17.16
CA ALA B 171 -1.94 -12.75 16.45
C ALA B 171 -2.16 -13.23 14.98
N CYS B 172 -3.05 -12.56 14.23
CA CYS B 172 -3.41 -12.92 12.86
C CYS B 172 -3.84 -11.70 12.06
N ASN B 173 -4.14 -11.90 10.78
CA ASN B 173 -4.59 -10.88 9.82
C ASN B 173 -5.67 -9.98 10.45
N GLY B 174 -5.43 -8.68 10.44
CA GLY B 174 -6.30 -7.72 11.11
C GLY B 174 -5.69 -7.19 12.39
N ASP B 175 -4.82 -7.99 13.05
CA ASP B 175 -4.17 -7.57 14.30
C ASP B 175 -2.96 -6.68 14.02
N SER B 176 -2.44 -6.74 12.78
CA SER B 176 -1.28 -5.98 12.30
C SER B 176 -1.28 -4.54 12.77
N GLY B 177 -0.14 -4.12 13.32
CA GLY B 177 0.06 -2.78 13.86
C GLY B 177 -0.40 -2.64 15.30
N GLY B 178 -1.08 -3.67 15.80
CA GLY B 178 -1.65 -3.69 17.14
C GLY B 178 -0.63 -3.89 18.24
N PRO B 179 -1.04 -3.66 19.51
CA PRO B 179 -0.04 -3.73 20.59
C PRO B 179 0.26 -5.08 21.23
N LEU B 180 1.53 -5.25 21.57
CA LEU B 180 2.09 -6.31 22.40
C LEU B 180 2.65 -5.54 23.60
N VAL B 181 2.02 -5.71 24.77
CA VAL B 181 2.35 -5.01 25.99
C VAL B 181 2.90 -5.98 27.04
N CYS B 182 4.07 -5.62 27.64
CA CYS B 182 4.74 -6.41 28.68
C CYS B 182 5.15 -5.49 29.81
N ARG B 183 4.85 -5.91 31.07
CA ARG B 183 5.22 -5.19 32.30
C ARG B 183 4.83 -3.70 32.26
N GLY B 184 3.67 -3.42 31.68
CA GLY B 184 3.15 -2.06 31.63
C GLY B 184 3.68 -1.18 30.54
N THR B 185 4.51 -1.70 29.62
CA THR B 185 5.01 -0.89 28.48
C THR B 185 4.74 -1.57 27.15
N LEU B 186 4.67 -0.76 26.10
CA LEU B 186 4.50 -1.27 24.72
C LEU B 186 5.86 -1.79 24.22
N GLN B 187 6.02 -3.10 24.10
CA GLN B 187 7.25 -3.76 23.62
C GLN B 187 7.17 -4.11 22.14
N GLY B 188 5.97 -4.30 21.60
CA GLY B 188 5.86 -4.69 20.17
C GLY B 188 4.64 -4.20 19.43
N LEU B 189 4.73 -4.16 18.10
CA LEU B 189 3.62 -3.90 17.16
C LEU B 189 3.53 -5.13 16.30
N VAL B 190 2.35 -5.78 16.24
CA VAL B 190 2.09 -6.99 15.44
C VAL B 190 2.62 -6.70 13.98
N SER B 191 3.57 -7.51 13.49
CA SER B 191 4.13 -7.28 12.17
C SER B 191 3.86 -8.42 11.19
N TRP B 192 4.25 -9.67 11.54
CA TRP B 192 4.06 -10.80 10.64
C TRP B 192 4.26 -12.11 11.32
N GLY B 193 3.89 -13.17 10.62
CA GLY B 193 3.98 -14.57 11.07
C GLY B 193 3.68 -15.55 9.96
N THR B 194 3.48 -16.81 10.31
CA THR B 194 3.20 -17.83 9.28
C THR B 194 1.72 -17.76 8.90
N PHE B 195 1.41 -18.30 7.74
CA PHE B 195 0.03 -18.37 7.23
C PHE B 195 -0.28 -19.80 6.77
N PRO B 196 -1.29 -20.51 7.30
CA PRO B 196 -2.28 -19.98 8.25
C PRO B 196 -1.81 -19.66 9.68
N CYS B 197 -2.44 -18.68 10.31
CA CYS B 197 -2.04 -18.23 11.66
C CYS B 197 -2.26 -19.30 12.74
N GLY B 198 -1.58 -19.12 13.87
CA GLY B 198 -1.75 -20.01 15.03
C GLY B 198 -1.21 -21.40 14.81
N GLN B 199 -0.04 -21.51 14.20
CA GLN B 199 0.55 -22.85 14.05
C GLN B 199 1.37 -23.10 15.31
N PRO B 200 1.26 -24.28 15.96
CA PRO B 200 2.02 -24.54 17.16
C PRO B 200 3.48 -24.53 16.74
N ASN B 201 4.33 -23.83 17.50
CA ASN B 201 5.79 -23.68 17.34
C ASN B 201 6.18 -22.66 16.28
N ASP B 202 5.26 -21.81 15.84
CA ASP B 202 5.60 -20.75 14.87
C ASP B 202 5.30 -19.42 15.55
N PRO B 203 6.33 -18.72 16.07
CA PRO B 203 6.11 -17.49 16.81
C PRO B 203 5.60 -16.32 15.95
N GLY B 204 4.94 -15.39 16.60
CA GLY B 204 4.49 -14.15 15.98
C GLY B 204 5.64 -13.18 16.04
N VAL B 205 5.80 -12.39 14.99
CA VAL B 205 6.92 -11.44 14.86
C VAL B 205 6.39 -10.02 15.01
N TYR B 206 7.10 -9.25 15.81
CA TYR B 206 6.67 -7.87 16.15
C TYR B 206 7.78 -6.84 15.92
N THR B 207 7.39 -5.61 15.68
CA THR B 207 8.37 -4.51 15.60
C THR B 207 8.80 -4.25 17.05
N GLN B 208 10.09 -4.35 17.37
CA GLN B 208 10.57 -4.10 18.74
C GLN B 208 10.62 -2.60 19.01
N VAL B 209 9.56 -2.06 19.60
CA VAL B 209 9.38 -0.61 19.86
C VAL B 209 10.52 0.03 20.67
N CYS B 210 11.19 -0.69 21.56
CA CYS B 210 12.30 -0.08 22.38
C CYS B 210 13.50 0.33 21.52
N LYS B 211 13.60 -0.22 20.31
CA LYS B 211 14.70 0.10 19.38
C LYS B 211 14.33 1.34 18.56
N PHE B 212 13.11 1.83 18.67
CA PHE B 212 12.72 2.95 17.78
C PHE B 212 12.22 4.19 18.51
N THR B 213 12.53 4.36 19.79
CA THR B 213 11.93 5.52 20.50
C THR B 213 12.43 6.88 19.99
N LYS B 214 13.70 7.00 19.58
CA LYS B 214 14.25 8.28 19.08
C LYS B 214 13.51 8.73 17.81
N TRP B 215 13.37 7.82 16.81
CA TRP B 215 12.61 8.08 15.58
C TRP B 215 11.12 8.48 15.84
N ILE B 216 10.44 7.79 16.78
CA ILE B 216 9.04 8.04 17.16
C ILE B 216 8.93 9.48 17.66
N ASN B 217 9.70 9.82 18.69
CA ASN B 217 9.66 11.15 19.29
CA ASN B 217 9.76 11.15 19.32
C ASN B 217 10.13 12.24 18.32
N ASP B 218 11.14 11.96 17.46
CA ASP B 218 11.61 12.90 16.45
C ASP B 218 10.58 13.20 15.35
N THR B 219 9.98 12.15 14.78
CA THR B 219 8.98 12.26 13.71
C THR B 219 7.77 13.09 14.18
N MET B 220 7.27 12.86 15.42
CA MET B 220 6.14 13.61 15.95
C MET B 220 6.47 15.11 16.10
N LYS B 221 7.71 15.42 16.55
CA LYS B 221 8.26 16.77 16.73
C LYS B 221 8.45 17.45 15.38
N LYS B 222 9.01 16.74 14.39
CA LYS B 222 9.26 17.29 13.04
C LYS B 222 7.97 17.52 12.27
N HIS B 223 6.90 16.73 12.57
CA HIS B 223 5.66 16.83 11.81
C HIS B 223 4.48 17.40 12.59
N ARG B 224 4.73 18.04 13.75
CA ARG B 224 3.68 18.68 14.54
C ARG B 224 3.14 19.94 13.81
N ILE C 1 43.20 5.91 -0.42
CA ILE C 1 43.05 5.03 -1.56
C ILE C 1 44.29 4.15 -1.64
N ILE C 2 44.14 2.82 -1.67
CA ILE C 2 45.27 1.89 -1.81
C ILE C 2 45.50 1.62 -3.29
N ASP C 3 46.77 1.71 -3.73
CA ASP C 3 47.22 1.42 -5.10
C ASP C 3 46.50 2.28 -6.18
N GLY C 4 46.28 3.55 -5.85
CA GLY C 4 45.69 4.52 -6.77
C GLY C 4 46.75 5.43 -7.38
N ALA C 5 46.33 6.59 -7.88
CA ALA C 5 47.20 7.56 -8.54
C ALA C 5 46.51 8.94 -8.40
N PRO C 6 47.21 10.10 -8.40
CA PRO C 6 46.48 11.40 -8.30
C PRO C 6 45.39 11.53 -9.36
N CYS C 7 44.18 12.04 -9.00
CA CYS C 7 43.11 12.24 -10.01
C CYS C 7 43.56 13.37 -10.92
N ALA C 8 43.08 13.41 -12.16
CA ALA C 8 43.32 14.49 -13.12
C ALA C 8 42.77 15.79 -12.53
N ARG C 9 43.54 16.88 -12.58
CA ARG C 9 43.10 18.15 -11.99
C ARG C 9 41.75 18.58 -12.56
N GLY C 10 40.78 18.86 -11.69
CA GLY C 10 39.43 19.28 -12.07
C GLY C 10 38.46 18.18 -12.53
N SER C 11 38.82 16.90 -12.40
CA SER C 11 37.92 15.81 -12.79
C SER C 11 36.92 15.38 -11.68
N HIS C 12 37.09 15.86 -10.43
CA HIS C 12 36.18 15.54 -9.31
C HIS C 12 35.66 16.82 -8.64
N PRO C 13 34.97 17.76 -9.37
CA PRO C 13 34.52 19.01 -8.72
C PRO C 13 33.35 18.83 -7.74
N TRP C 14 32.79 17.60 -7.67
CA TRP C 14 31.69 17.24 -6.75
C TRP C 14 32.24 16.53 -5.49
N GLN C 15 33.55 16.28 -5.44
CA GLN C 15 34.18 15.69 -4.26
C GLN C 15 34.44 16.81 -3.26
N VAL C 16 34.21 16.52 -1.97
CA VAL C 16 34.48 17.40 -0.84
C VAL C 16 35.25 16.61 0.23
N ALA C 17 35.88 17.31 1.18
CA ALA C 17 36.55 16.72 2.34
C ALA C 17 35.92 17.36 3.57
N LEU C 18 35.65 16.55 4.57
CA LEU C 18 35.10 17.03 5.87
C LEU C 18 36.28 17.04 6.83
N LEU C 19 36.60 18.22 7.36
CA LEU C 19 37.77 18.36 8.26
C LEU C 19 37.35 18.77 9.67
N SER C 20 38.16 18.38 10.64
CA SER C 20 38.03 18.71 12.09
C SER C 20 39.42 19.11 12.57
N GLY C 21 39.59 20.37 12.95
CA GLY C 21 40.90 20.85 13.39
C GLY C 21 41.91 20.84 12.24
N ASN C 22 41.44 21.10 11.04
CA ASN C 22 42.22 21.12 9.81
C ASN C 22 42.84 19.79 9.44
N GLN C 23 42.28 18.74 10.01
CA GLN C 23 42.67 17.38 9.79
C GLN C 23 41.56 16.67 9.00
N LEU C 24 41.93 15.84 8.06
CA LEU C 24 40.95 15.14 7.30
C LEU C 24 40.18 14.19 8.17
N HIS C 25 38.87 14.34 8.16
CA HIS C 25 37.98 13.46 8.87
C HIS C 25 37.37 12.44 7.91
N CYS C 26 36.72 12.89 6.86
CA CYS C 26 36.02 12.06 5.88
C CYS C 26 35.99 12.69 4.49
N GLY C 27 35.56 11.86 3.53
CA GLY C 27 35.23 12.28 2.19
C GLY C 27 33.74 12.54 2.15
N GLY C 28 33.26 13.04 1.01
CA GLY C 28 31.84 13.33 0.77
C GLY C 28 31.64 13.86 -0.63
N VAL C 29 30.36 14.09 -1.01
CA VAL C 29 29.97 14.62 -2.31
C VAL C 29 29.08 15.82 -2.18
N LEU C 30 29.17 16.75 -3.12
CA LEU C 30 28.27 17.89 -3.14
C LEU C 30 27.00 17.49 -3.94
N VAL C 31 25.82 17.48 -3.28
CA VAL C 31 24.52 17.15 -3.91
C VAL C 31 23.94 18.42 -4.56
N ASN C 32 23.97 19.55 -3.83
CA ASN C 32 23.55 20.88 -4.32
C ASN C 32 24.27 21.97 -3.53
N GLU C 33 23.97 23.25 -3.80
CA GLU C 33 24.60 24.40 -3.13
C GLU C 33 24.57 24.34 -1.60
N ARG C 34 23.56 23.71 -1.02
CA ARG C 34 23.38 23.70 0.42
C ARG C 34 23.75 22.39 1.08
N TRP C 35 23.96 21.30 0.29
CA TRP C 35 24.09 19.97 0.90
C TRP C 35 25.20 19.08 0.46
N VAL C 36 25.79 18.37 1.44
CA VAL C 36 26.83 17.35 1.27
C VAL C 36 26.24 15.99 1.69
N LEU C 37 26.57 14.96 0.93
CA LEU C 37 26.19 13.58 1.23
C LEU C 37 27.45 12.84 1.57
N THR C 38 27.39 12.07 2.64
CA THR C 38 28.55 11.33 3.19
C THR C 38 28.06 10.12 3.97
N ALA C 39 28.97 9.44 4.71
CA ALA C 39 28.60 8.29 5.52
C ALA C 39 28.12 8.78 6.88
N ALA C 40 27.27 7.97 7.51
CA ALA C 40 26.69 8.26 8.81
C ALA C 40 27.70 8.07 9.93
N HIS C 41 28.77 7.36 9.59
N HIS C 41 28.77 7.37 9.59
CA HIS C 41 29.89 7.08 10.49
CA HIS C 41 29.88 7.08 10.50
C HIS C 41 30.79 8.30 10.71
C HIS C 41 30.83 8.29 10.68
N CYS C 42 30.66 9.30 9.83
CA CYS C 42 31.41 10.51 9.86
C CYS C 42 30.75 11.63 10.66
N LYS C 43 29.66 11.32 11.35
CA LYS C 43 28.94 12.27 12.20
C LYS C 43 29.86 13.04 13.15
N MET C 44 29.69 14.38 13.19
CA MET C 44 30.41 15.31 14.06
C MET C 44 29.44 16.44 14.40
N ASN C 45 29.70 17.25 15.46
CA ASN C 45 28.83 18.37 15.81
C ASN C 45 28.98 19.50 14.85
N GLU C 46 30.21 19.72 14.42
CA GLU C 46 30.58 20.76 13.48
C GLU C 46 31.50 20.13 12.47
N TYR C 47 31.44 20.64 11.24
CA TYR C 47 32.30 20.22 10.13
C TYR C 47 32.86 21.48 9.50
N THR C 48 34.01 21.31 8.86
CA THR C 48 34.63 22.29 7.98
C THR C 48 34.70 21.54 6.66
N VAL C 49 33.96 22.03 5.66
CA VAL C 49 33.89 21.37 4.37
C VAL C 49 34.86 22.03 3.41
N HIS C 50 35.75 21.21 2.85
CA HIS C 50 36.71 21.64 1.82
C HIS C 50 36.04 21.36 0.45
N LEU C 51 35.96 22.37 -0.43
CA LEU C 51 35.40 22.23 -1.79
C LEU C 51 36.32 22.94 -2.81
N GLY C 52 36.31 22.50 -4.05
CA GLY C 52 37.00 23.23 -5.11
C GLY C 52 38.49 23.09 -5.35
N SER C 53 39.12 22.05 -4.83
CA SER C 53 40.54 21.79 -5.10
C SER C 53 40.88 20.33 -4.86
N ASP C 54 41.79 19.79 -5.70
CA ASP C 54 42.25 18.42 -5.56
C ASP C 54 43.33 18.28 -4.47
N THR C 55 43.81 19.42 -3.95
CA THR C 55 44.84 19.49 -2.92
C THR C 55 44.28 20.07 -1.64
N LEU C 56 44.38 19.33 -0.55
CA LEU C 56 43.94 19.86 0.75
C LEU C 56 44.95 20.93 1.12
N GLY C 57 44.46 22.13 1.44
CA GLY C 57 45.31 23.27 1.78
C GLY C 57 45.48 24.34 0.71
N ASP C 58 44.93 24.11 -0.50
CA ASP C 58 44.96 25.06 -1.62
C ASP C 58 44.21 26.35 -1.24
N ARG C 59 44.89 27.50 -1.34
CA ARG C 59 44.32 28.82 -1.03
C ARG C 59 43.03 29.09 -1.78
N ARG C 60 42.92 28.57 -3.04
CA ARG C 60 41.78 28.69 -3.94
C ARG C 60 40.54 27.93 -3.48
N ALA C 61 40.71 26.77 -2.77
CA ALA C 61 39.59 25.99 -2.27
C ALA C 61 38.65 26.80 -1.40
N GLN C 62 37.37 26.45 -1.48
CA GLN C 62 36.33 27.05 -0.63
C GLN C 62 36.32 26.27 0.69
N ARG C 63 36.06 26.96 1.78
CA ARG C 63 35.97 26.31 3.10
C ARG C 63 34.65 26.77 3.70
N ILE C 64 33.74 25.84 3.94
CA ILE C 64 32.40 26.23 4.46
C ILE C 64 32.07 25.43 5.72
N LYS C 65 31.68 26.14 6.78
CA LYS C 65 31.24 25.52 8.03
C LYS C 65 29.87 24.88 7.80
N ALA C 66 29.60 23.78 8.53
CA ALA C 66 28.35 23.05 8.54
C ALA C 66 28.08 22.67 10.00
N SER C 67 26.99 23.20 10.57
CA SER C 67 26.58 22.99 11.97
C SER C 67 25.39 22.03 12.13
N LYS C 68 24.81 21.54 11.01
CA LYS C 68 23.69 20.62 11.05
C LYS C 68 23.97 19.42 10.14
N SER C 69 23.54 18.23 10.58
CA SER C 69 23.67 16.98 9.82
C SER C 69 22.63 15.99 10.26
N PHE C 70 22.19 15.16 9.31
CA PHE C 70 21.10 14.24 9.50
C PHE C 70 21.47 12.86 9.02
N ARG C 71 21.64 11.93 9.95
CA ARG C 71 21.95 10.55 9.59
C ARG C 71 20.65 9.83 9.23
N HIS C 72 20.76 8.78 8.38
CA HIS C 72 19.62 7.94 8.03
C HIS C 72 19.16 7.32 9.34
N PRO C 73 17.85 7.39 9.68
CA PRO C 73 17.40 6.84 10.96
C PRO C 73 17.62 5.33 11.08
N GLY C 74 17.76 4.63 9.96
CA GLY C 74 18.07 3.22 9.96
C GLY C 74 19.54 2.87 10.20
N TYR C 75 20.40 3.88 10.46
CA TYR C 75 21.83 3.63 10.69
C TYR C 75 22.10 2.88 11.98
N SER C 76 22.95 1.86 11.90
CA SER C 76 23.42 1.05 13.02
C SER C 76 24.93 1.09 13.03
N THR C 77 25.51 1.45 14.20
CA THR C 77 26.96 1.47 14.41
C THR C 77 27.50 0.03 14.50
N GLN C 78 26.62 -0.93 14.79
CA GLN C 78 26.95 -2.35 14.92
C GLN C 78 27.29 -3.03 13.61
N THR C 79 26.41 -2.87 12.59
CA THR C 79 26.45 -3.52 11.28
C THR C 79 26.82 -2.63 10.10
N HIS C 80 26.72 -1.28 10.28
CA HIS C 80 26.95 -0.24 9.25
C HIS C 80 25.86 -0.23 8.20
N VAL C 81 24.66 -0.76 8.54
CA VAL C 81 23.51 -0.74 7.62
C VAL C 81 23.06 0.72 7.57
N ASN C 82 22.61 1.21 6.39
CA ASN C 82 22.11 2.57 6.19
C ASN C 82 23.11 3.63 6.59
N ASP C 83 24.36 3.42 6.16
CA ASP C 83 25.46 4.33 6.45
C ASP C 83 25.44 5.54 5.51
N LEU C 84 24.59 6.53 5.80
CA LEU C 84 24.56 7.75 4.98
C LEU C 84 24.02 8.90 5.78
N MET C 85 24.46 10.09 5.41
CA MET C 85 24.15 11.28 6.18
C MET C 85 24.23 12.47 5.28
N LEU C 86 23.31 13.44 5.52
CA LEU C 86 23.31 14.70 4.81
C LEU C 86 23.85 15.77 5.70
N VAL C 87 24.80 16.54 5.20
CA VAL C 87 25.43 17.64 5.93
C VAL C 87 24.93 19.01 5.35
N LYS C 88 24.30 19.82 6.20
CA LYS C 88 23.80 21.12 5.79
C LYS C 88 24.86 22.22 5.98
N LEU C 89 25.32 22.77 4.86
CA LEU C 89 26.30 23.86 4.85
C LEU C 89 25.65 25.12 5.44
N ASN C 90 26.40 25.91 6.24
CA ASN C 90 25.92 27.13 6.89
C ASN C 90 25.64 28.22 5.88
N SER C 91 26.36 28.17 4.76
CA SER C 91 26.20 29.06 3.61
C SER C 91 26.32 28.24 2.32
N GLN C 92 25.78 28.75 1.24
CA GLN C 92 25.75 28.06 -0.03
C GLN C 92 27.12 27.93 -0.65
N ALA C 93 27.43 26.74 -1.18
CA ALA C 93 28.64 26.50 -1.95
C ALA C 93 28.52 27.40 -3.22
N ARG C 94 29.63 27.93 -3.73
CA ARG C 94 29.60 28.76 -4.92
C ARG C 94 30.04 27.87 -6.08
N LEU C 95 29.12 27.54 -6.99
CA LEU C 95 29.45 26.67 -8.11
C LEU C 95 30.42 27.37 -9.03
N SER C 96 31.38 26.60 -9.56
CA SER C 96 32.46 27.10 -10.42
C SER C 96 32.98 25.98 -11.31
N SER C 97 34.13 26.21 -11.99
CA SER C 97 34.78 25.20 -12.82
C SER C 97 35.25 24.05 -11.93
N MET C 98 35.56 24.37 -10.66
CA MET C 98 36.06 23.42 -9.66
C MET C 98 35.01 22.96 -8.61
N VAL C 99 33.75 23.48 -8.65
CA VAL C 99 32.67 23.10 -7.68
C VAL C 99 31.36 22.81 -8.43
N LYS C 100 30.99 21.52 -8.48
CA LYS C 100 29.81 21.06 -9.20
C LYS C 100 29.03 20.02 -8.39
N LYS C 101 27.72 19.96 -8.60
CA LYS C 101 26.84 18.96 -7.96
C LYS C 101 27.15 17.61 -8.62
N VAL C 102 27.17 16.54 -7.84
CA VAL C 102 27.34 15.19 -8.41
C VAL C 102 26.01 14.78 -9.12
N ARG C 103 26.07 13.78 -10.00
CA ARG C 103 24.87 13.27 -10.64
C ARG C 103 24.41 12.07 -9.79
N LEU C 104 23.27 12.21 -9.08
CA LEU C 104 22.68 11.14 -8.25
C LEU C 104 22.12 10.08 -9.21
N PRO C 105 22.06 8.80 -8.83
CA PRO C 105 21.62 7.79 -9.81
C PRO C 105 20.10 7.67 -9.89
N SER C 106 19.60 7.11 -11.00
CA SER C 106 18.18 6.77 -11.17
C SER C 106 18.07 5.25 -11.15
N ARG C 107 19.12 4.58 -11.62
CA ARG C 107 19.20 3.10 -11.70
C ARG C 107 20.40 2.58 -10.91
N CYS C 108 20.39 1.30 -10.57
CA CYS C 108 21.54 0.69 -9.87
C CYS C 108 22.44 0.09 -10.95
N GLU C 109 23.71 0.48 -11.02
CA GLU C 109 24.62 -0.07 -12.08
C GLU C 109 24.88 -1.51 -11.67
N PRO C 110 24.90 -2.70 -12.55
CA PRO C 110 25.01 -4.12 -12.23
C PRO C 110 26.43 -4.61 -11.87
N PRO C 111 26.59 -5.87 -11.37
CA PRO C 111 27.95 -6.38 -11.12
C PRO C 111 28.77 -6.39 -12.40
N GLY C 112 30.04 -6.02 -12.30
CA GLY C 112 30.96 -5.99 -13.42
C GLY C 112 31.24 -4.61 -13.95
N THR C 113 30.40 -3.62 -13.59
CA THR C 113 30.58 -2.24 -14.03
C THR C 113 31.87 -1.68 -13.47
N THR C 114 32.60 -0.88 -14.27
CA THR C 114 33.82 -0.17 -13.87
C THR C 114 33.39 1.15 -13.22
N CYS C 115 34.00 1.45 -12.08
CA CYS C 115 33.73 2.61 -11.26
C CYS C 115 35.04 3.21 -10.88
N THR C 116 34.97 4.42 -10.32
CA THR C 116 36.12 5.10 -9.78
C THR C 116 35.80 5.51 -8.35
N VAL C 117 36.72 5.23 -7.44
CA VAL C 117 36.61 5.61 -6.02
C VAL C 117 37.76 6.59 -5.78
N SER C 118 37.47 7.69 -5.07
CA SER C 118 38.40 8.76 -4.83
C SER C 118 38.40 9.22 -3.38
N GLY C 119 39.55 9.74 -2.94
CA GLY C 119 39.70 10.24 -1.58
C GLY C 119 41.08 10.68 -1.21
N TRP C 120 41.16 11.32 -0.02
CA TRP C 120 42.42 11.80 0.55
C TRP C 120 42.86 10.89 1.69
N GLY C 121 42.21 9.73 1.85
CA GLY C 121 42.52 8.78 2.91
C GLY C 121 43.88 8.13 2.73
N THR C 122 44.34 7.34 3.70
CA THR C 122 45.65 6.71 3.65
C THR C 122 45.89 5.88 2.35
N THR C 123 47.16 5.89 1.87
CA THR C 123 47.55 5.16 0.65
C THR C 123 48.32 3.86 0.99
N THR C 124 48.49 3.64 2.32
CA THR C 124 49.19 2.49 2.92
C THR C 124 48.37 1.97 4.14
N SER C 125 48.56 0.68 4.52
CA SER C 125 47.86 0.06 5.65
C SER C 125 48.65 -1.17 6.10
N PRO C 126 48.86 -1.44 7.42
CA PRO C 126 48.35 -0.72 8.63
C PRO C 126 48.94 0.68 8.82
N ASP C 127 50.19 0.86 8.49
CA ASP C 127 50.88 2.12 8.56
C ASP C 127 50.17 3.21 7.78
N VAL C 128 50.04 4.40 8.29
CA VAL C 128 49.36 5.44 7.55
C VAL C 128 50.22 6.46 6.83
N THR C 129 49.76 6.82 5.63
CA THR C 129 50.41 7.77 4.74
C THR C 129 49.33 8.59 4.05
N PHE C 130 49.18 9.84 4.44
CA PHE C 130 48.19 10.75 3.91
C PHE C 130 48.63 11.69 2.81
N PRO C 131 48.03 11.59 1.62
CA PRO C 131 48.40 12.44 0.48
C PRO C 131 47.79 13.84 0.55
N SER C 132 48.40 14.83 -0.10
CA SER C 132 47.84 16.17 -0.18
C SER C 132 46.90 16.21 -1.37
N ASP C 133 47.24 15.43 -2.42
CA ASP C 133 46.43 15.35 -3.63
C ASP C 133 45.36 14.27 -3.59
N LEU C 134 44.21 14.56 -4.21
CA LEU C 134 43.10 13.61 -4.29
C LEU C 134 43.50 12.39 -5.10
N MET C 135 43.40 11.20 -4.48
CA MET C 135 43.76 9.95 -5.15
C MET C 135 42.54 9.29 -5.75
N CYS C 136 42.74 8.57 -6.87
CA CYS C 136 41.72 7.87 -7.64
C CYS C 136 42.15 6.44 -7.82
N VAL C 137 41.19 5.53 -7.96
CA VAL C 137 41.42 4.14 -8.36
C VAL C 137 40.13 3.59 -9.03
N ASP C 138 40.28 2.77 -10.05
CA ASP C 138 39.21 2.13 -10.79
C ASP C 138 39.04 0.75 -10.18
N VAL C 139 37.79 0.43 -9.88
CA VAL C 139 37.36 -0.85 -9.31
C VAL C 139 36.10 -1.28 -10.07
N LYS C 140 35.68 -2.53 -9.88
CA LYS C 140 34.47 -3.04 -10.54
C LYS C 140 33.49 -3.48 -9.50
N LEU C 141 32.19 -3.42 -9.80
CA LEU C 141 31.15 -3.87 -8.88
C LEU C 141 31.17 -5.39 -8.81
N ILE C 142 31.14 -5.89 -7.58
CA ILE C 142 31.18 -7.32 -7.24
C ILE C 142 29.77 -7.73 -6.78
N SER C 143 29.29 -8.88 -7.27
CA SER C 143 27.94 -9.36 -6.97
C SER C 143 27.74 -9.61 -5.49
N PRO C 144 26.49 -9.39 -4.98
CA PRO C 144 26.18 -9.70 -3.57
C PRO C 144 26.57 -11.13 -3.23
N GLN C 145 26.31 -12.07 -4.15
CA GLN C 145 26.68 -13.48 -4.02
C GLN C 145 28.17 -13.64 -3.76
N ASP C 146 29.04 -13.11 -4.64
CA ASP C 146 30.50 -13.17 -4.48
C ASP C 146 30.99 -12.43 -3.24
N CYS C 147 30.39 -11.28 -2.92
CA CYS C 147 30.78 -10.50 -1.74
C CYS C 147 30.38 -11.25 -0.44
N THR C 148 29.27 -12.03 -0.48
CA THR C 148 28.75 -12.82 0.66
C THR C 148 29.72 -13.95 1.00
N LYS C 149 30.57 -14.35 0.04
CA LYS C 149 31.62 -15.34 0.26
C LYS C 149 32.65 -14.82 1.28
N VAL C 150 32.85 -13.49 1.32
CA VAL C 150 33.81 -12.82 2.20
C VAL C 150 33.14 -12.34 3.48
N TYR C 151 32.04 -11.56 3.35
CA TYR C 151 31.43 -10.90 4.51
C TYR C 151 30.23 -11.64 5.15
N LYS C 152 29.80 -12.78 4.57
CA LYS C 152 28.73 -13.60 5.11
C LYS C 152 27.44 -12.80 5.35
N ASP C 153 26.78 -12.96 6.52
CA ASP C 153 25.50 -12.31 6.85
C ASP C 153 25.61 -10.82 7.18
N LEU C 154 26.84 -10.30 7.37
CA LEU C 154 27.08 -8.87 7.70
C LEU C 154 26.58 -7.93 6.60
N LEU C 155 26.60 -8.41 5.36
CA LEU C 155 26.23 -7.67 4.17
C LEU C 155 24.70 -7.54 3.97
N GLU C 156 24.22 -6.33 3.70
CA GLU C 156 22.77 -6.06 3.45
C GLU C 156 22.55 -5.76 1.96
N ASN C 157 21.30 -5.80 1.51
CA ASN C 157 20.92 -5.52 0.10
C ASN C 157 21.11 -4.04 -0.28
N SER C 158 21.22 -3.13 0.68
CA SER C 158 21.52 -1.71 0.36
C SER C 158 23.04 -1.45 0.46
N MET C 159 23.85 -2.51 0.53
CA MET C 159 25.33 -2.39 0.54
C MET C 159 25.84 -2.88 -0.82
N LEU C 160 26.85 -2.19 -1.33
CA LEU C 160 27.45 -2.45 -2.66
C LEU C 160 28.95 -2.73 -2.51
N CYS C 161 29.41 -3.80 -3.11
CA CYS C 161 30.83 -4.20 -3.06
C CYS C 161 31.55 -3.92 -4.39
N ALA C 162 32.79 -3.44 -4.28
CA ALA C 162 33.64 -3.15 -5.43
C ALA C 162 35.10 -3.54 -5.12
N GLY C 163 35.87 -3.79 -6.16
CA GLY C 163 37.29 -4.14 -6.07
C GLY C 163 37.78 -4.71 -7.38
N ILE C 164 39.01 -5.22 -7.39
CA ILE C 164 39.60 -5.84 -8.59
C ILE C 164 40.08 -7.26 -8.14
N PRO C 165 39.83 -8.34 -8.91
CA PRO C 165 40.33 -9.66 -8.49
C PRO C 165 41.84 -9.64 -8.22
N ASP C 166 42.28 -10.31 -7.16
CA ASP C 166 43.69 -10.44 -6.75
C ASP C 166 44.48 -9.12 -6.59
N SER C 167 43.77 -7.99 -6.42
CA SER C 167 44.37 -6.66 -6.33
C SER C 167 44.11 -5.92 -5.01
N LYS C 168 45.10 -5.12 -4.59
CA LYS C 168 45.12 -4.27 -3.40
C LYS C 168 44.28 -3.00 -3.61
N LYS C 169 43.88 -2.72 -4.86
CA LYS C 169 43.11 -1.53 -5.23
C LYS C 169 41.87 -1.44 -4.40
N ASN C 170 41.85 -0.42 -3.53
CA ASN C 170 40.76 -0.22 -2.60
C ASN C 170 40.72 1.19 -2.00
N ALA C 171 39.68 1.46 -1.19
CA ALA C 171 39.49 2.68 -0.42
C ALA C 171 39.93 2.30 1.02
N CYS C 172 40.25 3.29 1.85
CA CYS C 172 40.78 3.06 3.23
C CYS C 172 40.46 4.24 4.16
N ASN C 173 40.84 4.17 5.43
CA ASN C 173 40.60 5.19 6.46
C ASN C 173 40.87 6.65 5.96
N GLY C 174 39.83 7.48 6.02
CA GLY C 174 39.83 8.87 5.54
C GLY C 174 39.10 9.00 4.21
N ASP C 175 38.94 7.87 3.52
CA ASP C 175 38.19 7.83 2.26
C ASP C 175 36.68 7.74 2.53
N SER C 176 36.28 7.33 3.75
CA SER C 176 34.88 7.12 4.16
C SER C 176 33.99 8.27 3.79
N GLY C 177 32.80 7.93 3.32
CA GLY C 177 31.78 8.88 2.92
C GLY C 177 31.98 9.42 1.52
N GLY C 178 33.18 9.21 0.97
CA GLY C 178 33.58 9.67 -0.35
C GLY C 178 32.93 8.94 -1.49
N PRO C 179 33.09 9.43 -2.74
CA PRO C 179 32.32 8.85 -3.87
C PRO C 179 32.87 7.65 -4.62
N LEU C 180 31.93 6.79 -5.02
CA LEU C 180 32.12 5.68 -5.93
C LEU C 180 31.21 6.02 -7.10
N VAL C 181 31.79 6.34 -8.25
CA VAL C 181 31.10 6.76 -9.48
C VAL C 181 31.25 5.71 -10.62
N CYS C 182 30.13 5.29 -11.21
CA CYS C 182 30.04 4.31 -12.30
C CYS C 182 29.16 4.90 -13.37
N ARG C 183 29.69 5.00 -14.62
CA ARG C 183 29.02 5.46 -15.82
C ARG C 183 28.27 6.79 -15.64
N GLY C 184 28.93 7.77 -15.02
CA GLY C 184 28.40 9.11 -14.86
C GLY C 184 27.52 9.34 -13.64
N THR C 185 27.28 8.30 -12.82
CA THR C 185 26.43 8.52 -11.64
C THR C 185 27.08 8.08 -10.35
N LEU C 186 26.61 8.65 -9.25
CA LEU C 186 27.09 8.24 -7.90
C LEU C 186 26.40 6.93 -7.52
N GLN C 187 27.15 5.84 -7.46
CA GLN C 187 26.61 4.51 -7.14
C GLN C 187 26.94 4.11 -5.70
N GLY C 188 28.00 4.64 -5.12
CA GLY C 188 28.35 4.24 -3.74
C GLY C 188 29.01 5.30 -2.90
N LEU C 189 28.98 5.14 -1.58
CA LEU C 189 29.72 6.01 -0.67
C LEU C 189 30.57 5.04 0.15
N VAL C 190 31.89 5.31 0.25
CA VAL C 190 32.85 4.49 0.99
C VAL C 190 32.31 4.28 2.40
N SER C 191 32.12 3.00 2.82
CA SER C 191 31.55 2.68 4.13
C SER C 191 32.53 1.90 5.02
N TRP C 192 32.93 0.70 4.58
CA TRP C 192 33.80 -0.16 5.36
C TRP C 192 34.44 -1.24 4.54
N GLY C 193 35.29 -2.03 5.19
CA GLY C 193 36.03 -3.13 4.59
C GLY C 193 36.88 -3.83 5.61
N THR C 194 37.86 -4.60 5.16
CA THR C 194 38.72 -5.31 6.11
C THR C 194 39.85 -4.38 6.57
N PHE C 195 40.48 -4.71 7.71
CA PHE C 195 41.63 -4.02 8.29
C PHE C 195 42.74 -5.06 8.56
N PRO C 196 43.97 -4.87 8.02
CA PRO C 196 44.44 -3.73 7.21
C PRO C 196 43.72 -3.63 5.88
N CYS C 197 43.65 -2.43 5.31
CA CYS C 197 43.08 -2.15 3.99
C CYS C 197 43.92 -2.79 2.90
N GLY C 198 43.37 -2.78 1.68
CA GLY C 198 44.03 -3.23 0.47
C GLY C 198 44.43 -4.69 0.46
N GLN C 199 43.61 -5.56 1.08
CA GLN C 199 43.93 -7.00 1.04
C GLN C 199 43.32 -7.58 -0.24
N PRO C 200 44.11 -8.32 -1.03
CA PRO C 200 43.53 -8.87 -2.27
C PRO C 200 42.35 -9.78 -1.98
N ASN C 201 41.26 -9.64 -2.78
CA ASN C 201 40.05 -10.46 -2.74
C ASN C 201 39.16 -10.18 -1.53
N ASP C 202 39.34 -8.99 -0.94
CA ASP C 202 38.47 -8.52 0.15
C ASP C 202 37.84 -7.26 -0.40
N PRO C 203 36.60 -7.34 -0.92
CA PRO C 203 35.96 -6.14 -1.51
C PRO C 203 35.81 -4.94 -0.56
N GLY C 204 35.76 -3.74 -1.13
CA GLY C 204 35.44 -2.54 -0.38
C GLY C 204 33.91 -2.49 -0.31
N VAL C 205 33.37 -2.14 0.85
CA VAL C 205 31.90 -2.10 1.03
C VAL C 205 31.42 -0.65 1.04
N TYR C 206 30.35 -0.41 0.28
CA TYR C 206 29.83 0.95 0.08
C TYR C 206 28.32 1.03 0.30
N THR C 207 27.83 2.19 0.69
CA THR C 207 26.37 2.41 0.79
C THR C 207 25.86 2.47 -0.65
N GLN C 208 24.85 1.69 -1.00
CA GLN C 208 24.30 1.69 -2.38
C GLN C 208 23.32 2.86 -2.51
N VAL C 209 23.82 3.98 -2.99
CA VAL C 209 23.09 5.27 -3.10
C VAL C 209 21.75 5.18 -3.86
N CYS C 210 21.62 4.30 -4.87
CA CYS C 210 20.36 4.15 -5.67
C CYS C 210 19.16 3.62 -4.84
N LYS C 211 19.39 3.04 -3.68
CA LYS C 211 18.34 2.54 -2.77
C LYS C 211 17.92 3.65 -1.80
N PHE C 212 18.57 4.82 -1.82
CA PHE C 212 18.31 5.90 -0.84
C PHE C 212 17.82 7.21 -1.47
N THR C 213 17.46 7.19 -2.74
CA THR C 213 17.02 8.40 -3.46
C THR C 213 15.88 9.16 -2.76
N LYS C 214 14.81 8.47 -2.35
CA LYS C 214 13.65 9.09 -1.71
C LYS C 214 14.06 9.80 -0.42
N TRP C 215 14.76 9.09 0.48
CA TRP C 215 15.23 9.65 1.73
C TRP C 215 16.10 10.89 1.50
N ILE C 216 17.07 10.82 0.56
CA ILE C 216 17.95 11.93 0.21
C ILE C 216 17.13 13.16 -0.20
N ASN C 217 16.24 12.99 -1.19
CA ASN C 217 15.42 14.10 -1.69
C ASN C 217 14.40 14.61 -0.62
N ASP C 218 13.77 13.70 0.16
CA ASP C 218 12.85 14.04 1.23
C ASP C 218 13.51 14.87 2.37
N THR C 219 14.74 14.48 2.78
CA THR C 219 15.45 15.10 3.91
C THR C 219 15.90 16.52 3.59
N MET C 220 16.31 16.76 2.33
CA MET C 220 16.77 18.09 1.93
C MET C 220 15.59 19.06 1.87
N LYS C 221 14.41 18.58 1.43
CA LYS C 221 13.18 19.34 1.37
C LYS C 221 12.66 19.67 2.78
N LYS C 222 12.66 18.68 3.70
CA LYS C 222 12.21 18.86 5.07
C LYS C 222 13.14 19.75 5.91
N HIS C 223 14.46 19.83 5.53
CA HIS C 223 15.41 20.60 6.32
C HIS C 223 16.01 21.82 5.61
N ARG C 224 15.54 22.19 4.39
CA ARG C 224 16.04 23.37 3.65
C ARG C 224 15.80 24.69 4.39
N ILE D 1 -44.21 -4.55 0.42
CA ILE D 1 -44.01 -4.58 1.87
C ILE D 1 -45.10 -5.52 2.46
N ILE D 2 -44.68 -6.55 3.26
CA ILE D 2 -45.57 -7.54 3.87
C ILE D 2 -45.83 -7.14 5.32
N ASP D 3 -47.12 -7.12 5.74
CA ASP D 3 -47.57 -6.80 7.10
C ASP D 3 -47.19 -5.35 7.56
N GLY D 4 -47.16 -4.42 6.62
CA GLY D 4 -46.87 -3.02 6.90
C GLY D 4 -48.10 -2.16 6.99
N ALA D 5 -47.96 -0.85 6.79
CA ALA D 5 -49.04 0.16 6.79
C ALA D 5 -48.61 1.31 5.90
N PRO D 6 -49.51 2.14 5.31
CA PRO D 6 -49.04 3.25 4.46
C PRO D 6 -48.12 4.18 5.24
N CYS D 7 -46.95 4.57 4.66
CA CYS D 7 -46.01 5.52 5.32
C CYS D 7 -46.76 6.80 5.62
N ALA D 8 -46.33 7.55 6.67
CA ALA D 8 -46.90 8.86 7.00
C ALA D 8 -46.58 9.70 5.78
N ARG D 9 -47.56 10.48 5.30
CA ARG D 9 -47.33 11.30 4.11
C ARG D 9 -46.16 12.25 4.32
N GLY D 10 -45.25 12.34 3.34
CA GLY D 10 -44.09 13.22 3.38
C GLY D 10 -42.88 12.78 4.18
N SER D 11 -42.92 11.56 4.74
CA SER D 11 -41.80 11.04 5.53
C SER D 11 -40.71 10.37 4.70
N HIS D 12 -40.92 10.20 3.37
CA HIS D 12 -39.91 9.60 2.47
C HIS D 12 -39.60 10.46 1.23
N PRO D 13 -39.19 11.74 1.38
CA PRO D 13 -38.87 12.55 0.19
C PRO D 13 -37.65 12.10 -0.60
N TRP D 14 -36.87 11.15 -0.06
CA TRP D 14 -35.64 10.62 -0.63
C TRP D 14 -35.87 9.28 -1.30
N GLN D 15 -37.09 8.76 -1.20
CA GLN D 15 -37.49 7.52 -1.86
C GLN D 15 -37.88 7.80 -3.31
N VAL D 16 -37.47 6.92 -4.22
CA VAL D 16 -37.84 7.00 -5.64
C VAL D 16 -38.36 5.59 -6.04
N ALA D 17 -39.05 5.54 -7.17
CA ALA D 17 -39.50 4.33 -7.77
C ALA D 17 -38.93 4.39 -9.18
N LEU D 18 -38.44 3.23 -9.68
CA LEU D 18 -37.97 3.08 -11.04
C LEU D 18 -39.05 2.30 -11.80
N LEU D 19 -39.50 2.91 -12.89
CA LEU D 19 -40.56 2.37 -13.72
C LEU D 19 -40.03 1.82 -15.05
N SER D 20 -40.73 0.81 -15.57
CA SER D 20 -40.46 0.19 -16.85
C SER D 20 -41.82 0.03 -17.48
N GLY D 21 -42.05 0.80 -18.53
CA GLY D 21 -43.32 0.78 -19.24
C GLY D 21 -44.47 1.27 -18.39
N ASN D 22 -44.19 2.29 -17.55
CA ASN D 22 -45.16 2.94 -16.64
C ASN D 22 -45.64 2.00 -15.52
N GLN D 23 -44.88 0.93 -15.29
CA GLN D 23 -45.13 -0.06 -14.25
C GLN D 23 -43.95 -0.06 -13.28
N LEU D 24 -44.25 -0.37 -12.01
CA LEU D 24 -43.26 -0.50 -10.98
C LEU D 24 -42.26 -1.62 -11.33
N HIS D 25 -40.95 -1.28 -11.27
CA HIS D 25 -39.86 -2.23 -11.50
C HIS D 25 -39.11 -2.47 -10.18
N CYS D 26 -38.76 -1.38 -9.49
CA CYS D 26 -37.90 -1.35 -8.31
C CYS D 26 -38.06 -0.07 -7.55
N GLY D 27 -37.60 -0.10 -6.30
CA GLY D 27 -37.46 1.07 -5.45
C GLY D 27 -36.06 1.64 -5.64
N GLY D 28 -35.75 2.72 -4.92
CA GLY D 28 -34.44 3.35 -4.95
C GLY D 28 -34.38 4.59 -4.10
N VAL D 29 -33.22 5.24 -4.04
CA VAL D 29 -33.10 6.48 -3.28
C VAL D 29 -32.46 7.54 -4.08
N LEU D 30 -32.80 8.81 -3.79
CA LEU D 30 -32.14 9.94 -4.44
C LEU D 30 -30.84 10.27 -3.69
N VAL D 31 -29.68 10.21 -4.39
CA VAL D 31 -28.40 10.54 -3.76
C VAL D 31 -28.12 12.06 -3.86
N ASN D 32 -28.26 12.59 -5.06
CA ASN D 32 -28.18 14.03 -5.35
C ASN D 32 -29.09 14.31 -6.54
N GLU D 33 -29.06 15.53 -7.07
CA GLU D 33 -29.87 15.97 -8.23
C GLU D 33 -29.61 15.17 -9.51
N ARG D 34 -28.51 14.45 -9.66
CA ARG D 34 -28.24 13.73 -10.91
C ARG D 34 -28.19 12.21 -10.67
N TRP D 35 -28.29 11.74 -9.42
CA TRP D 35 -28.04 10.30 -9.20
C TRP D 35 -29.04 9.60 -8.27
N VAL D 36 -29.42 8.38 -8.65
CA VAL D 36 -30.29 7.49 -7.91
C VAL D 36 -29.46 6.24 -7.54
N LEU D 37 -29.64 5.74 -6.30
CA LEU D 37 -28.99 4.52 -5.80
C LEU D 37 -30.06 3.47 -5.70
N THR D 38 -29.76 2.25 -6.21
CA THR D 38 -30.73 1.13 -6.19
C THR D 38 -29.94 -0.17 -6.24
N ALA D 39 -30.61 -1.31 -6.47
CA ALA D 39 -29.93 -2.61 -6.55
C ALA D 39 -29.43 -2.91 -7.97
N ALA D 40 -28.31 -3.64 -8.08
CA ALA D 40 -27.75 -4.07 -9.36
C ALA D 40 -28.74 -5.02 -10.09
N HIS D 41 -29.58 -5.77 -9.31
N HIS D 41 -29.56 -5.79 -9.33
CA HIS D 41 -30.63 -6.68 -9.83
CA HIS D 41 -30.59 -6.69 -9.87
C HIS D 41 -31.67 -5.94 -10.68
C HIS D 41 -31.60 -5.92 -10.77
N CYS D 42 -31.83 -4.61 -10.47
CA CYS D 42 -32.77 -3.73 -11.18
C CYS D 42 -32.23 -3.15 -12.52
N LYS D 43 -31.09 -3.65 -13.03
CA LYS D 43 -30.48 -3.14 -14.26
C LYS D 43 -31.42 -3.20 -15.48
N MET D 44 -31.57 -2.07 -16.19
CA MET D 44 -32.32 -1.93 -17.45
C MET D 44 -31.53 -0.98 -18.37
N ASN D 45 -31.89 -0.86 -19.64
CA ASN D 45 -31.17 0.08 -20.50
C ASN D 45 -31.71 1.50 -20.37
N GLU D 46 -32.93 1.60 -19.87
CA GLU D 46 -33.65 2.85 -19.72
C GLU D 46 -34.51 2.74 -18.48
N TYR D 47 -34.70 3.86 -17.81
CA TYR D 47 -35.52 3.94 -16.62
C TYR D 47 -36.34 5.19 -16.74
N THR D 48 -37.49 5.16 -16.10
CA THR D 48 -38.32 6.32 -15.88
C THR D 48 -38.33 6.34 -14.35
N VAL D 49 -37.91 7.45 -13.77
CA VAL D 49 -37.78 7.62 -12.32
C VAL D 49 -38.92 8.47 -11.76
N HIS D 50 -39.58 7.94 -10.74
CA HIS D 50 -40.68 8.64 -10.05
C HIS D 50 -40.12 9.24 -8.78
N LEU D 51 -40.39 10.52 -8.53
CA LEU D 51 -39.97 11.23 -7.35
C LEU D 51 -41.05 12.21 -6.94
N GLY D 52 -41.03 12.63 -5.69
CA GLY D 52 -41.88 13.73 -5.26
C GLY D 52 -43.29 13.43 -4.84
N SER D 53 -43.61 12.14 -4.66
CA SER D 53 -44.93 11.73 -4.19
C SER D 53 -44.95 10.31 -3.61
N ASP D 54 -45.72 10.11 -2.52
CA ASP D 54 -45.96 8.83 -1.87
C ASP D 54 -46.93 7.95 -2.71
N THR D 55 -47.66 8.57 -3.65
CA THR D 55 -48.62 7.88 -4.54
C THR D 55 -48.08 7.81 -5.97
N LEU D 56 -47.84 6.58 -6.45
CA LEU D 56 -47.43 6.38 -7.82
C LEU D 56 -48.61 6.83 -8.70
N GLY D 57 -48.33 7.52 -9.78
CA GLY D 57 -49.38 7.99 -10.67
C GLY D 57 -49.90 9.35 -10.27
N ASP D 58 -49.38 9.93 -9.16
CA ASP D 58 -49.77 11.28 -8.73
C ASP D 58 -49.27 12.24 -9.81
N ARG D 59 -50.19 12.99 -10.42
CA ARG D 59 -49.84 13.90 -11.50
C ARG D 59 -48.76 14.90 -11.11
N ARG D 60 -48.73 15.33 -9.82
CA ARG D 60 -47.75 16.31 -9.35
C ARG D 60 -46.39 15.69 -8.96
N ALA D 61 -46.20 14.37 -9.20
CA ALA D 61 -44.91 13.73 -9.01
C ALA D 61 -44.07 14.09 -10.23
N GLN D 62 -42.74 14.05 -10.05
CA GLN D 62 -41.73 14.29 -11.05
C GLN D 62 -41.45 12.98 -11.74
N ARG D 63 -41.24 13.03 -13.05
CA ARG D 63 -40.91 11.84 -13.84
C ARG D 63 -39.67 12.18 -14.65
N ILE D 64 -38.56 11.49 -14.40
CA ILE D 64 -37.31 11.82 -15.13
C ILE D 64 -36.79 10.53 -15.75
N LYS D 65 -36.35 10.64 -17.00
CA LYS D 65 -35.78 9.51 -17.74
C LYS D 65 -34.31 9.37 -17.36
N ALA D 66 -33.83 8.15 -17.41
CA ALA D 66 -32.44 7.83 -17.05
C ALA D 66 -31.99 6.73 -18.01
N SER D 67 -31.03 7.07 -18.84
CA SER D 67 -30.50 6.22 -19.88
C SER D 67 -29.14 5.63 -19.55
N LYS D 68 -28.55 5.99 -18.41
CA LYS D 68 -27.24 5.46 -18.01
C LYS D 68 -27.28 4.89 -16.63
N SER D 69 -26.65 3.73 -16.46
CA SER D 69 -26.55 3.11 -15.15
C SER D 69 -25.25 2.34 -15.01
N PHE D 70 -24.78 2.21 -13.75
CA PHE D 70 -23.48 1.59 -13.50
C PHE D 70 -23.58 0.65 -12.30
N ARG D 71 -23.52 -0.67 -12.55
CA ARG D 71 -23.57 -1.67 -11.50
C ARG D 71 -22.18 -1.74 -10.90
N HIS D 72 -22.12 -2.10 -9.61
CA HIS D 72 -20.84 -2.31 -8.93
C HIS D 72 -20.18 -3.46 -9.70
N PRO D 73 -18.90 -3.33 -10.11
CA PRO D 73 -18.27 -4.43 -10.91
C PRO D 73 -18.16 -5.77 -10.16
N GLY D 74 -18.35 -5.71 -8.85
CA GLY D 74 -18.29 -6.88 -8.00
C GLY D 74 -19.61 -7.61 -7.95
N TYR D 75 -20.62 -7.14 -8.72
CA TYR D 75 -21.97 -7.71 -8.71
C TYR D 75 -22.04 -9.10 -9.31
N SER D 76 -22.71 -10.00 -8.59
CA SER D 76 -22.93 -11.36 -9.04
C SER D 76 -24.43 -11.65 -9.07
N THR D 77 -24.92 -12.05 -10.21
CA THR D 77 -26.29 -12.43 -10.35
C THR D 77 -26.45 -13.78 -9.66
N GLN D 78 -25.40 -14.57 -9.61
CA GLN D 78 -25.48 -15.87 -8.98
C GLN D 78 -25.70 -15.77 -7.49
N THR D 79 -24.85 -15.04 -6.81
CA THR D 79 -24.91 -14.92 -5.37
C THR D 79 -25.48 -13.66 -4.74
N HIS D 80 -25.69 -12.63 -5.56
CA HIS D 80 -26.26 -11.33 -5.21
C HIS D 80 -25.34 -10.48 -4.35
N VAL D 81 -24.05 -10.82 -4.33
CA VAL D 81 -23.03 -10.03 -3.63
C VAL D 81 -22.91 -8.69 -4.39
N ASN D 82 -22.67 -7.57 -3.69
CA ASN D 82 -22.44 -6.23 -4.26
C ASN D 82 -23.60 -5.77 -5.11
N ASP D 83 -24.78 -6.01 -4.58
CA ASP D 83 -26.04 -5.66 -5.22
C ASP D 83 -26.35 -4.16 -5.07
N LEU D 84 -25.65 -3.35 -5.84
CA LEU D 84 -25.86 -1.92 -5.90
C LEU D 84 -25.50 -1.40 -7.25
N MET D 85 -26.18 -0.33 -7.66
CA MET D 85 -26.05 0.30 -8.95
C MET D 85 -26.43 1.77 -8.80
N LEU D 86 -25.77 2.62 -9.58
CA LEU D 86 -26.04 4.05 -9.66
C LEU D 86 -26.70 4.37 -11.01
N VAL D 87 -27.81 5.07 -10.94
CA VAL D 87 -28.63 5.48 -12.08
C VAL D 87 -28.44 6.98 -12.36
N LYS D 88 -28.01 7.31 -13.57
CA LYS D 88 -27.77 8.69 -13.91
C LYS D 88 -29.00 9.25 -14.61
N LEU D 89 -29.64 10.23 -13.94
CA LEU D 89 -30.82 10.94 -14.45
C LEU D 89 -30.40 11.74 -15.66
N ASN D 90 -31.22 11.73 -16.70
CA ASN D 90 -30.93 12.46 -17.97
C ASN D 90 -30.95 13.97 -17.66
N SER D 91 -31.75 14.38 -16.68
CA SER D 91 -31.81 15.81 -16.28
C SER D 91 -31.91 15.92 -14.76
N GLN D 92 -31.61 17.10 -14.23
CA GLN D 92 -31.55 17.31 -12.76
C GLN D 92 -32.91 17.16 -12.08
N ALA D 93 -32.96 16.44 -10.97
CA ALA D 93 -34.20 16.36 -10.16
C ALA D 93 -34.35 17.72 -9.47
N ARG D 94 -35.55 18.26 -9.39
CA ARG D 94 -35.78 19.54 -8.72
C ARG D 94 -36.07 19.25 -7.26
N LEU D 95 -35.18 19.68 -6.38
CA LEU D 95 -35.31 19.45 -4.93
C LEU D 95 -36.41 20.35 -4.37
N SER D 96 -37.14 19.84 -3.37
CA SER D 96 -38.24 20.51 -2.69
C SER D 96 -38.52 19.78 -1.40
N SER D 97 -39.61 20.11 -0.70
CA SER D 97 -40.00 19.38 0.52
C SER D 97 -40.32 17.89 0.21
N MET D 98 -40.73 17.61 -1.03
CA MET D 98 -41.13 16.28 -1.50
C MET D 98 -39.98 15.51 -2.17
N VAL D 99 -38.88 16.20 -2.50
CA VAL D 99 -37.72 15.65 -3.20
C VAL D 99 -36.46 16.07 -2.44
N LYS D 100 -35.85 15.09 -1.76
CA LYS D 100 -34.70 15.34 -0.89
C LYS D 100 -33.62 14.27 -1.09
N LYS D 101 -32.33 14.65 -0.89
CA LYS D 101 -31.19 13.73 -0.98
C LYS D 101 -31.18 12.83 0.25
N VAL D 102 -30.97 11.54 0.07
CA VAL D 102 -30.91 10.61 1.20
C VAL D 102 -29.64 10.88 2.07
N ARG D 103 -29.73 10.58 3.37
CA ARG D 103 -28.54 10.67 4.21
C ARG D 103 -27.84 9.32 4.12
N LEU D 104 -26.67 9.34 3.49
CA LEU D 104 -25.77 8.21 3.36
C LEU D 104 -25.10 7.97 4.71
N PRO D 105 -24.75 6.71 5.06
CA PRO D 105 -24.15 6.48 6.39
C PRO D 105 -22.66 6.75 6.47
N SER D 106 -22.18 7.05 7.70
CA SER D 106 -20.75 7.16 7.95
C SER D 106 -20.35 5.92 8.74
N ARG D 107 -21.24 5.44 9.61
CA ARG D 107 -21.02 4.21 10.40
C ARG D 107 -22.07 3.15 10.07
N CYS D 108 -21.77 1.90 10.37
CA CYS D 108 -22.69 0.77 10.21
C CYS D 108 -23.49 0.64 11.51
N GLU D 109 -24.82 0.68 11.42
CA GLU D 109 -25.66 0.55 12.64
C GLU D 109 -25.61 -0.92 13.02
N PRO D 110 -25.51 -1.45 14.40
CA PRO D 110 -25.35 -2.83 14.90
C PRO D 110 -26.63 -3.69 14.99
N PRO D 111 -26.51 -5.04 15.15
CA PRO D 111 -27.71 -5.87 15.32
C PRO D 111 -28.59 -5.40 16.49
N GLY D 112 -29.89 -5.41 16.28
CA GLY D 112 -30.83 -4.97 17.31
C GLY D 112 -31.36 -3.58 17.05
N THR D 113 -30.75 -2.85 16.11
CA THR D 113 -31.24 -1.51 15.77
C THR D 113 -32.56 -1.62 15.04
N THR D 114 -33.55 -0.79 15.44
CA THR D 114 -34.85 -0.73 14.77
C THR D 114 -34.72 0.16 13.54
N CYS D 115 -35.23 -0.36 12.41
CA CYS D 115 -35.16 0.30 11.12
C CYS D 115 -36.54 0.30 10.48
N THR D 116 -36.71 1.10 9.42
CA THR D 116 -37.93 1.16 8.62
C THR D 116 -37.58 0.81 7.17
N VAL D 117 -38.30 -0.18 6.57
CA VAL D 117 -38.14 -0.51 5.14
C VAL D 117 -39.44 -0.03 4.44
N SER D 118 -39.33 0.56 3.24
CA SER D 118 -40.45 1.11 2.49
C SER D 118 -40.38 0.75 0.99
N GLY D 119 -41.53 0.86 0.33
CA GLY D 119 -41.66 0.59 -1.09
C GLY D 119 -43.09 0.41 -1.51
N TRP D 120 -43.25 0.29 -2.83
CA TRP D 120 -44.53 0.10 -3.48
C TRP D 120 -44.66 -1.35 -3.93
N GLY D 121 -43.75 -2.23 -3.49
CA GLY D 121 -43.79 -3.64 -3.87
C GLY D 121 -45.03 -4.34 -3.38
N THR D 122 -45.24 -5.62 -3.77
CA THR D 122 -46.42 -6.38 -3.35
C THR D 122 -46.56 -6.53 -1.82
N THR D 123 -47.82 -6.40 -1.36
CA THR D 123 -48.29 -6.50 0.01
C THR D 123 -48.75 -7.91 0.36
N THR D 124 -48.75 -8.79 -0.63
CA THR D 124 -49.13 -10.20 -0.50
C THR D 124 -48.11 -11.11 -1.23
N SER D 125 -48.15 -12.42 -0.94
CA SER D 125 -47.28 -13.41 -1.60
C SER D 125 -47.82 -14.84 -1.33
N PRO D 126 -47.89 -15.75 -2.33
CA PRO D 126 -47.42 -15.65 -3.74
C PRO D 126 -48.23 -14.71 -4.65
N ASP D 127 -49.50 -14.48 -4.28
CA ASP D 127 -50.46 -13.64 -5.00
C ASP D 127 -50.01 -12.17 -4.90
N VAL D 128 -49.96 -11.42 -6.02
CA VAL D 128 -49.46 -10.04 -5.96
C VAL D 128 -50.56 -8.95 -5.79
N THR D 129 -50.28 -7.98 -4.91
CA THR D 129 -51.15 -6.82 -4.64
C THR D 129 -50.26 -5.59 -4.58
N PHE D 130 -50.23 -4.82 -5.67
CA PHE D 130 -49.41 -3.63 -5.78
C PHE D 130 -50.13 -2.36 -5.33
N PRO D 131 -49.69 -1.75 -4.20
CA PRO D 131 -50.37 -0.52 -3.73
C PRO D 131 -49.96 0.75 -4.50
N SER D 132 -50.84 1.76 -4.45
CA SER D 132 -50.58 3.06 -5.07
C SER D 132 -49.80 3.97 -4.12
N ASP D 133 -50.08 3.83 -2.81
CA ASP D 133 -49.42 4.56 -1.74
C ASP D 133 -48.22 3.79 -1.23
N LEU D 134 -47.19 4.53 -0.81
CA LEU D 134 -45.96 4.00 -0.26
C LEU D 134 -46.21 3.31 1.09
N MET D 135 -45.69 2.07 1.21
CA MET D 135 -45.84 1.24 2.41
C MET D 135 -44.56 1.15 3.21
N CYS D 136 -44.70 1.02 4.53
CA CYS D 136 -43.66 1.02 5.57
C CYS D 136 -43.78 -0.15 6.48
N VAL D 137 -42.66 -0.70 6.90
CA VAL D 137 -42.70 -1.71 7.96
C VAL D 137 -41.40 -1.58 8.84
N ASP D 138 -41.54 -1.73 10.17
CA ASP D 138 -40.42 -1.66 11.09
C ASP D 138 -39.85 -3.04 11.35
N VAL D 139 -38.54 -3.18 11.19
CA VAL D 139 -37.78 -4.42 11.35
C VAL D 139 -36.50 -4.15 12.16
N LYS D 140 -35.96 -5.18 12.81
CA LYS D 140 -34.71 -5.02 13.56
C LYS D 140 -33.53 -5.63 12.81
N LEU D 141 -32.32 -5.09 13.00
CA LEU D 141 -31.14 -5.65 12.35
C LEU D 141 -30.81 -6.96 13.04
N ILE D 142 -30.62 -8.00 12.22
CA ILE D 142 -30.31 -9.38 12.62
C ILE D 142 -28.84 -9.63 12.38
N SER D 143 -28.17 -10.23 13.35
CA SER D 143 -26.72 -10.50 13.31
C SER D 143 -26.33 -11.48 12.21
N PRO D 144 -25.12 -11.33 11.60
CA PRO D 144 -24.68 -12.30 10.58
C PRO D 144 -24.69 -13.75 11.08
N GLN D 145 -24.37 -13.97 12.37
CA GLN D 145 -24.36 -15.28 13.03
C GLN D 145 -25.77 -15.87 12.98
N ASP D 146 -26.77 -15.08 13.41
CA ASP D 146 -28.20 -15.45 13.43
C ASP D 146 -28.78 -15.62 12.02
N CYS D 147 -28.39 -14.75 11.08
CA CYS D 147 -28.85 -14.82 9.70
C CYS D 147 -28.18 -15.99 8.93
N THR D 148 -26.97 -16.41 9.35
CA THR D 148 -26.22 -17.55 8.76
C THR D 148 -26.96 -18.87 9.10
N LYS D 149 -27.77 -18.86 10.17
CA LYS D 149 -28.56 -20.01 10.58
C LYS D 149 -29.67 -20.29 9.57
N VAL D 150 -30.14 -19.25 8.86
CA VAL D 150 -31.19 -19.35 7.85
C VAL D 150 -30.62 -19.57 6.43
N TYR D 151 -29.64 -18.76 5.99
CA TYR D 151 -29.15 -18.77 4.62
C TYR D 151 -27.81 -19.46 4.37
N LYS D 152 -27.12 -19.86 5.45
CA LYS D 152 -25.85 -20.58 5.42
C LYS D 152 -24.75 -19.82 4.65
N ASP D 153 -24.02 -20.51 3.73
CA ASP D 153 -22.88 -19.98 2.99
C ASP D 153 -23.23 -18.88 1.96
N LEU D 154 -24.52 -18.64 1.70
CA LEU D 154 -24.99 -17.63 0.74
C LEU D 154 -24.73 -16.18 1.21
N LEU D 155 -24.65 -15.98 2.54
CA LEU D 155 -24.45 -14.71 3.20
C LEU D 155 -23.04 -14.14 3.15
N GLU D 156 -22.90 -12.87 2.74
CA GLU D 156 -21.57 -12.22 2.69
C GLU D 156 -21.53 -11.10 3.74
N ASN D 157 -20.35 -10.56 4.03
CA ASN D 157 -20.21 -9.52 5.10
C ASN D 157 -20.67 -8.13 4.62
N SER D 158 -20.94 -7.98 3.33
CA SER D 158 -21.48 -6.73 2.78
C SER D 158 -23.02 -6.84 2.74
N MET D 159 -23.58 -7.96 3.22
CA MET D 159 -25.04 -8.17 3.26
C MET D 159 -25.55 -7.93 4.68
N LEU D 160 -26.69 -7.28 4.80
CA LEU D 160 -27.29 -6.92 6.09
C LEU D 160 -28.68 -7.57 6.19
N CYS D 161 -28.95 -8.27 7.28
CA CYS D 161 -30.25 -8.96 7.46
C CYS D 161 -31.14 -8.18 8.42
N ALA D 162 -32.44 -8.22 8.16
CA ALA D 162 -33.44 -7.56 9.01
C ALA D 162 -34.77 -8.30 8.97
N GLY D 163 -35.48 -8.26 10.09
CA GLY D 163 -36.79 -8.84 10.24
C GLY D 163 -37.30 -8.66 11.65
N ILE D 164 -38.45 -9.25 11.96
CA ILE D 164 -39.02 -9.26 13.32
C ILE D 164 -39.16 -10.74 13.71
N PRO D 165 -38.81 -11.17 14.96
CA PRO D 165 -38.93 -12.60 15.30
C PRO D 165 -40.38 -13.08 15.29
N ASP D 166 -40.63 -14.21 14.57
CA ASP D 166 -41.93 -14.85 14.40
C ASP D 166 -42.96 -13.88 13.82
N SER D 167 -42.55 -13.18 12.77
CA SER D 167 -43.40 -12.19 12.11
C SER D 167 -43.25 -12.20 10.60
N LYS D 168 -44.36 -11.85 9.93
CA LYS D 168 -44.48 -11.72 8.48
C LYS D 168 -43.84 -10.42 7.96
N LYS D 169 -43.51 -9.45 8.86
CA LYS D 169 -42.95 -8.12 8.50
C LYS D 169 -41.69 -8.23 7.68
N ASN D 170 -41.76 -7.79 6.42
CA ASN D 170 -40.65 -7.90 5.47
C ASN D 170 -40.92 -7.12 4.19
N ALA D 171 -39.90 -7.04 3.32
CA ALA D 171 -39.99 -6.46 1.98
C ALA D 171 -40.32 -7.59 0.97
N CYS D 172 -40.87 -7.24 -0.20
CA CYS D 172 -41.17 -8.22 -1.24
C CYS D 172 -40.87 -7.68 -2.66
N ASN D 173 -41.16 -8.46 -3.71
CA ASN D 173 -41.00 -8.13 -5.14
C ASN D 173 -41.53 -6.71 -5.39
N GLY D 174 -40.71 -5.84 -6.00
CA GLY D 174 -41.11 -4.47 -6.27
C GLY D 174 -40.48 -3.48 -5.30
N ASP D 175 -40.13 -3.96 -4.08
CA ASP D 175 -39.46 -3.17 -3.05
C ASP D 175 -37.98 -3.18 -3.28
N SER D 176 -37.47 -4.12 -4.11
CA SER D 176 -36.05 -4.31 -4.47
C SER D 176 -35.40 -2.98 -4.78
N GLY D 177 -34.17 -2.78 -4.29
CA GLY D 177 -33.40 -1.55 -4.47
C GLY D 177 -33.82 -0.39 -3.59
N GLY D 178 -34.90 -0.59 -2.84
CA GLY D 178 -35.50 0.37 -1.92
C GLY D 178 -34.83 0.47 -0.58
N PRO D 179 -35.11 1.58 0.15
CA PRO D 179 -34.36 1.85 1.39
C PRO D 179 -34.77 1.15 2.68
N LEU D 180 -33.75 0.90 3.49
CA LEU D 180 -33.81 0.45 4.87
C LEU D 180 -33.10 1.57 5.62
N VAL D 181 -33.87 2.35 6.37
CA VAL D 181 -33.34 3.49 7.11
CA VAL D 181 -33.35 3.50 7.12
C VAL D 181 -33.34 3.18 8.60
N CYS D 182 -32.17 3.39 9.27
CA CYS D 182 -31.98 3.19 10.72
C CYS D 182 -31.39 4.45 11.25
N ARG D 183 -31.97 5.00 12.32
CA ARG D 183 -31.44 6.15 13.09
C ARG D 183 -30.97 7.35 12.24
N GLY D 184 -31.81 7.74 11.30
CA GLY D 184 -31.51 8.86 10.42
C GLY D 184 -30.67 8.59 9.18
N THR D 185 -30.09 7.37 9.02
CA THR D 185 -29.28 7.10 7.81
C THR D 185 -29.73 5.89 7.01
N LEU D 186 -29.38 5.92 5.72
CA LEU D 186 -29.65 4.78 4.82
C LEU D 186 -28.64 3.71 5.19
N GLN D 187 -29.12 2.54 5.58
CA GLN D 187 -28.22 1.46 6.04
C GLN D 187 -28.32 0.26 5.09
N GLY D 188 -29.42 0.17 4.36
CA GLY D 188 -29.62 -0.96 3.45
C GLY D 188 -30.46 -0.62 2.24
N LEU D 189 -30.37 -1.47 1.23
CA LEU D 189 -31.13 -1.44 -0.02
C LEU D 189 -31.68 -2.83 -0.15
N VAL D 190 -33.01 -2.99 -0.32
CA VAL D 190 -33.67 -4.30 -0.44
C VAL D 190 -32.94 -5.18 -1.47
N SER D 191 -32.51 -6.40 -1.09
CA SER D 191 -31.76 -7.19 -2.06
C SER D 191 -32.42 -8.53 -2.39
N TRP D 192 -32.53 -9.42 -1.43
CA TRP D 192 -33.19 -10.72 -1.65
C TRP D 192 -33.76 -11.30 -0.34
N GLY D 193 -34.58 -12.33 -0.48
CA GLY D 193 -35.18 -13.05 0.63
C GLY D 193 -35.78 -14.36 0.15
N THR D 194 -36.61 -14.95 1.00
CA THR D 194 -37.29 -16.19 0.65
C THR D 194 -38.51 -15.91 -0.18
N PHE D 195 -38.97 -16.91 -0.92
CA PHE D 195 -40.18 -16.78 -1.72
C PHE D 195 -41.12 -17.99 -1.49
N PRO D 196 -42.43 -17.77 -1.22
CA PRO D 196 -43.15 -16.48 -1.06
C PRO D 196 -42.58 -15.60 0.05
N CYS D 197 -42.88 -14.30 0.00
CA CYS D 197 -42.45 -13.30 0.99
C CYS D 197 -43.25 -13.38 2.27
N GLY D 198 -42.67 -12.83 3.34
CA GLY D 198 -43.29 -12.72 4.65
C GLY D 198 -43.30 -13.99 5.46
N GLN D 199 -42.36 -14.90 5.16
CA GLN D 199 -42.27 -16.16 5.89
C GLN D 199 -41.65 -15.85 7.25
N PRO D 200 -42.31 -16.23 8.37
CA PRO D 200 -41.73 -15.93 9.69
C PRO D 200 -40.39 -16.61 9.93
N ASN D 201 -39.46 -15.83 10.47
CA ASN D 201 -38.11 -16.21 10.88
C ASN D 201 -37.14 -16.38 9.69
N ASP D 202 -37.56 -15.91 8.50
CA ASP D 202 -36.73 -15.83 7.31
C ASP D 202 -36.41 -14.33 7.12
N PRO D 203 -35.19 -13.85 7.46
CA PRO D 203 -34.93 -12.40 7.33
C PRO D 203 -34.82 -11.88 5.90
N GLY D 204 -35.04 -10.59 5.75
CA GLY D 204 -34.82 -9.94 4.46
C GLY D 204 -33.34 -9.62 4.39
N VAL D 205 -32.72 -9.83 3.23
CA VAL D 205 -31.28 -9.55 3.00
C VAL D 205 -31.13 -8.22 2.27
N TYR D 206 -30.30 -7.33 2.78
CA TYR D 206 -30.11 -6.00 2.17
C TYR D 206 -28.64 -5.74 1.87
N THR D 207 -28.35 -4.85 0.93
CA THR D 207 -26.96 -4.46 0.61
C THR D 207 -26.55 -3.47 1.70
N GLN D 208 -25.45 -3.75 2.41
CA GLN D 208 -24.98 -2.87 3.51
C GLN D 208 -24.35 -1.62 2.93
N VAL D 209 -25.11 -0.53 2.86
CA VAL D 209 -24.67 0.76 2.26
C VAL D 209 -23.38 1.31 2.89
N CYS D 210 -23.14 1.10 4.19
CA CYS D 210 -21.91 1.58 4.89
C CYS D 210 -20.61 0.95 4.34
N LYS D 211 -20.65 -0.19 3.65
CA LYS D 211 -19.44 -0.82 3.09
C LYS D 211 -19.16 -0.30 1.67
N PHE D 212 -19.98 0.59 1.12
CA PHE D 212 -19.83 0.99 -0.31
C PHE D 212 -19.76 2.51 -0.51
N THR D 213 -19.56 3.29 0.53
CA THR D 213 -19.57 4.76 0.35
C THR D 213 -18.43 5.26 -0.55
N LYS D 214 -17.29 4.58 -0.62
CA LYS D 214 -16.23 5.08 -1.50
C LYS D 214 -16.64 4.89 -2.96
N TRP D 215 -17.10 3.65 -3.32
CA TRP D 215 -17.53 3.33 -4.67
C TRP D 215 -18.65 4.26 -5.12
N ILE D 216 -19.62 4.58 -4.22
CA ILE D 216 -20.73 5.49 -4.52
C ILE D 216 -20.24 6.88 -4.94
N ASN D 217 -19.38 7.51 -4.15
CA ASN D 217 -18.85 8.85 -4.42
C ASN D 217 -17.88 8.88 -5.61
N ASP D 218 -17.00 7.87 -5.74
CA ASP D 218 -16.05 7.81 -6.86
C ASP D 218 -16.77 7.57 -8.18
N THR D 219 -17.83 6.69 -8.19
CA THR D 219 -18.61 6.42 -9.42
C THR D 219 -19.36 7.67 -9.87
N MET D 220 -19.98 8.40 -8.95
CA MET D 220 -20.62 9.66 -9.34
C MET D 220 -19.62 10.69 -9.85
N LYS D 221 -18.41 10.74 -9.24
CA LYS D 221 -17.34 11.66 -9.66
C LYS D 221 -16.79 11.28 -11.06
N LYS D 222 -16.55 9.97 -11.32
CA LYS D 222 -16.05 9.44 -12.60
C LYS D 222 -17.03 9.69 -13.76
N HIS D 223 -18.36 9.62 -13.51
CA HIS D 223 -19.38 9.81 -14.54
C HIS D 223 -20.19 11.11 -14.44
N ARG D 224 -19.64 12.14 -13.74
CA ARG D 224 -20.24 13.47 -13.60
C ARG D 224 -20.09 14.25 -14.90
N ILE E 1 33.69 -10.47 22.25
CA ILE E 1 34.79 -11.31 22.75
C ILE E 1 34.78 -12.62 21.95
N ILE E 2 35.91 -13.00 21.35
CA ILE E 2 36.03 -14.21 20.53
C ILE E 2 36.69 -15.30 21.35
N ASP E 3 36.14 -16.52 21.34
CA ASP E 3 36.63 -17.72 22.02
C ASP E 3 36.78 -17.55 23.56
N GLY E 4 35.89 -16.75 24.13
CA GLY E 4 35.85 -16.54 25.56
C GLY E 4 34.75 -17.39 26.18
N ALA E 5 34.32 -17.04 27.42
CA ALA E 5 33.24 -17.71 28.14
C ALA E 5 32.54 -16.68 29.02
N PRO E 6 31.29 -16.90 29.47
CA PRO E 6 30.65 -15.94 30.37
C PRO E 6 31.49 -15.69 31.62
N CYS E 7 31.63 -14.41 31.98
CA CYS E 7 32.33 -14.00 33.18
C CYS E 7 31.55 -14.55 34.35
N ALA E 8 32.24 -15.00 35.41
CA ALA E 8 31.58 -15.48 36.62
C ALA E 8 30.78 -14.30 37.23
N ARG E 9 29.54 -14.58 37.66
CA ARG E 9 28.62 -13.60 38.25
C ARG E 9 29.27 -12.76 39.37
N GLY E 10 29.10 -11.45 39.27
CA GLY E 10 29.66 -10.48 40.22
C GLY E 10 31.15 -10.22 40.16
N SER E 11 31.90 -10.86 39.24
CA SER E 11 33.36 -10.69 39.13
C SER E 11 33.78 -9.41 38.35
N HIS E 12 32.82 -8.67 37.75
CA HIS E 12 33.10 -7.45 36.99
C HIS E 12 32.21 -6.27 37.42
N PRO E 13 32.19 -5.88 38.72
CA PRO E 13 31.31 -4.77 39.12
C PRO E 13 31.68 -3.39 38.56
N TRP E 14 32.88 -3.26 37.99
CA TRP E 14 33.38 -2.01 37.42
C TRP E 14 33.06 -1.91 35.93
N GLN E 15 32.58 -3.01 35.34
CA GLN E 15 32.23 -3.06 33.93
C GLN E 15 30.90 -2.33 33.66
N VAL E 16 30.89 -1.45 32.66
CA VAL E 16 29.67 -0.75 32.25
C VAL E 16 29.50 -0.91 30.73
N ALA E 17 28.30 -0.64 30.21
CA ALA E 17 28.08 -0.64 28.76
C ALA E 17 27.47 0.70 28.38
N LEU E 18 27.91 1.26 27.24
CA LEU E 18 27.35 2.51 26.68
C LEU E 18 26.41 2.02 25.62
N LEU E 19 25.14 2.43 25.77
CA LEU E 19 24.05 2.04 24.90
C LEU E 19 23.53 3.23 24.12
N SER E 20 23.02 2.94 22.92
CA SER E 20 22.36 3.91 22.06
C SER E 20 21.15 3.25 21.42
N GLY E 21 20.00 3.85 21.67
CA GLY E 21 18.73 3.35 21.15
C GLY E 21 18.48 1.92 21.59
N ASN E 22 18.89 1.61 22.82
CA ASN E 22 18.76 0.31 23.48
C ASN E 22 19.63 -0.76 22.82
N GLN E 23 20.67 -0.32 22.11
CA GLN E 23 21.66 -1.18 21.45
C GLN E 23 23.04 -0.90 22.03
N LEU E 24 23.86 -1.95 22.14
CA LEU E 24 25.23 -1.80 22.60
C LEU E 24 26.02 -0.94 21.63
N HIS E 25 26.66 0.09 22.17
CA HIS E 25 27.54 0.98 21.44
C HIS E 25 29.00 0.65 21.80
N CYS E 26 29.32 0.64 23.10
CA CYS E 26 30.68 0.43 23.60
C CYS E 26 30.64 -0.18 24.98
N GLY E 27 31.80 -0.62 25.44
CA GLY E 27 32.07 -1.02 26.81
C GLY E 27 32.64 0.19 27.53
N GLY E 28 32.93 0.02 28.79
CA GLY E 28 33.52 1.06 29.63
C GLY E 28 33.81 0.55 31.02
N VAL E 29 34.43 1.42 31.83
CA VAL E 29 34.81 1.13 33.22
CA VAL E 29 34.81 1.13 33.22
C VAL E 29 34.41 2.24 34.13
N LEU E 30 33.85 1.89 35.28
CA LEU E 30 33.49 2.86 36.28
C LEU E 30 34.78 3.19 37.04
N VAL E 31 35.11 4.50 37.14
CA VAL E 31 36.31 5.02 37.81
C VAL E 31 35.91 5.53 39.22
N ASN E 32 34.75 6.15 39.31
CA ASN E 32 34.11 6.59 40.55
C ASN E 32 32.61 6.79 40.30
N GLU E 33 31.86 7.15 41.34
CA GLU E 33 30.41 7.37 41.27
C GLU E 33 30.01 8.35 40.18
N ARG E 34 30.91 9.20 39.70
CA ARG E 34 30.55 10.21 38.68
C ARG E 34 31.16 10.01 37.29
N TRP E 35 32.13 9.10 37.14
CA TRP E 35 32.89 8.97 35.89
C TRP E 35 33.10 7.57 35.40
N VAL E 36 32.96 7.42 34.06
CA VAL E 36 33.22 6.24 33.25
C VAL E 36 34.40 6.51 32.32
N LEU E 37 35.25 5.52 32.17
CA LEU E 37 36.41 5.59 31.29
C LEU E 37 36.16 4.63 30.16
N THR E 38 36.35 5.12 28.94
CA THR E 38 36.12 4.34 27.74
C THR E 38 37.08 4.86 26.63
N ALA E 39 36.90 4.37 25.39
CA ALA E 39 37.66 4.75 24.21
C ALA E 39 37.12 6.08 23.68
N ALA E 40 37.99 6.93 23.14
CA ALA E 40 37.58 8.20 22.49
C ALA E 40 36.75 7.93 21.23
N HIS E 41 36.96 6.73 20.59
N HIS E 41 36.96 6.74 20.59
CA HIS E 41 36.22 6.28 19.41
CA HIS E 41 36.22 6.28 19.41
C HIS E 41 34.70 6.12 19.70
C HIS E 41 34.70 6.19 19.70
N CYS E 42 34.33 5.99 20.99
CA CYS E 42 32.95 5.84 21.50
C CYS E 42 32.17 7.13 21.75
N LYS E 43 32.74 8.30 21.46
CA LYS E 43 32.11 9.63 21.57
C LYS E 43 30.72 9.69 20.95
N MET E 44 29.77 10.20 21.72
CA MET E 44 28.36 10.47 21.37
C MET E 44 27.96 11.77 22.09
N ASN E 45 26.86 12.39 21.68
CA ASN E 45 26.40 13.62 22.37
C ASN E 45 25.62 13.28 23.67
N GLU E 46 25.04 12.08 23.73
CA GLU E 46 24.29 11.55 24.88
C GLU E 46 24.65 10.09 25.00
N TYR E 47 24.72 9.60 26.22
CA TYR E 47 25.02 8.20 26.52
C TYR E 47 23.91 7.70 27.42
N THR E 48 23.67 6.40 27.40
CA THR E 48 22.83 5.65 28.34
C THR E 48 23.83 4.61 28.86
N VAL E 49 24.22 4.72 30.13
CA VAL E 49 25.20 3.82 30.75
C VAL E 49 24.42 2.73 31.53
N HIS E 50 24.77 1.44 31.29
CA HIS E 50 24.27 0.24 31.98
C HIS E 50 25.32 -0.16 33.00
N LEU E 51 24.92 -0.39 34.26
CA LEU E 51 25.83 -0.81 35.35
C LEU E 51 25.07 -1.77 36.23
N GLY E 52 25.77 -2.60 37.00
CA GLY E 52 25.08 -3.45 37.98
C GLY E 52 24.62 -4.81 37.50
N SER E 53 24.95 -5.22 36.25
CA SER E 53 24.58 -6.57 35.83
C SER E 53 25.42 -7.09 34.71
N ASP E 54 25.71 -8.39 34.78
CA ASP E 54 26.45 -9.12 33.74
C ASP E 54 25.55 -9.40 32.54
N THR E 55 24.22 -9.20 32.69
CA THR E 55 23.23 -9.40 31.62
C THR E 55 22.79 -8.04 31.05
N LEU E 56 23.08 -7.80 29.76
CA LEU E 56 22.62 -6.61 29.07
C LEU E 56 21.10 -6.70 29.02
N GLY E 57 20.41 -5.61 29.33
CA GLY E 57 18.94 -5.60 29.36
C GLY E 57 18.31 -6.25 30.58
N ASP E 58 19.05 -6.26 31.71
CA ASP E 58 18.53 -6.81 32.98
C ASP E 58 17.81 -5.65 33.62
N ARG E 59 16.58 -5.91 34.15
CA ARG E 59 15.75 -4.93 34.86
C ARG E 59 16.46 -4.45 36.14
N ARG E 60 17.31 -5.33 36.71
CA ARG E 60 18.08 -5.13 37.96
C ARG E 60 19.28 -4.17 37.80
N ALA E 61 19.76 -3.98 36.56
CA ALA E 61 20.87 -3.07 36.31
C ALA E 61 20.42 -1.61 36.39
N GLN E 62 21.38 -0.73 36.68
CA GLN E 62 21.19 0.70 36.74
C GLN E 62 21.34 1.25 35.34
N ARG E 63 20.56 2.28 35.04
CA ARG E 63 20.57 2.93 33.74
C ARG E 63 20.71 4.42 34.05
N ILE E 64 21.90 4.98 33.79
CA ILE E 64 22.21 6.38 34.05
C ILE E 64 22.57 7.07 32.75
N LYS E 65 21.94 8.22 32.51
CA LYS E 65 22.19 9.09 31.35
C LYS E 65 23.47 9.87 31.63
N ALA E 66 24.22 10.19 30.57
CA ALA E 66 25.45 11.00 30.62
C ALA E 66 25.39 11.95 29.44
N SER E 67 25.46 13.29 29.69
CA SER E 67 25.34 14.33 28.65
C SER E 67 26.67 15.08 28.40
N LYS E 68 27.71 14.74 29.16
CA LYS E 68 29.03 15.37 29.07
C LYS E 68 30.09 14.30 29.00
N SER E 69 31.11 14.57 28.14
CA SER E 69 32.22 13.66 27.89
C SER E 69 33.41 14.42 27.31
N PHE E 70 34.63 13.98 27.69
CA PHE E 70 35.88 14.62 27.38
C PHE E 70 36.89 13.63 26.88
N ARG E 71 37.23 13.75 25.58
CA ARG E 71 38.22 12.93 24.90
C ARG E 71 39.59 13.47 25.25
N HIS E 72 40.61 12.59 25.20
CA HIS E 72 41.97 13.06 25.45
C HIS E 72 42.31 14.04 24.29
N PRO E 73 42.83 15.26 24.58
CA PRO E 73 43.19 16.22 23.50
C PRO E 73 44.09 15.68 22.40
N GLY E 74 44.97 14.76 22.72
CA GLY E 74 45.90 14.16 21.77
C GLY E 74 45.27 13.09 20.91
N TYR E 75 43.99 12.80 21.14
CA TYR E 75 43.27 11.80 20.37
C TYR E 75 43.25 12.11 18.88
N SER E 76 43.57 11.09 18.10
CA SER E 76 43.54 11.20 16.69
C SER E 76 42.69 10.11 16.07
N THR E 77 41.70 10.54 15.31
CA THR E 77 40.81 9.65 14.59
C THR E 77 41.52 8.82 13.52
N GLN E 78 42.57 9.37 12.94
CA GLN E 78 43.34 8.74 11.91
C GLN E 78 44.25 7.66 12.38
N THR E 79 44.93 7.90 13.49
CA THR E 79 45.91 6.94 13.94
C THR E 79 45.54 6.16 15.15
N HIS E 80 44.40 6.52 15.75
CA HIS E 80 43.84 5.91 16.97
C HIS E 80 44.70 6.13 18.25
N VAL E 81 45.61 7.08 18.22
CA VAL E 81 46.49 7.36 19.30
C VAL E 81 45.72 8.12 20.36
N ASN E 82 46.10 7.92 21.63
CA ASN E 82 45.44 8.56 22.79
C ASN E 82 43.93 8.26 22.79
N ASP E 83 43.59 6.97 22.57
CA ASP E 83 42.21 6.57 22.45
C ASP E 83 41.53 6.38 23.83
N LEU E 84 41.16 7.49 24.48
CA LEU E 84 40.49 7.43 25.77
C LEU E 84 39.64 8.67 25.98
N MET E 85 38.60 8.50 26.80
CA MET E 85 37.59 9.50 27.07
C MET E 85 36.95 9.30 28.40
N LEU E 86 36.61 10.40 29.03
CA LEU E 86 35.95 10.41 30.31
C LEU E 86 34.50 10.82 30.14
N VAL E 87 33.58 9.97 30.60
CA VAL E 87 32.13 10.16 30.48
C VAL E 87 31.59 10.57 31.86
N LYS E 88 30.99 11.78 31.93
CA LYS E 88 30.44 12.31 33.20
C LYS E 88 28.97 11.93 33.38
N LEU E 89 28.71 11.08 34.38
CA LEU E 89 27.36 10.59 34.67
C LEU E 89 26.49 11.74 35.15
N ASN E 90 25.23 11.87 34.65
CA ASN E 90 24.30 12.95 35.05
C ASN E 90 23.88 12.81 36.54
N SER E 91 23.91 11.57 37.04
CA SER E 91 23.62 11.23 38.43
C SER E 91 24.69 10.25 38.91
N GLN E 92 24.88 10.13 40.23
CA GLN E 92 25.88 9.24 40.78
C GLN E 92 25.54 7.78 40.65
N ALA E 93 26.54 6.93 40.31
CA ALA E 93 26.37 5.48 40.28
C ALA E 93 26.14 5.06 41.74
N ARG E 94 25.13 4.23 41.96
CA ARG E 94 24.79 3.77 43.31
C ARG E 94 25.61 2.53 43.59
N LEU E 95 26.72 2.70 44.36
CA LEU E 95 27.64 1.58 44.59
C LEU E 95 27.05 0.48 45.49
N SER E 96 27.53 -0.76 45.26
CA SER E 96 27.07 -1.98 45.93
C SER E 96 28.01 -3.10 45.53
N SER E 97 27.64 -4.36 45.82
CA SER E 97 28.40 -5.55 45.44
C SER E 97 28.49 -5.69 43.91
N MET E 98 27.50 -5.14 43.18
CA MET E 98 27.43 -5.22 41.71
C MET E 98 27.91 -3.97 40.95
N VAL E 99 28.17 -2.86 41.69
CA VAL E 99 28.65 -1.59 41.14
C VAL E 99 29.85 -1.13 42.03
N LYS E 100 31.08 -1.29 41.54
CA LYS E 100 32.30 -0.89 42.26
C LYS E 100 33.25 -0.18 41.32
N LYS E 101 34.15 0.67 41.84
CA LYS E 101 35.18 1.38 41.04
C LYS E 101 36.29 0.37 40.66
N VAL E 102 36.91 0.56 39.51
CA VAL E 102 38.04 -0.28 39.07
C VAL E 102 39.28 0.24 39.79
N ARG E 103 40.30 -0.61 40.04
CA ARG E 103 41.56 -0.12 40.59
C ARG E 103 42.34 0.41 39.41
N LEU E 104 42.67 1.71 39.42
CA LEU E 104 43.51 2.34 38.42
C LEU E 104 44.98 1.87 38.62
N PRO E 105 45.80 1.76 37.54
CA PRO E 105 47.18 1.26 37.72
C PRO E 105 48.14 2.31 38.27
N SER E 106 49.19 1.88 39.01
CA SER E 106 50.29 2.76 39.43
C SER E 106 51.49 2.45 38.51
N ARG E 107 51.61 1.19 38.07
CA ARG E 107 52.68 0.80 37.15
C ARG E 107 52.15 0.06 35.92
N CYS E 108 52.97 -0.06 34.89
CA CYS E 108 52.61 -0.79 33.64
C CYS E 108 52.99 -2.26 33.80
N GLU E 109 52.05 -3.17 33.64
CA GLU E 109 52.37 -4.61 33.77
C GLU E 109 53.15 -4.96 32.53
N PRO E 110 54.35 -5.85 32.49
CA PRO E 110 55.24 -6.19 31.38
C PRO E 110 54.73 -7.27 30.41
N PRO E 111 55.38 -7.46 29.23
CA PRO E 111 54.96 -8.51 28.31
C PRO E 111 54.99 -9.89 28.97
N GLY E 112 54.01 -10.74 28.63
CA GLY E 112 53.93 -12.08 29.20
C GLY E 112 52.92 -12.23 30.33
N THR E 113 52.49 -11.11 30.94
CA THR E 113 51.47 -11.07 32.02
C THR E 113 50.13 -11.52 31.46
N THR E 114 49.42 -12.40 32.19
CA THR E 114 48.12 -12.85 31.83
C THR E 114 47.15 -11.79 32.32
N CYS E 115 46.21 -11.48 31.45
CA CYS E 115 45.20 -10.47 31.63
C CYS E 115 43.85 -11.00 31.19
N THR E 116 42.78 -10.29 31.57
CA THR E 116 41.41 -10.63 31.19
C THR E 116 40.78 -9.41 30.59
N VAL E 117 40.15 -9.61 29.43
CA VAL E 117 39.38 -8.61 28.72
C VAL E 117 37.91 -9.04 28.74
N SER E 118 37.02 -8.06 28.91
CA SER E 118 35.60 -8.41 28.97
C SER E 118 34.72 -7.50 28.15
N GLY E 119 33.55 -8.00 27.77
CA GLY E 119 32.62 -7.21 26.98
C GLY E 119 31.39 -7.92 26.46
N TRP E 120 30.49 -7.13 25.88
CA TRP E 120 29.27 -7.64 25.25
C TRP E 120 29.37 -7.53 23.74
N GLY E 121 30.59 -7.50 23.20
CA GLY E 121 30.78 -7.41 21.77
C GLY E 121 30.50 -8.72 21.09
N THR E 122 30.53 -8.73 19.76
CA THR E 122 30.26 -9.92 18.97
C THR E 122 31.22 -11.07 19.35
N THR E 123 30.71 -12.31 19.36
CA THR E 123 31.44 -13.54 19.66
C THR E 123 31.89 -14.23 18.37
N THR E 124 31.43 -13.73 17.23
CA THR E 124 31.79 -14.22 15.89
C THR E 124 32.22 -13.04 14.99
N SER E 125 32.92 -13.32 13.89
CA SER E 125 33.34 -12.28 12.95
C SER E 125 33.62 -12.89 11.59
N PRO E 126 33.24 -12.30 10.43
CA PRO E 126 32.51 -11.02 10.21
C PRO E 126 31.03 -11.06 10.62
N ASP E 127 30.42 -12.26 10.57
CA ASP E 127 29.03 -12.50 10.95
C ASP E 127 28.85 -12.11 12.43
N VAL E 128 27.82 -11.31 12.79
CA VAL E 128 27.64 -10.80 14.18
C VAL E 128 26.75 -11.69 15.06
N THR E 129 27.14 -11.89 16.34
CA THR E 129 26.42 -12.67 17.36
C THR E 129 26.62 -11.88 18.64
N PHE E 130 25.62 -11.09 19.04
CA PHE E 130 25.72 -10.23 20.20
C PHE E 130 25.19 -10.90 21.45
N PRO E 131 26.05 -11.15 22.49
CA PRO E 131 25.56 -11.87 23.67
C PRO E 131 24.85 -10.99 24.68
N SER E 132 23.97 -11.59 25.45
CA SER E 132 23.27 -10.86 26.49
C SER E 132 24.12 -10.97 27.74
N ASP E 133 24.94 -12.05 27.89
CA ASP E 133 25.86 -12.26 29.02
C ASP E 133 27.30 -11.73 28.80
N LEU E 134 27.85 -11.07 29.79
CA LEU E 134 29.19 -10.56 29.79
C LEU E 134 30.19 -11.72 29.61
N MET E 135 31.06 -11.60 28.59
CA MET E 135 32.05 -12.58 28.17
C MET E 135 33.43 -12.12 28.58
N CYS E 136 34.29 -13.09 28.90
CA CYS E 136 35.63 -12.93 29.43
C CYS E 136 36.53 -13.78 28.62
N VAL E 137 37.75 -13.28 28.41
CA VAL E 137 38.79 -14.07 27.78
C VAL E 137 40.16 -13.71 28.38
N ASP E 138 40.97 -14.76 28.64
CA ASP E 138 42.34 -14.57 29.13
C ASP E 138 43.29 -14.46 27.96
N VAL E 139 44.03 -13.33 27.95
CA VAL E 139 45.05 -12.94 26.98
C VAL E 139 46.36 -12.60 27.69
N LYS E 140 47.48 -12.67 26.99
CA LYS E 140 48.79 -12.33 27.55
C LYS E 140 49.28 -11.01 26.90
N LEU E 141 49.97 -10.14 27.65
CA LEU E 141 50.54 -8.91 27.08
C LEU E 141 51.64 -9.23 26.11
N ILE E 142 51.64 -8.59 24.94
CA ILE E 142 52.61 -8.86 23.87
C ILE E 142 53.58 -7.69 23.78
N SER E 143 54.88 -7.97 23.71
CA SER E 143 55.91 -6.95 23.64
C SER E 143 55.72 -6.00 22.46
N PRO E 144 56.04 -4.69 22.61
CA PRO E 144 55.93 -3.78 21.46
C PRO E 144 56.74 -4.28 20.24
N GLN E 145 57.87 -4.97 20.47
CA GLN E 145 58.72 -5.55 19.41
C GLN E 145 57.95 -6.66 18.64
N ASP E 146 57.27 -7.57 19.34
CA ASP E 146 56.49 -8.64 18.67
C ASP E 146 55.26 -8.08 17.95
N CYS E 147 54.63 -7.05 18.56
CA CYS E 147 53.44 -6.43 18.03
C CYS E 147 53.72 -5.54 16.81
N THR E 148 54.91 -4.93 16.72
CA THR E 148 55.35 -4.09 15.60
C THR E 148 55.49 -4.95 14.34
N LYS E 149 55.78 -6.28 14.49
CA LYS E 149 55.89 -7.21 13.35
C LYS E 149 54.57 -7.29 12.56
N VAL E 150 53.45 -7.07 13.26
CA VAL E 150 52.11 -7.09 12.70
C VAL E 150 51.65 -5.67 12.27
N TYR E 151 51.74 -4.65 13.15
CA TYR E 151 51.15 -3.32 12.82
C TYR E 151 52.11 -2.20 12.42
N LYS E 152 53.43 -2.47 12.42
CA LYS E 152 54.51 -1.54 12.04
C LYS E 152 54.33 -0.14 12.65
N ASP E 153 54.50 0.93 11.86
CA ASP E 153 54.42 2.33 12.32
C ASP E 153 53.11 2.73 12.95
N LEU E 154 52.03 1.98 12.74
CA LEU E 154 50.73 2.29 13.36
C LEU E 154 50.78 2.21 14.89
N LEU E 155 51.54 1.25 15.43
CA LEU E 155 51.72 1.05 16.88
C LEU E 155 52.49 2.18 17.58
N GLU E 156 51.94 2.73 18.66
CA GLU E 156 52.60 3.84 19.42
C GLU E 156 52.98 3.34 20.80
N ASN E 157 53.82 4.09 21.51
CA ASN E 157 54.29 3.66 22.85
C ASN E 157 53.15 3.56 23.88
N SER E 158 52.11 4.39 23.75
CA SER E 158 50.96 4.40 24.69
C SER E 158 49.85 3.41 24.30
N MET E 159 50.14 2.51 23.36
CA MET E 159 49.22 1.42 22.95
C MET E 159 49.81 0.14 23.49
N LEU E 160 48.94 -0.76 23.88
CA LEU E 160 49.33 -2.04 24.49
C LEU E 160 48.74 -3.15 23.64
N CYS E 161 49.49 -4.22 23.41
CA CYS E 161 49.01 -5.38 22.62
C CYS E 161 48.82 -6.62 23.51
N ALA E 162 47.85 -7.44 23.16
CA ALA E 162 47.58 -8.68 23.91
C ALA E 162 46.87 -9.72 23.02
N GLY E 163 47.13 -10.99 23.29
CA GLY E 163 46.54 -12.10 22.55
C GLY E 163 47.20 -13.39 22.94
N ILE E 164 46.92 -14.46 22.21
CA ILE E 164 47.46 -15.79 22.53
C ILE E 164 48.04 -16.36 21.25
N PRO E 165 49.29 -16.89 21.27
CA PRO E 165 49.85 -17.46 20.05
C PRO E 165 48.96 -18.56 19.48
N ASP E 166 48.71 -18.54 18.15
CA ASP E 166 47.87 -19.51 17.42
C ASP E 166 46.49 -19.72 18.06
N SER E 167 45.84 -18.60 18.47
CA SER E 167 44.55 -18.64 19.11
C SER E 167 43.64 -17.47 18.66
N LYS E 168 42.34 -17.75 18.60
CA LYS E 168 41.36 -16.75 18.16
C LYS E 168 41.03 -15.75 19.26
N LYS E 169 41.37 -16.09 20.54
CA LYS E 169 41.04 -15.31 21.75
C LYS E 169 41.36 -13.83 21.58
N ASN E 170 40.32 -12.99 21.55
CA ASN E 170 40.47 -11.56 21.32
C ASN E 170 39.21 -10.78 21.64
N ALA E 171 39.31 -9.44 21.56
CA ALA E 171 38.18 -8.54 21.72
C ALA E 171 37.73 -8.20 20.28
N CYS E 172 36.47 -7.77 20.09
CA CYS E 172 35.90 -7.46 18.80
C CYS E 172 34.95 -6.26 18.91
N ASN E 173 34.31 -5.84 17.80
CA ASN E 173 33.37 -4.70 17.79
C ASN E 173 32.30 -4.83 18.92
N GLY E 174 32.11 -3.76 19.69
CA GLY E 174 31.17 -3.72 20.80
C GLY E 174 31.88 -3.83 22.15
N ASP E 175 33.09 -4.45 22.15
CA ASP E 175 33.97 -4.60 23.29
C ASP E 175 34.75 -3.30 23.52
N SER E 176 34.87 -2.44 22.49
CA SER E 176 35.55 -1.12 22.46
C SER E 176 35.34 -0.32 23.69
N GLY E 177 36.43 0.16 24.29
CA GLY E 177 36.35 0.96 25.51
C GLY E 177 36.32 0.14 26.76
N GLY E 178 36.08 -1.18 26.61
CA GLY E 178 35.97 -2.13 27.71
C GLY E 178 37.26 -2.46 28.43
N PRO E 179 37.19 -3.08 29.62
CA PRO E 179 38.43 -3.25 30.40
C PRO E 179 39.35 -4.43 30.09
N LEU E 180 40.64 -4.17 30.18
CA LEU E 180 41.70 -5.17 30.12
C LEU E 180 42.32 -5.03 31.52
N VAL E 181 42.12 -6.05 32.36
N VAL E 181 42.13 -6.05 32.36
CA VAL E 181 42.63 -6.08 33.72
CA VAL E 181 42.60 -6.08 33.75
C VAL E 181 43.73 -7.13 33.88
C VAL E 181 43.69 -7.14 33.93
N CYS E 182 44.81 -6.76 34.59
CA CYS E 182 45.96 -7.62 34.85
C CYS E 182 46.28 -7.47 36.33
N ARG E 183 46.36 -8.60 37.04
CA ARG E 183 46.75 -8.68 38.44
C ARG E 183 46.04 -7.59 39.31
N GLY E 184 44.74 -7.46 39.15
CA GLY E 184 43.95 -6.49 39.90
C GLY E 184 43.98 -5.03 39.50
N THR E 185 44.62 -4.67 38.36
CA THR E 185 44.56 -3.27 37.92
C THR E 185 44.11 -3.15 36.49
N LEU E 186 43.54 -1.99 36.18
CA LEU E 186 43.09 -1.68 34.80
C LEU E 186 44.34 -1.34 33.99
N GLN E 187 44.72 -2.20 33.07
CA GLN E 187 45.92 -2.00 32.23
C GLN E 187 45.52 -1.48 30.84
N GLY E 188 44.37 -1.89 30.31
CA GLY E 188 43.98 -1.43 28.97
C GLY E 188 42.48 -1.24 28.72
N LEU E 189 42.17 -0.41 27.71
CA LEU E 189 40.84 -0.15 27.18
C LEU E 189 40.88 -0.70 25.78
N VAL E 190 39.88 -1.54 25.36
CA VAL E 190 39.85 -2.12 24.00
C VAL E 190 39.86 -0.97 22.99
N SER E 191 40.80 -0.99 22.03
CA SER E 191 40.89 0.14 21.10
C SER E 191 40.65 -0.25 19.64
N TRP E 192 41.46 -1.18 19.13
CA TRP E 192 41.38 -1.65 17.73
C TRP E 192 42.10 -2.98 17.54
N GLY E 193 41.96 -3.52 16.35
CA GLY E 193 42.52 -4.79 15.95
C GLY E 193 42.26 -4.97 14.48
N THR E 194 42.57 -6.15 13.95
CA THR E 194 42.35 -6.46 12.55
C THR E 194 40.89 -6.86 12.38
N PHE E 195 40.36 -6.66 11.18
CA PHE E 195 38.98 -7.05 10.90
C PHE E 195 38.97 -7.93 9.64
N PRO E 196 38.37 -9.16 9.64
CA PRO E 196 37.58 -9.79 10.71
C PRO E 196 38.34 -10.10 12.00
N CYS E 197 37.63 -10.10 13.13
CA CYS E 197 38.15 -10.38 14.47
C CYS E 197 38.51 -11.85 14.62
N GLY E 198 39.35 -12.09 15.62
CA GLY E 198 39.77 -13.42 16.02
C GLY E 198 40.65 -14.15 15.06
N GLN E 199 41.50 -13.43 14.35
CA GLN E 199 42.44 -14.07 13.46
C GLN E 199 43.64 -14.40 14.33
N PRO E 200 44.14 -15.67 14.33
CA PRO E 200 45.30 -15.99 15.17
C PRO E 200 46.52 -15.14 14.82
N ASN E 201 47.34 -14.77 15.83
CA ASN E 201 48.58 -14.00 15.72
C ASN E 201 48.36 -12.54 15.25
N ASP E 202 47.11 -12.06 15.33
CA ASP E 202 46.74 -10.69 15.06
C ASP E 202 46.35 -10.17 16.44
N PRO E 203 47.25 -9.46 17.15
CA PRO E 203 46.93 -9.03 18.53
C PRO E 203 45.87 -7.92 18.63
N GLY E 204 45.20 -7.85 19.77
CA GLY E 204 44.27 -6.77 20.05
C GLY E 204 45.06 -5.57 20.54
N VAL E 205 44.65 -4.39 20.12
CA VAL E 205 45.38 -3.18 20.53
C VAL E 205 44.53 -2.41 21.53
N TYR E 206 45.19 -1.96 22.59
CA TYR E 206 44.55 -1.30 23.73
C TYR E 206 45.24 0.00 24.15
N THR E 207 44.45 0.92 24.65
CA THR E 207 44.97 2.18 25.24
C THR E 207 45.65 1.78 26.55
N GLN E 208 46.96 2.00 26.67
CA GLN E 208 47.72 1.63 27.89
C GLN E 208 47.41 2.64 29.00
N VAL E 209 46.50 2.27 29.88
CA VAL E 209 45.97 3.14 30.97
C VAL E 209 47.05 3.70 31.90
N CYS E 210 48.14 2.97 32.18
CA CYS E 210 49.22 3.48 33.07
C CYS E 210 49.88 4.78 32.56
N LYS E 211 49.86 5.05 31.26
CA LYS E 211 50.40 6.25 30.62
C LYS E 211 49.45 7.45 30.74
N PHE E 212 48.26 7.31 31.32
CA PHE E 212 47.30 8.43 31.31
C PHE E 212 46.70 8.78 32.67
N THR E 213 47.18 8.20 33.75
CA THR E 213 46.57 8.45 35.07
C THR E 213 46.59 9.93 35.48
N LYS E 214 47.61 10.69 35.10
CA LYS E 214 47.67 12.12 35.41
C LYS E 214 46.51 12.83 34.74
N TRP E 215 46.31 12.64 33.42
CA TRP E 215 45.22 13.24 32.63
C TRP E 215 43.86 12.78 33.17
N ILE E 216 43.73 11.47 33.48
CA ILE E 216 42.49 10.88 34.00
C ILE E 216 42.06 11.60 35.28
N ASN E 217 43.00 11.73 36.24
CA ASN E 217 42.75 12.35 37.54
C ASN E 217 42.59 13.87 37.45
N ASP E 218 43.38 14.52 36.59
CA ASP E 218 43.31 15.96 36.39
C ASP E 218 41.96 16.38 35.77
N THR E 219 41.45 15.63 34.78
CA THR E 219 40.18 15.92 34.08
C THR E 219 38.98 15.79 35.00
N MET E 220 38.96 14.73 35.83
CA MET E 220 37.86 14.50 36.78
C MET E 220 37.78 15.65 37.75
N LYS E 221 38.93 16.15 38.23
CA LYS E 221 39.01 17.31 39.13
C LYS E 221 38.60 18.60 38.38
N LYS E 222 39.03 18.76 37.12
CA LYS E 222 38.70 19.93 36.30
C LYS E 222 37.22 20.03 35.92
N HIS E 223 36.54 18.88 35.74
CA HIS E 223 35.13 18.86 35.35
C HIS E 223 34.19 18.22 36.40
N ARG E 224 34.48 18.41 37.70
CA ARG E 224 33.69 17.86 38.81
C ARG E 224 32.40 18.65 39.07
N ILE F 1 -71.57 5.21 -29.11
CA ILE F 1 -71.44 5.99 -27.87
C ILE F 1 -72.85 6.13 -27.19
N ILE F 2 -72.98 5.69 -25.93
CA ILE F 2 -74.26 5.75 -25.18
C ILE F 2 -74.33 7.06 -24.37
N ASP F 3 -75.41 7.85 -24.53
CA ASP F 3 -75.71 9.03 -23.69
C ASP F 3 -74.74 10.19 -23.84
N GLY F 4 -74.17 10.34 -25.02
CA GLY F 4 -73.28 11.46 -25.30
C GLY F 4 -73.96 12.52 -26.13
N ALA F 5 -73.19 13.13 -27.05
CA ALA F 5 -73.67 14.17 -27.94
C ALA F 5 -72.69 14.25 -29.12
N PRO F 6 -73.06 14.87 -30.27
CA PRO F 6 -72.09 14.97 -31.38
C PRO F 6 -70.79 15.67 -31.02
N CYS F 7 -69.67 15.16 -31.50
CA CYS F 7 -68.38 15.82 -31.26
C CYS F 7 -68.36 17.15 -31.99
N ALA F 8 -67.72 18.17 -31.42
CA ALA F 8 -67.51 19.48 -32.07
C ALA F 8 -66.81 19.21 -33.39
N ARG F 9 -67.26 19.80 -34.50
CA ARG F 9 -66.65 19.58 -35.83
C ARG F 9 -65.15 19.91 -35.82
N GLY F 10 -64.32 19.03 -36.39
CA GLY F 10 -62.87 19.23 -36.46
C GLY F 10 -62.04 18.99 -35.20
N SER F 11 -62.70 18.67 -34.07
CA SER F 11 -61.99 18.47 -32.82
C SER F 11 -61.39 17.05 -32.65
N HIS F 12 -61.67 16.10 -33.58
CA HIS F 12 -61.09 14.74 -33.51
C HIS F 12 -60.33 14.37 -34.80
N PRO F 13 -59.32 15.16 -35.22
CA PRO F 13 -58.64 14.85 -36.48
C PRO F 13 -57.79 13.58 -36.47
N TRP F 14 -57.56 13.01 -35.28
CA TRP F 14 -56.77 11.79 -35.10
C TRP F 14 -57.64 10.55 -35.09
N GLN F 15 -58.97 10.71 -35.08
CA GLN F 15 -59.95 9.63 -35.06
C GLN F 15 -60.14 9.08 -36.47
N VAL F 16 -60.13 7.74 -36.61
CA VAL F 16 -60.41 7.07 -37.88
C VAL F 16 -61.52 6.03 -37.65
N ALA F 17 -62.16 5.52 -38.74
CA ALA F 17 -63.08 4.40 -38.65
C ALA F 17 -62.48 3.26 -39.51
N LEU F 18 -62.53 2.02 -39.04
CA LEU F 18 -62.11 0.88 -39.86
C LEU F 18 -63.43 0.30 -40.38
N LEU F 19 -63.57 0.24 -41.71
CA LEU F 19 -64.76 -0.27 -42.37
C LEU F 19 -64.52 -1.62 -43.03
N SER F 20 -65.58 -2.39 -43.22
CA SER F 20 -65.53 -3.68 -43.91
C SER F 20 -66.80 -3.75 -44.76
N GLY F 21 -66.65 -3.64 -46.07
CA GLY F 21 -67.79 -3.64 -46.98
C GLY F 21 -68.63 -2.39 -46.80
N ASN F 22 -67.97 -1.26 -46.47
CA ASN F 22 -68.56 0.06 -46.20
C ASN F 22 -69.44 0.07 -44.96
N GLN F 23 -69.25 -0.93 -44.10
CA GLN F 23 -69.92 -1.06 -42.83
C GLN F 23 -68.89 -0.77 -41.73
N LEU F 24 -69.29 0.02 -40.74
CA LEU F 24 -68.47 0.31 -39.59
C LEU F 24 -68.13 -1.00 -38.88
N HIS F 25 -66.82 -1.23 -38.68
CA HIS F 25 -66.33 -2.39 -37.97
C HIS F 25 -65.80 -1.94 -36.62
N CYS F 26 -64.90 -0.94 -36.61
CA CYS F 26 -64.26 -0.47 -35.39
C CYS F 26 -63.87 0.98 -35.51
N GLY F 27 -63.47 1.51 -34.39
CA GLY F 27 -62.83 2.81 -34.35
C GLY F 27 -61.32 2.60 -34.31
N GLY F 28 -60.60 3.71 -34.33
CA GLY F 28 -59.14 3.70 -34.26
C GLY F 28 -58.55 5.09 -34.16
N VAL F 29 -57.22 5.14 -34.04
CA VAL F 29 -56.49 6.40 -33.99
C VAL F 29 -55.37 6.41 -34.95
N LEU F 30 -55.15 7.57 -35.59
CA LEU F 30 -54.00 7.76 -36.47
C LEU F 30 -52.78 8.05 -35.58
N VAL F 31 -51.75 7.18 -35.63
CA VAL F 31 -50.50 7.36 -34.88
C VAL F 31 -49.53 8.23 -35.72
N ASN F 32 -49.37 7.86 -36.98
CA ASN F 32 -48.57 8.64 -37.95
C ASN F 32 -49.14 8.39 -39.35
N GLU F 33 -48.50 8.97 -40.37
CA GLU F 33 -48.98 8.85 -41.76
C GLU F 33 -49.17 7.40 -42.23
N ARG F 34 -48.40 6.43 -41.74
CA ARG F 34 -48.50 5.03 -42.19
C ARG F 34 -49.19 4.13 -41.18
N TRP F 35 -49.54 4.60 -39.98
CA TRP F 35 -50.06 3.64 -38.96
C TRP F 35 -51.31 4.10 -38.21
N VAL F 36 -52.20 3.14 -37.92
CA VAL F 36 -53.45 3.29 -37.16
C VAL F 36 -53.38 2.35 -35.95
N LEU F 37 -53.74 2.85 -34.78
CA LEU F 37 -53.79 2.06 -33.57
C LEU F 37 -55.21 1.75 -33.26
N THR F 38 -55.47 0.47 -32.99
CA THR F 38 -56.83 0.03 -32.71
C THR F 38 -56.78 -1.17 -31.75
N ALA F 39 -57.93 -1.81 -31.48
CA ALA F 39 -58.04 -3.00 -30.64
C ALA F 39 -57.67 -4.23 -31.45
N ALA F 40 -57.02 -5.23 -30.82
CA ALA F 40 -56.68 -6.50 -31.49
C ALA F 40 -57.95 -7.28 -31.87
N HIS F 41 -59.07 -7.06 -31.13
N HIS F 41 -59.04 -7.07 -31.11
CA HIS F 41 -60.39 -7.66 -31.38
CA HIS F 41 -60.35 -7.69 -31.36
C HIS F 41 -60.88 -7.31 -32.80
C HIS F 41 -60.88 -7.30 -32.77
N CYS F 42 -60.44 -6.15 -33.32
CA CYS F 42 -60.80 -5.63 -34.64
C CYS F 42 -60.05 -6.23 -35.80
N LYS F 43 -59.24 -7.27 -35.57
CA LYS F 43 -58.45 -7.91 -36.62
C LYS F 43 -59.29 -8.35 -37.85
N MET F 44 -58.79 -8.00 -39.06
CA MET F 44 -59.31 -8.40 -40.37
C MET F 44 -58.13 -8.57 -41.32
N ASN F 45 -58.35 -9.28 -42.44
CA ASN F 45 -57.32 -9.47 -43.46
C ASN F 45 -57.07 -8.19 -44.23
N GLU F 46 -58.13 -7.36 -44.36
CA GLU F 46 -58.11 -6.10 -45.11
C GLU F 46 -59.00 -5.11 -44.38
N TYR F 47 -58.66 -3.82 -44.49
CA TYR F 47 -59.43 -2.76 -43.84
C TYR F 47 -59.61 -1.65 -44.82
N THR F 48 -60.71 -0.91 -44.66
CA THR F 48 -60.88 0.34 -45.38
C THR F 48 -60.85 1.38 -44.28
N VAL F 49 -59.91 2.33 -44.37
CA VAL F 49 -59.77 3.31 -43.30
C VAL F 49 -60.37 4.66 -43.73
N HIS F 50 -61.28 5.18 -42.92
CA HIS F 50 -61.94 6.47 -43.11
C HIS F 50 -61.18 7.46 -42.26
N LEU F 51 -60.72 8.55 -42.86
CA LEU F 51 -60.01 9.59 -42.10
C LEU F 51 -60.52 10.99 -42.54
N GLY F 52 -60.34 11.97 -41.67
CA GLY F 52 -60.63 13.36 -42.03
C GLY F 52 -62.03 13.87 -42.16
N SER F 53 -62.99 13.23 -41.49
CA SER F 53 -64.37 13.69 -41.41
C SER F 53 -65.06 13.08 -40.22
N ASP F 54 -65.96 13.90 -39.62
CA ASP F 54 -66.81 13.55 -38.50
C ASP F 54 -68.00 12.76 -38.98
N THR F 55 -68.30 12.87 -40.28
CA THR F 55 -69.39 12.18 -40.97
C THR F 55 -68.83 11.11 -41.88
N LEU F 56 -69.20 9.85 -41.64
CA LEU F 56 -68.83 8.73 -42.51
C LEU F 56 -69.50 8.87 -43.89
N GLY F 57 -68.74 8.62 -44.95
CA GLY F 57 -69.26 8.76 -46.30
C GLY F 57 -69.08 10.15 -46.89
N ASP F 58 -68.61 11.13 -46.06
CA ASP F 58 -68.33 12.49 -46.48
C ASP F 58 -67.34 12.44 -47.63
N ARG F 59 -67.66 13.15 -48.71
CA ARG F 59 -66.88 13.30 -49.95
C ARG F 59 -65.44 13.70 -49.62
N ARG F 60 -65.27 14.65 -48.69
CA ARG F 60 -63.97 15.21 -48.25
C ARG F 60 -63.07 14.27 -47.47
N ALA F 61 -63.64 13.18 -46.94
CA ALA F 61 -62.86 12.24 -46.15
C ALA F 61 -61.85 11.46 -46.99
N GLN F 62 -60.76 11.01 -46.39
CA GLN F 62 -59.79 10.18 -47.09
C GLN F 62 -60.18 8.74 -46.83
N ARG F 63 -59.97 7.90 -47.81
CA ARG F 63 -60.31 6.46 -47.69
C ARG F 63 -59.05 5.74 -48.13
N ILE F 64 -58.42 5.01 -47.23
CA ILE F 64 -57.14 4.34 -47.55
C ILE F 64 -57.28 2.86 -47.22
N LYS F 65 -56.85 2.00 -48.13
CA LYS F 65 -56.94 0.56 -47.84
C LYS F 65 -55.72 0.18 -47.02
N ALA F 66 -55.89 -0.86 -46.23
CA ALA F 66 -54.84 -1.42 -45.38
C ALA F 66 -54.93 -2.93 -45.45
N SER F 67 -53.86 -3.59 -45.92
CA SER F 67 -53.77 -5.05 -46.10
C SER F 67 -52.85 -5.70 -45.05
N LYS F 68 -52.22 -4.88 -44.17
CA LYS F 68 -51.32 -5.39 -43.14
C LYS F 68 -51.69 -4.90 -41.73
N SER F 69 -51.68 -5.82 -40.77
CA SER F 69 -51.99 -5.50 -39.38
C SER F 69 -51.27 -6.44 -38.42
N PHE F 70 -50.90 -5.93 -37.23
CA PHE F 70 -50.09 -6.67 -36.26
C PHE F 70 -50.70 -6.56 -34.87
N ARG F 71 -51.21 -7.71 -34.36
CA ARG F 71 -51.80 -7.73 -33.01
C ARG F 71 -50.69 -7.85 -32.00
N HIS F 72 -50.88 -7.30 -30.79
CA HIS F 72 -49.91 -7.46 -29.72
C HIS F 72 -49.82 -8.96 -29.43
N PRO F 73 -48.61 -9.59 -29.49
CA PRO F 73 -48.52 -11.06 -29.27
C PRO F 73 -49.13 -11.59 -27.98
N GLY F 74 -49.26 -10.72 -26.99
CA GLY F 74 -49.85 -11.08 -25.71
C GLY F 74 -51.35 -11.00 -25.71
N TYR F 75 -51.97 -10.75 -26.87
CA TYR F 75 -53.43 -10.67 -26.94
C TYR F 75 -54.08 -12.02 -26.71
N SER F 76 -55.13 -12.02 -25.89
CA SER F 76 -55.95 -13.17 -25.58
C SER F 76 -57.45 -12.92 -25.88
N THR F 77 -58.03 -13.76 -26.70
CA THR F 77 -59.43 -13.71 -27.03
C THR F 77 -60.25 -14.12 -25.83
N GLN F 78 -59.66 -14.94 -24.98
CA GLN F 78 -60.33 -15.45 -23.80
C GLN F 78 -60.54 -14.41 -22.73
N THR F 79 -59.55 -13.56 -22.52
CA THR F 79 -59.62 -12.56 -21.48
C THR F 79 -59.54 -11.09 -21.86
N HIS F 80 -59.22 -10.82 -23.12
CA HIS F 80 -59.11 -9.49 -23.75
C HIS F 80 -57.91 -8.70 -23.26
N VAL F 81 -56.98 -9.39 -22.58
CA VAL F 81 -55.73 -8.81 -22.11
C VAL F 81 -54.90 -8.48 -23.37
N ASN F 82 -54.19 -7.33 -23.35
CA ASN F 82 -53.31 -6.87 -24.42
C ASN F 82 -54.05 -6.61 -25.72
N ASP F 83 -55.25 -5.96 -25.61
CA ASP F 83 -56.16 -5.67 -26.72
C ASP F 83 -55.76 -4.42 -27.55
N LEU F 84 -54.72 -4.59 -28.37
CA LEU F 84 -54.23 -3.54 -29.25
C LEU F 84 -53.55 -4.11 -30.44
N MET F 85 -53.66 -3.40 -31.54
CA MET F 85 -53.16 -3.82 -32.83
C MET F 85 -52.81 -2.60 -33.62
N LEU F 86 -51.75 -2.72 -34.42
CA LEU F 86 -51.32 -1.67 -35.32
C LEU F 86 -51.71 -2.07 -36.71
N VAL F 87 -52.29 -1.10 -37.44
CA VAL F 87 -52.76 -1.27 -38.81
C VAL F 87 -51.87 -0.46 -39.71
N LYS F 88 -51.23 -1.14 -40.67
CA LYS F 88 -50.33 -0.51 -41.62
C LYS F 88 -51.09 -0.14 -42.88
N LEU F 89 -51.25 1.17 -43.11
CA LEU F 89 -51.92 1.76 -44.28
C LEU F 89 -51.17 1.39 -45.59
N ASN F 90 -51.87 1.21 -46.70
CA ASN F 90 -51.17 0.81 -47.94
C ASN F 90 -50.47 2.03 -48.53
N SER F 91 -51.03 3.20 -48.30
CA SER F 91 -50.44 4.49 -48.72
C SER F 91 -50.57 5.49 -47.56
N GLN F 92 -49.81 6.57 -47.59
CA GLN F 92 -49.74 7.50 -46.45
C GLN F 92 -50.99 8.39 -46.28
N ALA F 93 -51.38 8.62 -45.04
CA ALA F 93 -52.47 9.55 -44.74
C ALA F 93 -51.94 10.94 -45.07
N ARG F 94 -52.74 11.76 -45.70
CA ARG F 94 -52.31 13.13 -46.01
C ARG F 94 -52.67 13.99 -44.80
N LEU F 95 -51.67 14.48 -44.09
CA LEU F 95 -51.94 15.34 -42.92
C LEU F 95 -52.60 16.64 -43.43
N SER F 96 -53.56 17.13 -42.69
CA SER F 96 -54.36 18.29 -43.10
C SER F 96 -55.05 18.92 -41.86
N SER F 97 -55.95 19.89 -42.08
CA SER F 97 -56.69 20.52 -41.01
C SER F 97 -57.69 19.53 -40.39
N MET F 98 -57.98 18.41 -41.09
CA MET F 98 -58.94 17.42 -40.63
C MET F 98 -58.32 16.04 -40.31
N VAL F 99 -57.00 15.90 -40.59
CA VAL F 99 -56.20 14.68 -40.40
C VAL F 99 -54.89 15.05 -39.68
N LYS F 100 -54.78 14.65 -38.40
CA LYS F 100 -53.65 14.91 -37.53
C LYS F 100 -53.26 13.63 -36.79
N LYS F 101 -52.00 13.55 -36.37
CA LYS F 101 -51.45 12.44 -35.58
C LYS F 101 -51.94 12.62 -34.11
N VAL F 102 -52.26 11.51 -33.40
CA VAL F 102 -52.67 11.54 -31.99
C VAL F 102 -51.45 11.83 -31.11
N ARG F 103 -51.65 12.47 -29.95
CA ARG F 103 -50.59 12.69 -29.00
C ARG F 103 -50.61 11.45 -28.11
N LEU F 104 -49.59 10.58 -28.27
CA LEU F 104 -49.45 9.36 -27.48
C LEU F 104 -49.09 9.69 -26.00
N PRO F 105 -49.32 8.80 -25.01
CA PRO F 105 -49.08 9.21 -23.64
C PRO F 105 -47.64 9.02 -23.14
N SER F 106 -47.23 9.86 -22.20
CA SER F 106 -45.93 9.74 -21.52
C SER F 106 -46.21 9.07 -20.15
N ARG F 107 -47.14 9.65 -19.39
CA ARG F 107 -47.57 9.06 -18.09
C ARG F 107 -49.02 8.60 -18.17
N CYS F 108 -49.42 7.76 -17.23
CA CYS F 108 -50.82 7.31 -17.11
C CYS F 108 -51.58 8.39 -16.35
N GLU F 109 -52.75 8.80 -16.83
CA GLU F 109 -53.55 9.80 -16.09
C GLU F 109 -54.16 9.03 -14.94
N PRO F 110 -54.37 9.51 -13.55
CA PRO F 110 -54.90 8.83 -12.36
C PRO F 110 -56.43 8.69 -12.30
N PRO F 111 -56.97 7.80 -11.42
CA PRO F 111 -58.43 7.76 -11.25
C PRO F 111 -59.00 9.15 -10.91
N GLY F 112 -60.20 9.47 -11.39
CA GLY F 112 -60.82 10.77 -11.19
C GLY F 112 -60.68 11.74 -12.35
N THR F 113 -59.69 11.47 -13.26
CA THR F 113 -59.43 12.33 -14.45
C THR F 113 -60.64 12.26 -15.40
N THR F 114 -61.10 13.42 -15.88
CA THR F 114 -62.15 13.54 -16.89
C THR F 114 -61.51 13.25 -18.25
N CYS F 115 -62.16 12.39 -19.03
CA CYS F 115 -61.73 11.92 -20.34
C CYS F 115 -62.89 11.97 -21.28
N THR F 116 -62.64 11.90 -22.59
CA THR F 116 -63.69 11.85 -23.60
C THR F 116 -63.47 10.64 -24.47
N VAL F 117 -64.51 9.87 -24.69
CA VAL F 117 -64.48 8.71 -25.60
C VAL F 117 -65.35 9.04 -26.80
N SER F 118 -64.83 8.77 -28.00
CA SER F 118 -65.51 9.09 -29.22
C SER F 118 -65.69 7.86 -30.13
N GLY F 119 -66.78 7.87 -30.90
CA GLY F 119 -67.06 6.78 -31.82
C GLY F 119 -68.30 6.93 -32.67
N TRP F 120 -68.38 6.06 -33.69
CA TRP F 120 -69.52 5.98 -34.60
C TRP F 120 -70.35 4.74 -34.23
N GLY F 121 -70.06 4.13 -33.07
CA GLY F 121 -70.73 2.93 -32.60
C GLY F 121 -72.17 3.20 -32.25
N THR F 122 -72.93 2.12 -31.94
CA THR F 122 -74.36 2.29 -31.60
C THR F 122 -74.60 3.25 -30.43
N THR F 123 -75.69 4.04 -30.52
CA THR F 123 -76.03 4.99 -29.45
C THR F 123 -77.10 4.43 -28.52
N THR F 124 -77.56 3.21 -28.79
CA THR F 124 -78.58 2.49 -28.05
C THR F 124 -78.10 1.05 -27.85
N SER F 125 -78.68 0.34 -26.87
CA SER F 125 -78.37 -1.06 -26.56
C SER F 125 -79.57 -1.64 -25.78
N PRO F 126 -80.10 -2.87 -26.05
CA PRO F 126 -79.67 -3.91 -27.02
C PRO F 126 -79.86 -3.55 -28.50
N ASP F 127 -80.95 -2.87 -28.84
CA ASP F 127 -81.29 -2.42 -30.20
C ASP F 127 -80.18 -1.50 -30.69
N VAL F 128 -79.73 -1.69 -31.96
CA VAL F 128 -78.64 -0.91 -32.55
C VAL F 128 -79.14 0.31 -33.30
N THR F 129 -78.50 1.45 -33.09
CA THR F 129 -78.81 2.73 -33.73
C THR F 129 -77.47 3.39 -34.07
N PHE F 130 -77.07 3.36 -35.35
CA PHE F 130 -75.81 3.95 -35.80
C PHE F 130 -75.97 5.39 -36.25
N PRO F 131 -75.23 6.36 -35.63
CA PRO F 131 -75.32 7.75 -36.10
C PRO F 131 -74.44 7.99 -37.34
N SER F 132 -74.72 9.09 -38.04
CA SER F 132 -73.91 9.49 -39.21
C SER F 132 -72.65 10.18 -38.70
N ASP F 133 -72.85 11.10 -37.73
CA ASP F 133 -71.80 11.92 -37.12
C ASP F 133 -71.18 11.30 -35.90
N LEU F 134 -69.89 11.62 -35.71
CA LEU F 134 -69.05 11.18 -34.60
C LEU F 134 -69.63 11.63 -33.26
N MET F 135 -69.82 10.70 -32.32
CA MET F 135 -70.41 11.01 -31.02
C MET F 135 -69.32 11.07 -29.96
N CYS F 136 -69.53 11.86 -28.89
CA CYS F 136 -68.59 12.08 -27.76
C CYS F 136 -69.27 11.92 -26.42
N VAL F 137 -68.57 11.39 -25.44
CA VAL F 137 -69.11 11.36 -24.09
C VAL F 137 -67.96 11.56 -23.07
N ASP F 138 -68.18 12.41 -22.07
CA ASP F 138 -67.21 12.68 -21.00
C ASP F 138 -67.38 11.67 -19.89
N VAL F 139 -66.31 10.91 -19.63
CA VAL F 139 -66.32 9.89 -18.56
C VAL F 139 -65.15 10.14 -17.62
N LYS F 140 -65.19 9.54 -16.42
CA LYS F 140 -64.09 9.69 -15.47
C LYS F 140 -63.38 8.37 -15.29
N LEU F 141 -62.05 8.44 -15.11
CA LEU F 141 -61.23 7.27 -14.82
C LEU F 141 -61.58 6.72 -13.43
N ILE F 142 -61.78 5.39 -13.34
CA ILE F 142 -62.18 4.67 -12.13
C ILE F 142 -61.00 3.82 -11.69
N SER F 143 -60.71 3.83 -10.37
CA SER F 143 -59.63 3.05 -9.77
C SER F 143 -59.78 1.54 -10.03
N PRO F 144 -58.66 0.80 -10.26
CA PRO F 144 -58.78 -0.66 -10.46
C PRO F 144 -59.51 -1.38 -9.31
N GLN F 145 -59.36 -0.83 -8.08
CA GLN F 145 -59.98 -1.32 -6.85
C GLN F 145 -61.49 -1.25 -6.91
N ASP F 146 -62.04 -0.14 -7.45
CA ASP F 146 -63.48 0.06 -7.63
C ASP F 146 -64.03 -0.74 -8.80
N CYS F 147 -63.24 -0.87 -9.88
CA CYS F 147 -63.62 -1.61 -11.09
C CYS F 147 -63.67 -3.15 -10.81
N THR F 148 -62.78 -3.66 -9.94
CA THR F 148 -62.72 -5.07 -9.48
C THR F 148 -64.01 -5.46 -8.77
N LYS F 149 -64.69 -4.48 -8.17
CA LYS F 149 -65.96 -4.73 -7.47
C LYS F 149 -67.00 -5.25 -8.48
N VAL F 150 -66.84 -4.84 -9.75
CA VAL F 150 -67.72 -5.22 -10.85
C VAL F 150 -67.18 -6.41 -11.64
N TYR F 151 -65.91 -6.37 -12.09
CA TYR F 151 -65.36 -7.37 -13.00
C TYR F 151 -64.46 -8.42 -12.38
N LYS F 152 -64.11 -8.26 -11.09
CA LYS F 152 -63.29 -9.19 -10.31
C LYS F 152 -61.93 -9.52 -11.01
N ASP F 153 -61.56 -10.81 -11.09
CA ASP F 153 -60.31 -11.35 -11.65
C ASP F 153 -60.11 -11.15 -13.16
N LEU F 154 -61.16 -10.77 -13.91
CA LEU F 154 -61.08 -10.55 -15.36
C LEU F 154 -60.18 -9.33 -15.69
N LEU F 155 -60.19 -8.33 -14.81
CA LEU F 155 -59.38 -7.12 -14.92
C LEU F 155 -57.87 -7.37 -14.69
N GLU F 156 -57.06 -6.82 -15.59
CA GLU F 156 -55.58 -6.84 -15.49
C GLU F 156 -55.11 -5.41 -15.36
N ASN F 157 -53.87 -5.22 -14.92
CA ASN F 157 -53.31 -3.86 -14.68
C ASN F 157 -53.07 -3.04 -15.96
N SER F 158 -53.08 -3.66 -17.14
CA SER F 158 -52.93 -2.94 -18.43
C SER F 158 -54.30 -2.52 -18.98
N MET F 159 -55.36 -2.75 -18.22
CA MET F 159 -56.73 -2.33 -18.58
C MET F 159 -57.10 -1.11 -17.73
N LEU F 160 -57.76 -0.14 -18.33
CA LEU F 160 -58.20 1.11 -17.69
C LEU F 160 -59.74 1.09 -17.69
N CYS F 161 -60.37 1.56 -16.62
CA CYS F 161 -61.84 1.60 -16.51
C CYS F 161 -62.33 3.05 -16.46
N ALA F 162 -63.50 3.32 -17.04
CA ALA F 162 -64.08 4.66 -17.07
C ALA F 162 -65.61 4.60 -17.14
N GLY F 163 -66.25 5.60 -16.56
CA GLY F 163 -67.70 5.77 -16.51
C GLY F 163 -68.08 6.95 -15.62
N ILE F 164 -69.38 7.14 -15.38
CA ILE F 164 -69.91 8.20 -14.52
C ILE F 164 -70.86 7.54 -13.50
N PRO F 165 -70.70 7.72 -12.17
CA PRO F 165 -71.62 7.05 -11.23
C PRO F 165 -73.08 7.35 -11.56
N ASP F 166 -73.93 6.33 -11.42
CA ASP F 166 -75.39 6.40 -11.65
C ASP F 166 -75.76 7.02 -13.01
N SER F 167 -74.98 6.70 -14.05
CA SER F 167 -75.14 7.26 -15.38
C SER F 167 -74.89 6.22 -16.44
N LYS F 168 -75.68 6.27 -17.51
CA LYS F 168 -75.58 5.37 -18.65
C LYS F 168 -74.33 5.65 -19.50
N LYS F 169 -73.71 6.83 -19.37
CA LYS F 169 -72.59 7.29 -20.21
C LYS F 169 -71.53 6.23 -20.45
N ASN F 170 -71.34 5.81 -21.71
CA ASN F 170 -70.35 4.76 -22.00
C ASN F 170 -70.05 4.57 -23.47
N ALA F 171 -69.16 3.64 -23.80
CA ALA F 171 -68.86 3.30 -25.19
C ALA F 171 -69.66 2.00 -25.49
N CYS F 172 -69.86 1.67 -26.77
CA CYS F 172 -70.61 0.45 -27.14
C CYS F 172 -70.06 -0.15 -28.44
N ASN F 173 -70.69 -1.23 -28.97
CA ASN F 173 -70.23 -1.90 -30.19
C ASN F 173 -70.16 -0.96 -31.40
N GLY F 174 -68.99 -0.96 -32.06
CA GLY F 174 -68.69 -0.08 -33.16
C GLY F 174 -67.70 0.98 -32.69
N ASP F 175 -67.70 1.25 -31.36
CA ASP F 175 -66.75 2.14 -30.70
C ASP F 175 -65.40 1.45 -30.43
N SER F 176 -65.39 0.11 -30.36
CA SER F 176 -64.19 -0.73 -30.11
C SER F 176 -62.98 -0.22 -30.87
N GLY F 177 -61.84 -0.10 -30.19
CA GLY F 177 -60.60 0.35 -30.81
C GLY F 177 -60.48 1.86 -30.86
N GLY F 178 -61.56 2.55 -30.57
CA GLY F 178 -61.62 4.00 -30.58
C GLY F 178 -60.91 4.66 -29.43
N PRO F 179 -60.70 5.97 -29.53
CA PRO F 179 -59.93 6.65 -28.49
C PRO F 179 -60.65 7.14 -27.25
N LEU F 180 -59.94 7.03 -26.13
CA LEU F 180 -60.32 7.61 -24.85
C LEU F 180 -59.14 8.59 -24.60
N VAL F 181 -59.47 9.90 -24.65
CA VAL F 181 -58.48 10.96 -24.48
CA VAL F 181 -58.51 10.99 -24.50
C VAL F 181 -58.72 11.74 -23.18
N CYS F 182 -57.64 11.93 -22.39
CA CYS F 182 -57.56 12.63 -21.09
C CYS F 182 -56.43 13.62 -21.16
N ARG F 183 -56.70 14.88 -20.77
CA ARG F 183 -55.71 15.93 -20.69
C ARG F 183 -54.78 16.00 -21.94
N GLY F 184 -55.36 15.96 -23.13
CA GLY F 184 -54.60 16.06 -24.39
C GLY F 184 -53.82 14.85 -24.86
N THR F 185 -53.88 13.69 -24.15
CA THR F 185 -53.19 12.47 -24.58
C THR F 185 -54.13 11.29 -24.68
N LEU F 186 -53.73 10.34 -25.51
CA LEU F 186 -54.48 9.08 -25.71
C LEU F 186 -54.19 8.17 -24.52
N GLN F 187 -55.20 7.91 -23.69
CA GLN F 187 -55.03 7.09 -22.48
C GLN F 187 -55.60 5.68 -22.68
N GLY F 188 -56.63 5.55 -23.51
CA GLY F 188 -57.22 4.22 -23.71
C GLY F 188 -57.80 3.99 -25.08
N LEU F 189 -58.00 2.72 -25.41
CA LEU F 189 -58.66 2.25 -26.62
C LEU F 189 -59.84 1.46 -26.12
N VAL F 190 -61.08 1.67 -26.67
CA VAL F 190 -62.30 0.95 -26.23
C VAL F 190 -62.07 -0.55 -26.39
N SER F 191 -62.29 -1.32 -25.33
CA SER F 191 -62.01 -2.76 -25.40
C SER F 191 -63.25 -3.63 -25.16
N TRP F 192 -63.86 -3.56 -23.97
CA TRP F 192 -65.03 -4.37 -23.62
C TRP F 192 -65.81 -3.71 -22.49
N GLY F 193 -66.97 -4.26 -22.21
CA GLY F 193 -67.84 -3.79 -21.14
C GLY F 193 -68.94 -4.78 -20.94
N THR F 194 -70.00 -4.36 -20.30
CA THR F 194 -71.12 -5.26 -20.09
C THR F 194 -72.04 -5.13 -21.29
N PHE F 195 -72.79 -6.20 -21.57
CA PHE F 195 -73.78 -6.18 -22.63
C PHE F 195 -75.10 -6.56 -22.01
N PRO F 196 -76.17 -5.75 -22.17
CA PRO F 196 -76.26 -4.51 -22.96
C PRO F 196 -75.42 -3.34 -22.43
N CYS F 197 -75.01 -2.47 -23.31
CA CYS F 197 -74.26 -1.25 -23.06
C CYS F 197 -75.09 -0.25 -22.29
N GLY F 198 -74.39 0.73 -21.72
CA GLY F 198 -74.95 1.85 -21.00
C GLY F 198 -75.63 1.51 -19.69
N GLN F 199 -75.19 0.43 -19.00
CA GLN F 199 -75.81 0.15 -17.69
C GLN F 199 -75.12 1.01 -16.62
N PRO F 200 -75.90 1.77 -15.82
CA PRO F 200 -75.29 2.59 -14.75
C PRO F 200 -74.43 1.75 -13.81
N ASN F 201 -73.25 2.27 -13.41
CA ASN F 201 -72.27 1.68 -12.48
C ASN F 201 -71.57 0.42 -13.04
N ASP F 202 -71.66 0.21 -14.38
CA ASP F 202 -70.94 -0.84 -15.12
C ASP F 202 -69.88 -0.10 -15.93
N PRO F 203 -68.61 -0.04 -15.48
CA PRO F 203 -67.63 0.77 -16.23
C PRO F 203 -67.27 0.19 -17.59
N GLY F 204 -66.82 1.05 -18.48
CA GLY F 204 -66.28 0.62 -19.78
C GLY F 204 -64.84 0.20 -19.51
N VAL F 205 -64.39 -0.87 -20.15
CA VAL F 205 -62.98 -1.30 -19.98
C VAL F 205 -62.17 -0.94 -21.22
N TYR F 206 -61.01 -0.33 -21.01
CA TYR F 206 -60.14 0.14 -22.10
C TYR F 206 -58.71 -0.41 -22.02
N THR F 207 -58.06 -0.55 -23.17
CA THR F 207 -56.64 -0.95 -23.20
C THR F 207 -55.85 0.28 -22.73
N GLN F 208 -55.10 0.18 -21.63
CA GLN F 208 -54.32 1.34 -21.09
C GLN F 208 -53.10 1.58 -21.98
N VAL F 209 -53.19 2.56 -22.87
CA VAL F 209 -52.15 2.90 -23.88
C VAL F 209 -50.78 3.26 -23.27
N CYS F 210 -50.71 3.79 -22.05
CA CYS F 210 -49.41 4.15 -21.40
C CYS F 210 -48.56 2.92 -21.03
N LYS F 211 -49.11 1.72 -21.02
CA LYS F 211 -48.36 0.48 -20.69
C LYS F 211 -47.80 -0.18 -21.95
N PHE F 212 -48.02 0.38 -23.15
CA PHE F 212 -47.59 -0.28 -24.41
C PHE F 212 -46.85 0.67 -25.36
N THR F 213 -46.32 1.79 -24.87
CA THR F 213 -45.64 2.77 -25.74
C THR F 213 -44.38 2.17 -26.37
N LYS F 214 -43.71 1.26 -25.67
CA LYS F 214 -42.51 0.62 -26.23
C LYS F 214 -42.91 -0.28 -27.40
N TRP F 215 -43.89 -1.17 -27.18
CA TRP F 215 -44.37 -2.07 -28.24
C TRP F 215 -44.88 -1.29 -29.45
N ILE F 216 -45.69 -0.22 -29.21
CA ILE F 216 -46.22 0.61 -30.29
C ILE F 216 -45.08 1.14 -31.20
N ASN F 217 -44.09 1.78 -30.58
CA ASN F 217 -42.96 2.39 -31.29
C ASN F 217 -42.03 1.37 -31.94
N ASP F 218 -41.75 0.22 -31.27
CA ASP F 218 -40.90 -0.82 -31.82
C ASP F 218 -41.48 -1.49 -33.06
N THR F 219 -42.79 -1.77 -33.05
CA THR F 219 -43.56 -2.41 -34.12
C THR F 219 -43.58 -1.55 -35.36
N MET F 220 -43.89 -0.24 -35.20
CA MET F 220 -43.87 0.70 -36.32
C MET F 220 -42.49 0.76 -36.97
N LYS F 221 -41.42 0.73 -36.15
CA LYS F 221 -40.05 0.73 -36.63
C LYS F 221 -39.71 -0.57 -37.40
N LYS F 222 -39.95 -1.76 -36.77
CA LYS F 222 -39.64 -3.05 -37.42
C LYS F 222 -40.40 -3.29 -38.74
N HIS F 223 -41.71 -2.96 -38.78
CA HIS F 223 -42.55 -3.25 -39.95
C HIS F 223 -42.70 -2.07 -40.94
N ARG F 224 -41.88 -1.01 -40.81
CA ARG F 224 -41.86 0.16 -41.70
C ARG F 224 -41.20 -0.24 -43.03
N ILE G 1 69.22 31.52 15.00
CA ILE G 1 68.93 31.58 13.56
C ILE G 1 70.27 31.47 12.78
N ILE G 2 70.41 30.42 11.94
CA ILE G 2 71.58 30.12 11.09
C ILE G 2 71.39 30.73 9.70
N ASP G 3 72.43 31.45 9.22
CA ASP G 3 72.51 32.07 7.91
C ASP G 3 71.39 33.12 7.68
N GLY G 4 71.09 33.87 8.73
CA GLY G 4 70.07 34.91 8.69
C GLY G 4 70.61 36.32 8.64
N ALA G 5 69.78 37.28 9.03
CA ALA G 5 70.12 38.69 9.09
C ALA G 5 69.23 39.32 10.15
N PRO G 6 69.57 40.50 10.73
CA PRO G 6 68.70 41.05 11.79
C PRO G 6 67.36 41.48 11.23
N CYS G 7 66.28 41.29 12.02
CA CYS G 7 64.93 41.68 11.60
C CYS G 7 64.84 43.20 11.52
N ALA G 8 63.95 43.70 10.63
CA ALA G 8 63.69 45.13 10.47
C ALA G 8 63.12 45.58 11.81
N ARG G 9 63.70 46.63 12.41
CA ARG G 9 63.25 47.15 13.72
C ARG G 9 61.73 47.38 13.73
N GLY G 10 61.07 46.80 14.73
CA GLY G 10 59.63 46.89 14.93
C GLY G 10 58.76 45.95 14.10
N SER G 11 59.37 45.07 13.30
CA SER G 11 58.61 44.15 12.45
C SER G 11 58.08 42.91 13.18
N HIS G 12 58.59 42.61 14.40
CA HIS G 12 58.12 41.46 15.17
C HIS G 12 57.51 41.85 16.55
N PRO G 13 56.41 42.66 16.63
CA PRO G 13 55.87 43.03 17.96
C PRO G 13 55.15 41.90 18.74
N TRP G 14 55.03 40.71 18.13
CA TRP G 14 54.37 39.55 18.77
C TRP G 14 55.41 38.60 19.32
N GLN G 15 56.66 38.74 18.88
CA GLN G 15 57.79 37.93 19.32
C GLN G 15 58.14 38.19 20.81
N VAL G 16 58.22 37.12 21.60
CA VAL G 16 58.64 37.23 23.00
C VAL G 16 59.86 36.33 23.27
N ALA G 17 60.59 36.63 24.35
CA ALA G 17 61.70 35.80 24.80
C ALA G 17 61.40 35.36 26.22
N LEU G 18 61.64 34.08 26.49
CA LEU G 18 61.46 33.51 27.82
C LEU G 18 62.83 33.41 28.39
N LEU G 19 63.10 34.23 29.43
CA LEU G 19 64.41 34.29 30.08
C LEU G 19 64.43 33.52 31.41
N SER G 20 65.60 32.95 31.74
CA SER G 20 65.88 32.19 32.95
C SER G 20 67.20 32.75 33.49
N GLY G 21 67.13 33.47 34.61
CA GLY G 21 68.30 34.11 35.21
C GLY G 21 68.97 35.10 34.27
N ASN G 22 68.13 35.89 33.55
CA ASN G 22 68.54 36.91 32.57
C ASN G 22 69.32 36.30 31.37
N GLN G 23 69.13 34.98 31.13
CA GLN G 23 69.72 34.24 30.01
C GLN G 23 68.54 33.76 29.16
N LEU G 24 68.72 33.73 27.83
CA LEU G 24 67.71 33.27 26.90
C LEU G 24 67.49 31.76 27.06
N HIS G 25 66.23 31.40 27.33
CA HIS G 25 65.81 30.02 27.51
C HIS G 25 65.10 29.58 26.26
N CYS G 26 64.09 30.36 25.83
CA CYS G 26 63.27 30.08 24.65
C CYS G 26 62.72 31.31 23.98
N GLY G 27 62.18 31.10 22.79
CA GLY G 27 61.44 32.06 22.01
C GLY G 27 59.96 31.88 22.31
N GLY G 28 59.14 32.77 21.79
CA GLY G 28 57.70 32.68 22.02
C GLY G 28 56.90 33.63 21.15
N VAL G 29 55.56 33.62 21.35
CA VAL G 29 54.62 34.50 20.64
C VAL G 29 53.56 34.99 21.60
N LEU G 30 53.20 36.27 21.48
CA LEU G 30 52.15 36.83 22.30
C LEU G 30 50.80 36.52 21.60
N VAL G 31 49.92 35.77 22.29
CA VAL G 31 48.58 35.42 21.78
C VAL G 31 47.61 36.57 22.13
N ASN G 32 47.65 37.01 23.40
CA ASN G 32 46.86 38.12 23.95
C ASN G 32 47.58 38.71 25.18
N GLU G 33 47.00 39.76 25.78
CA GLU G 33 47.56 40.47 26.95
C GLU G 33 47.87 39.55 28.13
N ARG G 34 47.30 38.34 28.15
CA ARG G 34 47.47 37.39 29.25
C ARG G 34 48.28 36.15 28.88
N TRP G 35 48.34 35.80 27.58
CA TRP G 35 48.93 34.55 27.12
C TRP G 35 50.06 34.66 26.13
N VAL G 36 51.04 33.77 26.32
CA VAL G 36 52.22 33.56 25.50
C VAL G 36 52.17 32.10 25.01
N LEU G 37 52.35 31.88 23.69
CA LEU G 37 52.40 30.53 23.12
C LEU G 37 53.86 30.21 22.82
N THR G 38 54.30 29.01 23.19
CA THR G 38 55.71 28.56 22.99
C THR G 38 55.71 27.02 22.85
N ALA G 39 56.90 26.37 22.93
CA ALA G 39 57.06 24.93 22.87
C ALA G 39 56.94 24.34 24.28
N ALA G 40 56.38 23.13 24.39
CA ALA G 40 56.23 22.41 25.67
C ALA G 40 57.62 22.03 26.26
N HIS G 41 58.65 21.97 25.38
N HIS G 41 58.65 21.95 25.38
CA HIS G 41 60.04 21.66 25.72
CA HIS G 41 60.03 21.65 25.73
C HIS G 41 60.66 22.78 26.58
C HIS G 41 60.64 22.76 26.62
N CYS G 42 60.10 23.99 26.50
CA CYS G 42 60.54 25.20 27.23
C CYS G 42 59.92 25.34 28.62
N LYS G 43 59.23 24.28 29.11
CA LYS G 43 58.59 24.25 30.42
C LYS G 43 59.57 24.61 31.54
N MET G 44 59.16 25.54 32.40
CA MET G 44 59.85 25.99 33.60
C MET G 44 58.79 26.29 34.67
N ASN G 45 59.19 26.36 35.96
CA ASN G 45 58.21 26.67 37.04
C ASN G 45 57.83 28.13 37.04
N GLU G 46 58.80 28.97 36.68
CA GLU G 46 58.64 30.41 36.60
C GLU G 46 59.25 30.88 35.29
N TYR G 47 58.79 32.03 34.78
CA TYR G 47 59.30 32.63 33.55
C TYR G 47 59.46 34.12 33.78
N THR G 48 60.43 34.71 33.08
CA THR G 48 60.61 36.16 32.94
C THR G 48 60.38 36.37 31.44
N VAL G 49 59.32 37.07 31.09
CA VAL G 49 58.97 37.27 29.69
C VAL G 49 59.43 38.63 29.23
N HIS G 50 60.19 38.64 28.13
CA HIS G 50 60.70 39.83 27.48
C HIS G 50 59.72 40.18 26.39
N LEU G 51 59.26 41.44 26.32
CA LEU G 51 58.33 41.92 25.28
C LEU G 51 58.70 43.34 24.91
N GLY G 52 58.35 43.75 23.70
CA GLY G 52 58.49 45.14 23.29
C GLY G 52 59.82 45.68 22.84
N SER G 53 60.75 44.79 22.42
CA SER G 53 62.06 45.15 21.87
C SER G 53 62.75 44.03 21.10
N ASP G 54 63.51 44.40 20.06
CA ASP G 54 64.29 43.48 19.23
C ASP G 54 65.63 43.19 19.88
N THR G 55 65.98 43.95 20.93
CA THR G 55 67.24 43.79 21.65
C THR G 55 67.01 43.21 23.03
N LEU G 56 67.61 42.04 23.30
CA LEU G 56 67.56 41.43 24.62
C LEU G 56 68.38 42.35 25.54
N GLY G 57 67.77 42.85 26.60
CA GLY G 57 68.45 43.74 27.54
C GLY G 57 68.11 45.20 27.42
N ASP G 58 67.22 45.55 26.48
CA ASP G 58 66.72 46.91 26.23
C ASP G 58 65.92 47.36 27.45
N ARG G 59 66.19 48.61 27.91
CA ARG G 59 65.52 49.20 29.07
C ARG G 59 64.04 49.46 28.75
N ARG G 60 63.76 49.94 27.51
CA ARG G 60 62.41 50.25 27.01
C ARG G 60 61.49 49.02 26.90
N ALA G 61 62.07 47.82 26.81
CA ALA G 61 61.34 46.55 26.74
C ALA G 61 60.62 46.25 28.08
N GLN G 62 59.46 45.56 27.98
CA GLN G 62 58.61 45.10 29.06
C GLN G 62 59.09 43.74 29.58
N ARG G 63 59.14 43.61 30.90
CA ARG G 63 59.54 42.39 31.58
C ARG G 63 58.42 41.97 32.49
N ILE G 64 57.83 40.80 32.19
CA ILE G 64 56.69 40.29 32.94
C ILE G 64 56.97 38.90 33.51
N LYS G 65 56.60 38.69 34.79
CA LYS G 65 56.75 37.39 35.43
C LYS G 65 55.55 36.50 35.04
N ALA G 66 55.80 35.20 34.87
CA ALA G 66 54.79 34.20 34.54
C ALA G 66 55.03 32.97 35.41
N SER G 67 54.10 32.69 36.33
CA SER G 67 54.22 31.56 37.26
C SER G 67 53.36 30.35 36.88
N LYS G 68 52.55 30.46 35.80
CA LYS G 68 51.66 29.37 35.34
C LYS G 68 51.89 29.02 33.86
N SER G 69 51.90 27.70 33.58
CA SER G 69 52.08 27.18 32.22
C SER G 69 51.39 25.84 32.04
N PHE G 70 50.80 25.65 30.86
CA PHE G 70 50.01 24.48 30.50
C PHE G 70 50.50 23.89 29.21
N ARG G 71 51.10 22.70 29.29
CA ARG G 71 51.60 21.96 28.12
C ARG G 71 50.46 21.16 27.59
N HIS G 72 50.48 20.92 26.27
CA HIS G 72 49.44 20.09 25.66
C HIS G 72 49.54 18.70 26.29
N PRO G 73 48.40 18.10 26.74
CA PRO G 73 48.47 16.77 27.39
C PRO G 73 49.09 15.66 26.55
N GLY G 74 49.05 15.83 25.24
CA GLY G 74 49.59 14.87 24.28
C GLY G 74 51.08 15.01 23.99
N TYR G 75 51.77 15.94 24.67
CA TYR G 75 53.22 16.15 24.49
C TYR G 75 54.05 14.97 24.95
N SER G 76 54.99 14.57 24.12
CA SER G 76 55.91 13.49 24.41
C SER G 76 57.32 14.05 24.32
N THR G 77 58.11 13.87 25.37
CA THR G 77 59.51 14.29 25.39
C THR G 77 60.33 13.32 24.50
N GLN G 78 59.82 12.08 24.33
CA GLN G 78 60.45 11.01 23.56
C GLN G 78 60.43 11.25 22.05
N THR G 79 59.25 11.64 21.49
CA THR G 79 59.01 11.87 20.06
C THR G 79 58.86 13.35 19.67
N HIS G 80 58.67 14.24 20.67
CA HIS G 80 58.50 15.69 20.48
C HIS G 80 57.11 16.04 19.88
N VAL G 81 56.20 15.03 19.78
CA VAL G 81 54.81 15.19 19.32
C VAL G 81 54.08 16.20 20.24
N ASN G 82 53.15 17.00 19.67
CA ASN G 82 52.35 18.01 20.39
C ASN G 82 53.18 18.97 21.22
N ASP G 83 54.22 19.55 20.60
CA ASP G 83 55.16 20.44 21.29
C ASP G 83 54.66 21.89 21.36
N LEU G 84 53.74 22.14 22.28
CA LEU G 84 53.17 23.47 22.49
C LEU G 84 52.71 23.63 23.93
N MET G 85 52.71 24.85 24.40
CA MET G 85 52.41 25.20 25.78
C MET G 85 52.01 26.67 25.82
N LEU G 86 51.08 26.96 26.76
CA LEU G 86 50.56 28.29 27.02
C LEU G 86 51.14 28.78 28.33
N VAL G 87 51.75 29.95 28.28
CA VAL G 87 52.38 30.56 29.43
C VAL G 87 51.45 31.70 29.83
N LYS G 88 50.89 31.60 31.06
CA LYS G 88 49.98 32.59 31.63
C LYS G 88 50.79 33.69 32.33
N LEU G 89 50.74 34.91 31.78
CA LEU G 89 51.41 36.08 32.34
C LEU G 89 50.71 36.46 33.65
N ASN G 90 51.48 36.76 34.71
CA ASN G 90 50.98 37.17 36.04
C ASN G 90 50.25 38.51 35.98
N SER G 91 50.69 39.38 35.06
CA SER G 91 50.08 40.68 34.82
C SER G 91 49.98 40.89 33.32
N GLN G 92 48.91 41.58 32.89
CA GLN G 92 48.66 41.85 31.48
C GLN G 92 49.75 42.67 30.81
N ALA G 93 50.13 42.26 29.59
CA ALA G 93 51.08 42.97 28.75
C ALA G 93 50.42 44.26 28.27
N ARG G 94 51.17 45.35 28.16
CA ARG G 94 50.62 46.60 27.67
C ARG G 94 50.87 46.59 26.19
N LEU G 95 49.78 46.64 25.40
CA LEU G 95 49.91 46.69 23.96
C LEU G 95 50.36 48.10 23.55
N SER G 96 51.40 48.16 22.72
CA SER G 96 52.03 49.38 22.19
C SER G 96 52.31 49.11 20.72
N SER G 97 53.19 49.91 20.09
CA SER G 97 53.53 49.68 18.69
C SER G 97 54.59 48.57 18.56
N MET G 98 55.18 48.20 19.72
CA MET G 98 56.23 47.19 19.89
C MET G 98 55.74 45.91 20.59
N VAL G 99 54.48 45.91 21.06
CA VAL G 99 53.86 44.78 21.74
C VAL G 99 52.50 44.59 21.08
N LYS G 100 52.36 43.56 20.22
CA LYS G 100 51.11 43.27 19.50
C LYS G 100 50.77 41.77 19.47
N LYS G 101 49.46 41.43 19.36
CA LYS G 101 48.95 40.06 19.30
C LYS G 101 49.28 39.44 17.94
N VAL G 102 49.74 38.17 17.96
CA VAL G 102 50.01 37.43 16.73
C VAL G 102 48.67 37.12 16.05
N ARG G 103 48.70 36.88 14.72
CA ARG G 103 47.52 36.46 13.99
C ARG G 103 47.59 34.95 13.96
N LEU G 104 46.67 34.30 14.68
CA LEU G 104 46.62 32.83 14.68
C LEU G 104 46.05 32.33 13.31
N PRO G 105 46.39 31.04 12.77
CA PRO G 105 46.10 30.17 11.37
C PRO G 105 44.61 29.80 11.42
N SER G 106 43.91 30.05 10.33
CA SER G 106 42.54 29.52 10.19
C SER G 106 42.70 28.27 9.35
N ARG G 107 43.58 28.36 8.35
CA ARG G 107 43.89 27.24 7.43
C ARG G 107 45.38 26.96 7.51
N CYS G 108 45.78 25.81 7.01
CA CYS G 108 47.21 25.47 7.01
C CYS G 108 47.81 25.91 5.68
N GLU G 109 48.80 26.81 5.72
CA GLU G 109 49.53 27.31 4.53
C GLU G 109 50.22 26.11 3.93
N PRO G 110 50.31 25.82 2.48
CA PRO G 110 50.79 24.64 1.75
C PRO G 110 52.30 24.53 1.57
N PRO G 111 52.82 23.30 1.28
CA PRO G 111 54.24 23.16 0.92
C PRO G 111 54.64 24.14 -0.19
N GLY G 112 55.76 24.83 -0.02
CA GLY G 112 56.26 25.79 -0.99
C GLY G 112 56.08 27.24 -0.60
N THR G 113 55.22 27.51 0.42
CA THR G 113 54.98 28.87 0.92
C THR G 113 56.26 29.40 1.58
N THR G 114 56.65 30.64 1.24
CA THR G 114 57.81 31.30 1.85
C THR G 114 57.32 31.82 3.19
N CYS G 115 58.14 31.62 4.22
CA CYS G 115 57.87 31.97 5.60
C CYS G 115 59.10 32.65 6.21
N THR G 116 58.94 33.16 7.44
CA THR G 116 60.02 33.79 8.17
C THR G 116 59.98 33.24 9.58
N VAL G 117 61.13 32.68 10.01
CA VAL G 117 61.34 32.21 11.37
C VAL G 117 62.25 33.24 12.03
N SER G 118 61.94 33.61 13.27
CA SER G 118 62.73 34.59 14.01
C SER G 118 63.13 34.12 15.41
N GLY G 119 64.24 34.66 15.91
CA GLY G 119 64.74 34.31 17.24
C GLY G 119 66.10 34.87 17.59
N TRP G 120 66.40 34.80 18.89
CA TRP G 120 67.64 35.26 19.49
C TRP G 120 68.58 34.06 19.77
N GLY G 121 68.28 32.91 19.19
CA GLY G 121 69.08 31.70 19.38
C GLY G 121 70.46 31.79 18.76
N THR G 122 71.28 30.74 18.95
CA THR G 122 72.66 30.74 18.43
C THR G 122 72.69 30.93 16.90
N THR G 123 73.67 31.74 16.40
CA THR G 123 73.81 32.03 14.96
C THR G 123 74.85 31.12 14.30
N THR G 124 75.49 30.24 15.10
CA THR G 124 76.48 29.23 14.65
C THR G 124 76.25 27.89 15.39
N SER G 125 76.79 26.77 14.85
CA SER G 125 76.61 25.43 15.42
C SER G 125 77.72 24.53 14.93
N PRO G 126 78.41 23.74 15.81
CA PRO G 126 78.15 23.54 17.26
C PRO G 126 78.59 24.68 18.19
N ASP G 127 79.56 25.53 17.77
CA ASP G 127 80.04 26.67 18.57
C ASP G 127 78.91 27.70 18.74
N VAL G 128 78.65 28.14 19.98
CA VAL G 128 77.54 29.08 20.21
C VAL G 128 77.96 30.55 20.04
N THR G 129 77.03 31.37 19.54
CA THR G 129 77.14 32.81 19.26
C THR G 129 75.71 33.35 19.50
N PHE G 130 75.47 33.98 20.66
CA PHE G 130 74.14 34.50 20.99
C PHE G 130 73.99 35.98 20.63
N PRO G 131 73.09 36.32 19.68
CA PRO G 131 72.91 37.72 19.31
C PRO G 131 72.05 38.54 20.27
N SER G 132 72.38 39.83 20.44
CA SER G 132 71.56 40.73 21.27
C SER G 132 70.32 41.14 20.48
N ASP G 133 70.47 41.27 19.14
CA ASP G 133 69.37 41.65 18.23
C ASP G 133 68.65 40.47 17.64
N LEU G 134 67.30 40.59 17.50
CA LEU G 134 66.43 39.57 16.92
C LEU G 134 66.85 39.28 15.48
N MET G 135 67.06 37.97 15.20
CA MET G 135 67.47 37.47 13.89
C MET G 135 66.32 36.83 13.14
N CYS G 136 66.37 36.94 11.81
CA CYS G 136 65.35 36.53 10.84
C CYS G 136 65.96 35.74 9.69
N VAL G 137 65.22 34.73 9.21
CA VAL G 137 65.61 33.99 8.01
C VAL G 137 64.34 33.50 7.28
N ASP G 138 64.32 33.65 5.93
CA ASP G 138 63.21 33.20 5.10
C ASP G 138 63.45 31.78 4.67
N VAL G 139 62.48 30.91 4.95
CA VAL G 139 62.52 29.49 4.59
C VAL G 139 61.20 29.13 3.91
N LYS G 140 61.15 28.00 3.22
CA LYS G 140 59.90 27.59 2.56
C LYS G 140 59.38 26.32 3.19
N LEU G 141 58.05 26.13 3.23
CA LEU G 141 57.47 24.92 3.81
C LEU G 141 57.79 23.71 2.93
N ILE G 142 58.33 22.64 3.53
CA ILE G 142 58.69 21.40 2.84
C ILE G 142 57.56 20.42 3.03
N SER G 143 57.18 19.68 1.97
CA SER G 143 56.08 18.70 2.00
C SER G 143 56.33 17.56 3.02
N PRO G 144 55.28 16.97 3.65
CA PRO G 144 55.52 15.84 4.57
C PRO G 144 56.21 14.67 3.86
N GLN G 145 55.94 14.47 2.55
CA GLN G 145 56.60 13.42 1.77
C GLN G 145 58.11 13.68 1.66
N ASP G 146 58.53 14.96 1.50
CA ASP G 146 59.96 15.32 1.43
C ASP G 146 60.66 15.24 2.78
N CYS G 147 59.99 15.69 3.84
CA CYS G 147 60.50 15.68 5.20
C CYS G 147 60.66 14.27 5.77
N THR G 148 59.85 13.31 5.33
CA THR G 148 59.91 11.90 5.77
C THR G 148 61.18 11.21 5.22
N LYS G 149 61.67 11.68 4.06
CA LYS G 149 62.90 11.14 3.48
C LYS G 149 64.02 11.29 4.52
N VAL G 150 64.01 12.41 5.28
CA VAL G 150 64.97 12.76 6.33
C VAL G 150 64.66 12.09 7.71
N TYR G 151 63.47 12.36 8.28
CA TYR G 151 63.17 11.94 9.65
C TYR G 151 62.35 10.65 9.79
N LYS G 152 61.97 10.01 8.67
CA LYS G 152 61.27 8.73 8.73
C LYS G 152 60.06 8.78 9.64
N ASP G 153 59.91 7.75 10.49
CA ASP G 153 58.78 7.55 11.40
C ASP G 153 58.68 8.58 12.51
N LEU G 154 59.76 9.34 12.80
CA LEU G 154 59.76 10.36 13.86
C LEU G 154 58.81 11.55 13.55
N LEU G 155 58.59 11.78 12.26
CA LEU G 155 57.73 12.84 11.80
C LEU G 155 56.24 12.50 11.91
N GLU G 156 55.50 13.41 12.49
CA GLU G 156 54.08 13.32 12.76
C GLU G 156 53.33 14.30 11.92
N ASN G 157 52.05 14.06 11.72
CA ASN G 157 51.26 14.95 10.88
C ASN G 157 50.93 16.33 11.45
N SER G 158 51.13 16.53 12.74
CA SER G 158 50.95 17.83 13.35
C SER G 158 52.29 18.60 13.39
N MET G 159 53.30 18.07 12.72
CA MET G 159 54.65 18.67 12.61
C MET G 159 54.82 19.28 11.21
N LEU G 160 55.27 20.53 11.14
CA LEU G 160 55.47 21.29 9.89
C LEU G 160 56.97 21.43 9.64
N CYS G 161 57.46 21.17 8.42
CA CYS G 161 58.90 21.28 8.09
C CYS G 161 59.18 22.51 7.21
N ALA G 162 60.33 23.12 7.42
CA ALA G 162 60.74 24.28 6.64
C ALA G 162 62.27 24.40 6.53
N GLY G 163 62.71 24.98 5.42
CA GLY G 163 64.10 25.17 5.04
C GLY G 163 64.19 25.57 3.58
N ILE G 164 65.42 25.74 3.09
CA ILE G 164 65.76 26.08 1.69
C ILE G 164 66.67 24.94 1.19
N PRO G 165 66.47 24.38 -0.03
CA PRO G 165 67.34 23.29 -0.46
C PRO G 165 68.81 23.71 -0.53
N ASP G 166 69.71 22.82 -0.07
CA ASP G 166 71.16 22.98 -0.10
C ASP G 166 71.62 24.29 0.58
N SER G 167 70.90 24.69 1.63
CA SER G 167 71.09 25.91 2.41
C SER G 167 71.20 25.64 3.92
N LYS G 168 71.92 26.51 4.63
CA LYS G 168 72.12 26.46 6.09
C LYS G 168 71.01 27.26 6.82
N LYS G 169 70.19 28.02 6.06
CA LYS G 169 69.08 28.82 6.60
C LYS G 169 68.17 27.97 7.47
N ASN G 170 68.21 28.21 8.80
CA ASN G 170 67.48 27.42 9.77
C ASN G 170 67.38 28.08 11.13
N ALA G 171 66.54 27.50 12.01
CA ALA G 171 66.39 27.88 13.40
C ALA G 171 67.39 26.99 14.17
N CYS G 172 67.80 27.39 15.37
CA CYS G 172 68.72 26.61 16.20
C CYS G 172 68.33 26.73 17.70
N ASN G 173 69.15 26.20 18.59
CA ASN G 173 68.87 26.25 20.02
C ASN G 173 68.82 27.70 20.55
N GLY G 174 67.72 28.02 21.22
CA GLY G 174 67.43 29.35 21.74
C GLY G 174 66.23 29.94 21.01
N ASP G 175 66.03 29.53 19.74
CA ASP G 175 64.91 29.91 18.87
C ASP G 175 63.63 29.13 19.19
N SER G 176 63.77 27.98 19.89
CA SER G 176 62.70 27.05 20.28
C SER G 176 61.49 27.75 20.89
N GLY G 177 60.30 27.40 20.40
CA GLY G 177 59.04 27.99 20.81
C GLY G 177 58.73 29.27 20.05
N GLY G 178 59.69 29.70 19.24
CA GLY G 178 59.61 30.91 18.44
C GLY G 178 58.74 30.79 17.21
N PRO G 179 58.30 31.95 16.67
CA PRO G 179 57.33 31.94 15.55
C PRO G 179 57.87 31.71 14.14
N LEU G 180 57.16 30.86 13.38
CA LEU G 180 57.36 30.63 11.96
C LEU G 180 56.09 31.25 11.37
N VAL G 181 56.22 32.41 10.70
CA VAL G 181 55.06 33.15 10.15
C VAL G 181 55.01 33.12 8.60
N CYS G 182 53.88 32.66 8.03
CA CYS G 182 53.67 32.58 6.57
C CYS G 182 52.47 33.42 6.21
N ARG G 183 52.67 34.34 5.26
CA ARG G 183 51.63 35.20 4.68
C ARG G 183 50.63 35.72 5.71
N GLY G 184 51.14 36.49 6.66
CA GLY G 184 50.31 37.12 7.68
C GLY G 184 49.91 36.35 8.93
N THR G 185 50.05 34.98 8.95
CA THR G 185 49.67 34.19 10.13
C THR G 185 50.77 33.29 10.72
N LEU G 186 50.56 32.90 11.97
CA LEU G 186 51.48 31.99 12.69
C LEU G 186 51.26 30.56 12.21
N GLN G 187 52.22 29.99 11.52
CA GLN G 187 52.06 28.61 10.99
C GLN G 187 52.83 27.59 11.83
N GLY G 188 53.94 27.98 12.45
CA GLY G 188 54.72 27.03 13.26
C GLY G 188 55.39 27.62 14.48
N LEU G 189 55.85 26.76 15.38
CA LEU G 189 56.65 27.14 16.54
C LEU G 189 57.84 26.26 16.44
N VAL G 190 59.06 26.85 16.51
CA VAL G 190 60.34 26.15 16.44
C VAL G 190 60.27 25.03 17.45
N SER G 191 60.51 23.78 17.01
CA SER G 191 60.38 22.62 17.87
C SER G 191 61.68 21.82 17.95
N TRP G 192 62.16 21.24 16.84
CA TRP G 192 63.40 20.45 16.84
C TRP G 192 64.00 20.34 15.42
N GLY G 193 65.21 19.82 15.33
CA GLY G 193 65.91 19.63 14.07
C GLY G 193 67.16 18.81 14.27
N THR G 194 68.03 18.78 13.25
CA THR G 194 69.27 18.02 13.44
C THR G 194 70.27 18.84 14.26
N PHE G 195 71.26 18.15 14.83
CA PHE G 195 72.32 18.77 15.55
C PHE G 195 73.63 18.19 15.04
N PRO G 196 74.60 19.01 14.59
CA PRO G 196 74.64 20.50 14.59
C PRO G 196 73.56 21.16 13.74
N CYS G 197 73.16 22.38 14.10
CA CYS G 197 72.14 23.11 13.33
C CYS G 197 72.65 23.53 11.94
N GLY G 198 71.73 23.98 11.09
CA GLY G 198 72.02 24.51 9.75
C GLY G 198 72.72 23.55 8.81
N GLN G 199 72.42 22.26 8.94
CA GLN G 199 72.99 21.25 8.05
C GLN G 199 72.14 21.28 6.77
N PRO G 200 72.75 21.59 5.59
CA PRO G 200 71.95 21.64 4.35
C PRO G 200 71.15 20.37 4.09
N ASN G 201 69.91 20.51 3.63
CA ASN G 201 68.91 19.46 3.28
C ASN G 201 68.35 18.73 4.47
N ASP G 202 68.47 19.31 5.68
CA ASP G 202 67.92 18.78 6.93
C ASP G 202 66.97 19.87 7.41
N PRO G 203 65.65 19.77 7.11
CA PRO G 203 64.74 20.88 7.50
C PRO G 203 64.54 21.05 9.00
N GLY G 204 64.14 22.25 9.41
CA GLY G 204 63.75 22.49 10.78
C GLY G 204 62.31 21.98 10.92
N VAL G 205 62.01 21.41 12.09
CA VAL G 205 60.67 20.85 12.37
C VAL G 205 59.94 21.79 13.32
N TYR G 206 58.70 22.13 12.97
CA TYR G 206 57.91 23.08 13.77
C TYR G 206 56.56 22.47 14.17
N THR G 207 55.98 22.98 15.23
CA THR G 207 54.63 22.50 15.63
C THR G 207 53.62 23.20 14.71
N GLN G 208 52.78 22.46 14.01
CA GLN G 208 51.79 23.06 13.08
C GLN G 208 50.67 23.74 13.87
N VAL G 209 50.73 25.06 14.02
CA VAL G 209 49.78 25.83 14.86
C VAL G 209 48.33 25.63 14.41
N CYS G 210 48.07 25.52 13.10
CA CYS G 210 46.71 25.33 12.53
C CYS G 210 46.04 24.03 12.99
N LYS G 211 46.79 23.03 13.45
CA LYS G 211 46.18 21.81 14.01
C LYS G 211 45.88 21.97 15.51
N PHE G 212 46.04 23.15 16.13
CA PHE G 212 45.81 23.21 17.60
C PHE G 212 44.98 24.42 18.05
N THR G 213 44.27 25.08 17.15
CA THR G 213 43.48 26.28 17.52
C THR G 213 42.40 25.96 18.56
N LYS G 214 41.77 24.80 18.47
CA LYS G 214 40.75 24.41 19.44
C LYS G 214 41.37 24.34 20.84
N TRP G 215 42.51 23.61 20.99
CA TRP G 215 43.22 23.51 22.26
C TRP G 215 43.77 24.86 22.75
N ILE G 216 44.28 25.73 21.86
CA ILE G 216 44.81 27.02 22.31
C ILE G 216 43.66 27.83 22.90
N ASN G 217 42.56 27.95 22.16
CA ASN G 217 41.39 28.72 22.56
C ASN G 217 40.71 28.16 23.79
N ASP G 218 40.50 26.83 23.84
CA ASP G 218 39.89 26.15 25.00
C ASP G 218 40.67 26.37 26.30
N THR G 219 42.02 26.20 26.28
CA THR G 219 42.94 26.32 27.43
C THR G 219 43.00 27.75 27.99
N MET G 220 42.96 28.77 27.13
CA MET G 220 42.93 30.18 27.57
C MET G 220 41.58 30.49 28.27
N LYS G 221 40.48 29.85 27.80
CA LYS G 221 39.14 29.99 28.35
C LYS G 221 39.06 29.24 29.69
N LYS G 222 39.61 28.01 29.74
CA LYS G 222 39.59 27.15 30.94
C LYS G 222 40.51 27.64 32.06
N HIS G 223 41.36 28.66 31.78
CA HIS G 223 42.35 29.21 32.72
C HIS G 223 42.44 30.75 32.65
N ARG G 224 41.31 31.46 32.54
CA ARG G 224 41.25 32.93 32.48
C ARG G 224 41.68 33.58 33.81
N ILE H 1 -30.08 -27.94 -10.44
CA ILE H 1 -30.94 -29.13 -10.38
C ILE H 1 -30.86 -29.78 -8.99
N ILE H 2 -31.98 -29.73 -8.24
CA ILE H 2 -32.10 -30.30 -6.90
C ILE H 2 -32.45 -31.80 -6.96
N ASP H 3 -31.73 -32.63 -6.17
CA ASP H 3 -31.96 -34.09 -6.03
C ASP H 3 -31.90 -34.86 -7.37
N GLY H 4 -31.03 -34.42 -8.27
CA GLY H 4 -30.84 -35.08 -9.56
C GLY H 4 -29.57 -35.90 -9.67
N ALA H 5 -29.14 -36.16 -10.91
CA ALA H 5 -27.92 -36.93 -11.23
C ALA H 5 -27.33 -36.40 -12.55
N PRO H 6 -26.03 -36.58 -12.86
CA PRO H 6 -25.53 -36.10 -14.17
C PRO H 6 -26.26 -36.79 -15.32
N CYS H 7 -26.58 -36.05 -16.39
CA CYS H 7 -27.27 -36.59 -17.57
C CYS H 7 -26.34 -37.55 -18.28
N ALA H 8 -26.90 -38.51 -19.04
CA ALA H 8 -26.07 -39.42 -19.82
C ALA H 8 -25.39 -38.60 -20.93
N ARG H 9 -24.12 -38.89 -21.20
CA ARG H 9 -23.32 -38.17 -22.19
C ARG H 9 -23.95 -38.21 -23.58
N GLY H 10 -24.12 -37.04 -24.19
CA GLY H 10 -24.67 -36.90 -25.54
C GLY H 10 -26.18 -36.95 -25.69
N SER H 11 -26.93 -37.02 -24.56
CA SER H 11 -28.40 -37.08 -24.55
C SER H 11 -29.09 -35.70 -24.54
N HIS H 12 -28.31 -34.61 -24.43
CA HIS H 12 -28.88 -33.25 -24.45
C HIS H 12 -28.16 -32.34 -25.48
N PRO H 13 -28.12 -32.73 -26.78
CA PRO H 13 -27.40 -31.89 -27.76
C PRO H 13 -28.08 -30.56 -28.08
N TRP H 14 -29.34 -30.40 -27.66
CA TRP H 14 -30.12 -29.15 -27.82
C TRP H 14 -29.91 -28.22 -26.64
N GLN H 15 -29.36 -28.73 -25.51
CA GLN H 15 -29.10 -27.91 -24.32
C GLN H 15 -27.88 -27.00 -24.50
N VAL H 16 -28.06 -25.72 -24.17
CA VAL H 16 -27.02 -24.71 -24.21
C VAL H 16 -26.95 -24.03 -22.85
N ALA H 17 -25.83 -23.33 -22.57
CA ALA H 17 -25.68 -22.54 -21.37
C ALA H 17 -25.42 -21.13 -21.82
N LEU H 18 -25.99 -20.17 -21.12
CA LEU H 18 -25.76 -18.76 -21.37
C LEU H 18 -24.77 -18.29 -20.28
N LEU H 19 -23.61 -17.80 -20.70
CA LEU H 19 -22.58 -17.36 -19.77
C LEU H 19 -22.37 -15.86 -19.79
N SER H 20 -21.98 -15.32 -18.64
CA SER H 20 -21.71 -13.91 -18.47
C SER H 20 -20.45 -13.81 -17.64
N GLY H 21 -19.39 -13.37 -18.29
CA GLY H 21 -18.09 -13.25 -17.64
C GLY H 21 -17.54 -14.62 -17.28
N ASN H 22 -17.78 -15.57 -18.15
CA ASN H 22 -17.37 -16.96 -18.01
C ASN H 22 -18.01 -17.67 -16.84
N GLN H 23 -19.12 -17.13 -16.38
CA GLN H 23 -19.92 -17.69 -15.32
C GLN H 23 -21.29 -18.07 -15.85
N LEU H 24 -21.89 -19.08 -15.27
CA LEU H 24 -23.20 -19.50 -15.68
C LEU H 24 -24.26 -18.44 -15.37
N HIS H 25 -25.08 -18.13 -16.36
CA HIS H 25 -26.13 -17.14 -16.15
C HIS H 25 -27.51 -17.80 -16.25
N CYS H 26 -27.72 -18.58 -17.32
CA CYS H 26 -28.98 -19.24 -17.60
C CYS H 26 -28.76 -20.47 -18.48
N GLY H 27 -29.78 -21.27 -18.58
CA GLY H 27 -29.86 -22.40 -19.50
C GLY H 27 -30.57 -21.92 -20.76
N GLY H 28 -30.70 -22.80 -21.72
CA GLY H 28 -31.36 -22.49 -22.97
C GLY H 28 -31.42 -23.68 -23.88
N VAL H 29 -32.13 -23.55 -25.00
CA VAL H 29 -32.28 -24.63 -25.98
C VAL H 29 -32.01 -24.13 -27.42
N LEU H 30 -31.23 -24.91 -28.19
CA LEU H 30 -30.98 -24.60 -29.58
C LEU H 30 -32.24 -24.93 -30.38
N VAL H 31 -32.90 -23.91 -30.95
CA VAL H 31 -34.09 -24.11 -31.79
C VAL H 31 -33.62 -24.47 -33.21
N ASN H 32 -32.64 -23.70 -33.71
CA ASN H 32 -32.01 -23.88 -35.02
C ASN H 32 -30.60 -23.32 -34.97
N GLU H 33 -29.85 -23.47 -36.06
CA GLU H 33 -28.45 -23.02 -36.16
C GLU H 33 -28.20 -21.56 -35.74
N ARG H 34 -29.20 -20.69 -35.80
CA ARG H 34 -29.02 -19.27 -35.50
C ARG H 34 -29.77 -18.79 -34.27
N TRP H 35 -30.61 -19.67 -33.66
CA TRP H 35 -31.47 -19.27 -32.56
C TRP H 35 -31.48 -20.17 -31.36
N VAL H 36 -31.44 -19.54 -30.17
CA VAL H 36 -31.51 -20.16 -28.86
C VAL H 36 -32.81 -19.66 -28.20
N LEU H 37 -33.57 -20.56 -27.57
CA LEU H 37 -34.78 -20.25 -26.80
C LEU H 37 -34.43 -20.35 -25.32
N THR H 38 -34.86 -19.36 -24.53
CA THR H 38 -34.57 -19.27 -23.10
C THR H 38 -35.66 -18.41 -22.44
N ALA H 39 -35.53 -18.11 -21.14
CA ALA H 39 -36.47 -17.29 -20.39
C ALA H 39 -36.17 -15.82 -20.61
N ALA H 40 -37.21 -14.98 -20.56
CA ALA H 40 -37.06 -13.52 -20.68
C ALA H 40 -36.31 -12.89 -19.48
N HIS H 41 -36.31 -13.59 -18.32
N HIS H 41 -36.32 -13.58 -18.31
CA HIS H 41 -35.63 -13.20 -17.09
CA HIS H 41 -35.64 -13.19 -17.09
C HIS H 41 -34.10 -13.18 -17.29
C HIS H 41 -34.10 -13.16 -17.30
N CYS H 42 -33.61 -13.88 -18.34
CA CYS H 42 -32.20 -14.01 -18.72
C CYS H 42 -31.69 -12.93 -19.68
N LYS H 43 -32.48 -11.88 -19.90
CA LYS H 43 -32.11 -10.78 -20.78
C LYS H 43 -30.80 -10.15 -20.36
N MET H 44 -29.88 -10.00 -21.33
CA MET H 44 -28.56 -9.36 -21.22
C MET H 44 -28.30 -8.68 -22.57
N ASN H 45 -27.45 -7.64 -22.60
CA ASN H 45 -27.11 -6.98 -23.87
C ASN H 45 -26.25 -7.89 -24.73
N GLU H 46 -25.36 -8.68 -24.08
CA GLU H 46 -24.43 -9.59 -24.74
C GLU H 46 -24.49 -10.97 -24.10
N TYR H 47 -24.23 -12.05 -24.87
CA TYR H 47 -24.26 -13.41 -24.35
C TYR H 47 -23.09 -14.20 -24.85
N THR H 48 -22.63 -15.16 -24.04
CA THR H 48 -21.65 -16.14 -24.52
C THR H 48 -22.38 -17.48 -24.44
N VAL H 49 -22.58 -18.12 -25.59
CA VAL H 49 -23.35 -19.37 -25.63
C VAL H 49 -22.44 -20.59 -25.65
N HIS H 50 -22.58 -21.47 -24.65
CA HIS H 50 -21.82 -22.71 -24.57
C HIS H 50 -22.66 -23.79 -25.24
N LEU H 51 -22.07 -24.56 -26.17
CA LEU H 51 -22.81 -25.63 -26.86
C LEU H 51 -21.92 -26.84 -26.98
N GLY H 52 -22.51 -27.98 -27.29
CA GLY H 52 -21.78 -29.19 -27.62
C GLY H 52 -20.98 -29.91 -26.57
N SER H 53 -21.29 -29.67 -25.30
CA SER H 53 -20.67 -30.37 -24.19
C SER H 53 -21.54 -30.34 -22.97
N ASP H 54 -21.53 -31.44 -22.23
CA ASP H 54 -22.27 -31.61 -20.98
C ASP H 54 -21.48 -31.06 -19.79
N THR H 55 -20.25 -30.60 -20.04
CA THR H 55 -19.32 -30.03 -19.07
C THR H 55 -19.00 -28.58 -19.43
N LEU H 56 -19.28 -27.67 -18.49
CA LEU H 56 -18.95 -26.26 -18.64
C LEU H 56 -17.45 -26.18 -18.43
N GLY H 57 -16.76 -25.59 -19.38
CA GLY H 57 -15.31 -25.49 -19.32
C GLY H 57 -14.60 -26.55 -20.15
N ASP H 58 -15.38 -27.35 -20.92
CA ASP H 58 -14.79 -28.35 -21.79
C ASP H 58 -14.24 -27.64 -23.01
N ARG H 59 -12.95 -27.89 -23.33
CA ARG H 59 -12.27 -27.29 -24.48
C ARG H 59 -12.97 -27.61 -25.79
N ARG H 60 -13.52 -28.84 -25.92
CA ARG H 60 -14.26 -29.35 -27.08
C ARG H 60 -15.59 -28.62 -27.34
N ALA H 61 -16.16 -27.97 -26.31
CA ALA H 61 -17.42 -27.23 -26.44
C ALA H 61 -17.30 -26.11 -27.45
N GLN H 62 -18.39 -25.81 -28.10
CA GLN H 62 -18.53 -24.71 -29.04
C GLN H 62 -18.95 -23.47 -28.25
N ARG H 63 -18.36 -22.35 -28.61
CA ARG H 63 -18.56 -21.09 -27.93
C ARG H 63 -18.90 -20.04 -28.98
N ILE H 64 -20.09 -19.43 -28.86
CA ILE H 64 -20.58 -18.44 -29.82
C ILE H 64 -21.15 -17.22 -29.10
N LYS H 65 -20.73 -16.02 -29.53
CA LYS H 65 -21.25 -14.77 -29.00
C LYS H 65 -22.65 -14.51 -29.56
N ALA H 66 -23.48 -13.80 -28.81
CA ALA H 66 -24.83 -13.42 -29.25
C ALA H 66 -25.09 -11.99 -28.77
N SER H 67 -25.31 -11.06 -29.72
CA SER H 67 -25.46 -9.65 -29.40
C SER H 67 -26.88 -9.10 -29.59
N LYS H 68 -27.84 -9.98 -29.95
CA LYS H 68 -29.25 -9.63 -30.15
C LYS H 68 -30.16 -10.66 -29.51
N SER H 69 -31.21 -10.18 -28.86
CA SER H 69 -32.20 -11.02 -28.22
C SER H 69 -33.52 -10.30 -28.20
N PHE H 70 -34.61 -11.06 -28.24
CA PHE H 70 -35.97 -10.55 -28.30
C PHE H 70 -36.88 -11.22 -27.26
N ARG H 71 -37.29 -10.46 -26.23
CA ARG H 71 -38.21 -11.00 -25.20
C ARG H 71 -39.62 -10.94 -25.77
N HIS H 72 -40.51 -11.84 -25.30
CA HIS H 72 -41.90 -11.84 -25.71
C HIS H 72 -42.51 -10.50 -25.26
N PRO H 73 -43.06 -9.66 -26.18
CA PRO H 73 -43.59 -8.35 -25.76
C PRO H 73 -44.55 -8.35 -24.56
N GLY H 74 -45.18 -9.50 -24.27
CA GLY H 74 -46.09 -9.65 -23.15
C GLY H 74 -45.46 -10.07 -21.82
N TYR H 75 -44.10 -10.13 -21.76
CA TYR H 75 -43.35 -10.48 -20.56
C TYR H 75 -43.47 -9.42 -19.48
N SER H 76 -43.80 -9.86 -18.25
CA SER H 76 -43.91 -9.00 -17.08
C SER H 76 -42.93 -9.46 -16.02
N THR H 77 -42.12 -8.54 -15.51
CA THR H 77 -41.16 -8.84 -14.46
C THR H 77 -41.88 -9.01 -13.12
N GLN H 78 -43.07 -8.37 -12.99
CA GLN H 78 -43.91 -8.43 -11.80
C GLN H 78 -44.48 -9.82 -11.58
N THR H 79 -45.04 -10.44 -12.64
CA THR H 79 -45.75 -11.72 -12.54
C THR H 79 -45.07 -12.89 -13.22
N HIS H 80 -44.02 -12.61 -14.00
CA HIS H 80 -43.23 -13.59 -14.79
C HIS H 80 -44.06 -14.26 -15.88
N VAL H 81 -45.13 -13.58 -16.33
CA VAL H 81 -46.00 -14.08 -17.39
C VAL H 81 -45.23 -13.91 -18.71
N ASN H 82 -45.42 -14.85 -19.66
CA ASN H 82 -44.75 -14.83 -20.99
C ASN H 82 -43.24 -14.75 -20.86
N ASP H 83 -42.67 -15.63 -20.00
CA ASP H 83 -41.24 -15.71 -19.72
C ASP H 83 -40.47 -16.51 -20.77
N LEU H 84 -40.32 -15.92 -21.96
CA LEU H 84 -39.57 -16.48 -23.08
C LEU H 84 -38.91 -15.41 -23.87
N MET H 85 -37.73 -15.74 -24.40
CA MET H 85 -36.88 -14.87 -25.18
C MET H 85 -36.12 -15.71 -26.20
N LEU H 86 -35.94 -15.12 -27.40
CA LEU H 86 -35.17 -15.71 -28.47
C LEU H 86 -33.86 -14.96 -28.56
N VAL H 87 -32.76 -15.72 -28.51
CA VAL H 87 -31.39 -15.17 -28.52
C VAL H 87 -30.80 -15.46 -29.89
N LYS H 88 -30.36 -14.41 -30.59
CA LYS H 88 -29.82 -14.57 -31.94
C LYS H 88 -28.29 -14.63 -31.97
N LEU H 89 -27.76 -15.86 -32.22
CA LEU H 89 -26.35 -16.20 -32.32
C LEU H 89 -25.66 -15.33 -33.40
N ASN H 90 -24.48 -14.74 -33.10
CA ASN H 90 -23.77 -13.88 -34.07
C ASN H 90 -23.27 -14.71 -35.25
N SER H 91 -22.74 -15.89 -34.96
CA SER H 91 -22.34 -16.86 -35.94
C SER H 91 -23.23 -18.11 -35.76
N GLN H 92 -23.36 -18.92 -36.79
CA GLN H 92 -24.17 -20.12 -36.81
C GLN H 92 -23.58 -21.24 -35.97
N ALA H 93 -24.46 -21.98 -35.29
CA ALA H 93 -24.09 -23.15 -34.50
C ALA H 93 -23.78 -24.29 -35.46
N ARG H 94 -22.62 -24.90 -35.31
CA ARG H 94 -22.20 -26.01 -36.14
C ARG H 94 -22.84 -27.28 -35.59
N LEU H 95 -23.80 -27.86 -36.33
CA LEU H 95 -24.49 -29.09 -35.95
C LEU H 95 -23.52 -30.27 -35.98
N SER H 96 -23.59 -31.12 -34.95
CA SER H 96 -22.70 -32.28 -34.79
C SER H 96 -23.41 -33.37 -33.98
N SER H 97 -22.65 -34.36 -33.49
CA SER H 97 -23.21 -35.43 -32.65
C SER H 97 -23.58 -34.86 -31.25
N MET H 98 -22.99 -33.69 -30.92
CA MET H 98 -23.15 -32.97 -29.66
C MET H 98 -23.97 -31.66 -29.77
N VAL H 99 -24.27 -31.20 -31.01
CA VAL H 99 -25.05 -29.99 -31.28
C VAL H 99 -26.18 -30.37 -32.25
N LYS H 100 -27.44 -30.36 -31.75
CA LYS H 100 -28.64 -30.71 -32.50
C LYS H 100 -29.81 -29.83 -32.04
N LYS H 101 -30.77 -29.59 -32.94
CA LYS H 101 -31.95 -28.77 -32.69
C LYS H 101 -32.96 -29.48 -31.77
N VAL H 102 -33.65 -28.70 -30.91
CA VAL H 102 -34.70 -29.20 -30.01
C VAL H 102 -35.96 -29.52 -30.83
N ARG H 103 -36.79 -30.45 -30.34
CA ARG H 103 -38.03 -30.72 -31.05
C ARG H 103 -39.08 -29.84 -30.39
N LEU H 104 -39.51 -28.79 -31.13
CA LEU H 104 -40.54 -27.88 -30.64
C LEU H 104 -41.89 -28.64 -30.62
N PRO H 105 -42.84 -28.34 -29.70
CA PRO H 105 -44.08 -29.12 -29.67
C PRO H 105 -45.18 -28.62 -30.61
N SER H 106 -46.14 -29.52 -30.89
CA SER H 106 -47.32 -29.23 -31.67
C SER H 106 -48.54 -29.27 -30.71
N ARG H 107 -48.47 -30.15 -29.72
CA ARG H 107 -49.57 -30.27 -28.75
C ARG H 107 -49.05 -30.06 -27.32
N CYS H 108 -49.97 -29.93 -26.37
CA CYS H 108 -49.55 -29.75 -24.97
C CYS H 108 -49.72 -31.07 -24.24
N GLU H 109 -48.62 -31.71 -23.85
CA GLU H 109 -48.67 -32.98 -23.07
C GLU H 109 -49.44 -32.67 -21.78
N PRO H 110 -50.46 -33.56 -21.17
CA PRO H 110 -51.38 -33.37 -20.02
C PRO H 110 -50.77 -33.61 -18.64
N PRO H 111 -51.50 -33.34 -17.52
CA PRO H 111 -50.90 -33.58 -16.19
C PRO H 111 -50.61 -35.06 -15.95
N GLY H 112 -49.54 -35.33 -15.23
CA GLY H 112 -49.15 -36.70 -14.89
C GLY H 112 -48.15 -37.30 -15.85
N THR H 113 -47.78 -36.55 -16.93
CA THR H 113 -46.79 -36.95 -17.94
C THR H 113 -45.39 -36.85 -17.31
N THR H 114 -44.52 -37.85 -17.53
CA THR H 114 -43.16 -37.87 -17.01
C THR H 114 -42.24 -37.09 -17.96
N CYS H 115 -41.58 -36.09 -17.39
CA CYS H 115 -40.69 -35.17 -18.07
C CYS H 115 -39.33 -35.17 -17.44
N THR H 116 -38.33 -34.75 -18.22
CA THR H 116 -36.96 -34.56 -17.76
C THR H 116 -36.64 -33.07 -17.85
N VAL H 117 -36.09 -32.50 -16.77
CA VAL H 117 -35.58 -31.14 -16.71
C VAL H 117 -34.07 -31.23 -16.48
N SER H 118 -33.29 -30.45 -17.24
CA SER H 118 -31.83 -30.47 -17.17
C SER H 118 -31.20 -29.08 -16.97
N GLY H 119 -30.01 -29.03 -16.37
CA GLY H 119 -29.29 -27.78 -16.13
C GLY H 119 -27.96 -27.84 -15.40
N TRP H 120 -27.27 -26.69 -15.35
CA TRP H 120 -26.00 -26.51 -14.62
C TRP H 120 -26.23 -25.61 -13.39
N GLY H 121 -27.50 -25.39 -13.03
CA GLY H 121 -27.88 -24.61 -11.87
C GLY H 121 -27.44 -25.23 -10.57
N THR H 122 -27.55 -24.51 -9.46
CA THR H 122 -27.12 -25.04 -8.15
C THR H 122 -27.83 -26.36 -7.78
N THR H 123 -27.07 -27.32 -7.23
CA THR H 123 -27.57 -28.63 -6.77
C THR H 123 -28.01 -28.62 -5.29
N THR H 124 -27.82 -27.46 -4.62
CA THR H 124 -28.21 -27.20 -3.22
C THR H 124 -28.86 -25.80 -3.14
N SER H 125 -29.56 -25.52 -2.04
CA SER H 125 -30.24 -24.23 -1.78
C SER H 125 -30.60 -24.17 -0.26
N PRO H 126 -30.39 -23.04 0.47
CA PRO H 126 -29.94 -21.69 0.01
C PRO H 126 -28.47 -21.58 -0.35
N ASP H 127 -27.66 -22.51 0.15
CA ASP H 127 -26.23 -22.57 -0.14
C ASP H 127 -26.03 -22.96 -1.60
N VAL H 128 -25.12 -22.27 -2.32
CA VAL H 128 -24.86 -22.59 -3.74
C VAL H 128 -23.80 -23.68 -3.89
N THR H 129 -23.95 -24.52 -4.94
CA THR H 129 -23.07 -25.64 -5.32
C THR H 129 -23.33 -25.86 -6.81
N PHE H 130 -22.60 -25.11 -7.64
CA PHE H 130 -22.73 -25.14 -9.09
C PHE H 130 -21.93 -26.30 -9.71
N PRO H 131 -22.59 -27.24 -10.43
CA PRO H 131 -21.86 -28.37 -11.00
C PRO H 131 -21.19 -28.08 -12.34
N SER H 132 -20.17 -28.90 -12.67
CA SER H 132 -19.46 -28.79 -13.95
C SER H 132 -20.21 -29.60 -15.00
N ASP H 133 -20.81 -30.73 -14.57
CA ASP H 133 -21.55 -31.63 -15.43
C ASP H 133 -23.03 -31.38 -15.36
N LEU H 134 -23.69 -31.36 -16.53
CA LEU H 134 -25.13 -31.14 -16.71
C LEU H 134 -25.94 -32.17 -15.92
N MET H 135 -26.78 -31.67 -15.04
CA MET H 135 -27.63 -32.49 -14.18
C MET H 135 -29.03 -32.68 -14.77
N CYS H 136 -29.68 -33.78 -14.39
CA CYS H 136 -31.01 -34.22 -14.85
C CYS H 136 -31.87 -34.62 -13.66
N VAL H 137 -33.17 -34.38 -13.77
CA VAL H 137 -34.16 -34.85 -12.81
C VAL H 137 -35.48 -35.11 -13.55
N ASP H 138 -36.13 -36.24 -13.21
CA ASP H 138 -37.45 -36.67 -13.70
C ASP H 138 -38.54 -36.03 -12.82
N VAL H 139 -39.46 -35.34 -13.47
CA VAL H 139 -40.60 -34.65 -12.83
C VAL H 139 -41.88 -34.96 -13.61
N LYS H 140 -43.05 -34.87 -12.97
CA LYS H 140 -44.32 -35.11 -13.66
C LYS H 140 -45.09 -33.80 -13.78
N LEU H 141 -45.93 -33.64 -14.80
CA LEU H 141 -46.67 -32.39 -14.96
C LEU H 141 -47.82 -32.28 -13.96
N ILE H 142 -47.94 -31.12 -13.31
CA ILE H 142 -48.97 -30.87 -12.31
C ILE H 142 -50.08 -30.03 -12.95
N SER H 143 -51.36 -30.44 -12.71
CA SER H 143 -52.56 -29.76 -13.20
C SER H 143 -52.62 -28.31 -12.72
N PRO H 144 -53.13 -27.36 -13.53
CA PRO H 144 -53.28 -25.97 -13.05
C PRO H 144 -54.03 -25.85 -11.71
N GLN H 145 -55.06 -26.68 -11.50
CA GLN H 145 -55.89 -26.77 -10.30
C GLN H 145 -55.05 -27.13 -9.05
N ASP H 146 -54.23 -28.21 -9.10
CA ASP H 146 -53.37 -28.61 -7.98
C ASP H 146 -52.33 -27.52 -7.68
N CYS H 147 -51.64 -27.01 -8.73
CA CYS H 147 -50.61 -25.99 -8.65
C CYS H 147 -51.13 -24.65 -8.07
N THR H 148 -52.41 -24.29 -8.36
CA THR H 148 -53.06 -23.07 -7.85
C THR H 148 -53.23 -23.12 -6.31
N LYS H 149 -53.33 -24.33 -5.72
CA LYS H 149 -53.47 -24.46 -4.27
C LYS H 149 -52.20 -24.01 -3.51
N VAL H 150 -51.11 -23.78 -4.25
CA VAL H 150 -49.82 -23.35 -3.71
C VAL H 150 -49.52 -21.90 -4.11
N TYR H 151 -49.71 -21.58 -5.40
CA TYR H 151 -49.32 -20.29 -5.97
C TYR H 151 -50.46 -19.26 -6.22
N LYS H 152 -51.73 -19.67 -6.01
CA LYS H 152 -52.92 -18.80 -6.11
C LYS H 152 -53.05 -18.08 -7.48
N ASP H 153 -53.46 -16.78 -7.48
CA ASP H 153 -53.69 -15.99 -8.70
C ASP H 153 -52.43 -15.56 -9.43
N LEU H 154 -51.24 -15.95 -8.92
CA LEU H 154 -49.96 -15.67 -9.56
C LEU H 154 -49.83 -16.57 -10.81
N LEU H 155 -50.53 -17.69 -10.82
CA LEU H 155 -50.47 -18.60 -11.92
C LEU H 155 -51.25 -18.19 -13.16
N GLU H 156 -50.69 -18.45 -14.33
CA GLU H 156 -51.35 -18.14 -15.56
C GLU H 156 -51.53 -19.41 -16.36
N ASN H 157 -52.27 -19.32 -17.45
CA ASN H 157 -52.61 -20.49 -18.23
C ASN H 157 -51.53 -20.87 -19.22
N SER H 158 -50.56 -19.99 -19.40
CA SER H 158 -49.43 -20.28 -20.26
C SER H 158 -48.21 -20.70 -19.41
N MET H 159 -48.45 -21.02 -18.15
CA MET H 159 -47.45 -21.48 -17.21
C MET H 159 -47.69 -22.97 -16.96
N LEU H 160 -46.63 -23.74 -16.91
CA LEU H 160 -46.71 -25.17 -16.70
C LEU H 160 -45.99 -25.61 -15.43
N CYS H 161 -46.69 -26.28 -14.54
CA CYS H 161 -46.14 -26.74 -13.24
C CYS H 161 -45.66 -28.21 -13.34
N ALA H 162 -44.61 -28.54 -12.60
CA ALA H 162 -44.04 -29.88 -12.58
C ALA H 162 -43.34 -30.15 -11.26
N GLY H 163 -43.38 -31.40 -10.82
CA GLY H 163 -42.75 -31.86 -9.58
C GLY H 163 -43.04 -33.31 -9.24
N ILE H 164 -42.60 -33.74 -8.06
CA ILE H 164 -42.83 -35.12 -7.56
C ILE H 164 -43.43 -35.00 -6.16
N PRO H 165 -44.55 -35.71 -5.88
CA PRO H 165 -45.16 -35.63 -4.54
C PRO H 165 -44.21 -35.94 -3.40
N ASP H 166 -44.06 -34.97 -2.47
CA ASP H 166 -43.19 -35.02 -1.30
C ASP H 166 -41.74 -35.31 -1.71
N SER H 167 -41.20 -34.46 -2.59
CA SER H 167 -39.83 -34.59 -3.10
C SER H 167 -39.19 -33.27 -3.42
N LYS H 168 -37.88 -33.20 -3.15
CA LYS H 168 -37.01 -32.07 -3.41
C LYS H 168 -36.73 -31.92 -4.92
N LYS H 169 -36.87 -33.03 -5.70
CA LYS H 169 -36.64 -33.12 -7.17
C LYS H 169 -37.22 -31.92 -7.90
N ASN H 170 -36.36 -30.97 -8.29
CA ASN H 170 -36.77 -29.72 -8.92
C ASN H 170 -35.62 -28.97 -9.61
N ALA H 171 -35.96 -27.84 -10.29
CA ALA H 171 -34.99 -26.94 -10.92
C ALA H 171 -34.64 -25.82 -9.91
N CYS H 172 -33.56 -25.07 -10.16
CA CYS H 172 -33.10 -24.01 -9.24
C CYS H 172 -32.29 -22.94 -9.97
N ASN H 173 -31.89 -21.87 -9.27
CA ASN H 173 -31.08 -20.74 -9.74
C ASN H 173 -29.91 -21.20 -10.65
N GLY H 174 -29.97 -20.80 -11.92
CA GLY H 174 -28.98 -21.13 -12.93
C GLY H 174 -29.53 -22.09 -13.97
N ASP H 175 -30.65 -22.75 -13.63
CA ASP H 175 -31.34 -23.67 -14.52
C ASP H 175 -32.32 -22.86 -15.37
N SER H 176 -32.54 -21.57 -14.98
CA SER H 176 -33.46 -20.62 -15.64
C SER H 176 -33.33 -20.60 -17.16
N GLY H 177 -34.47 -20.80 -17.85
CA GLY H 177 -34.54 -20.84 -19.31
C GLY H 177 -34.20 -22.19 -19.92
N GLY H 178 -33.87 -23.14 -19.05
CA GLY H 178 -33.48 -24.50 -19.39
C GLY H 178 -34.64 -25.36 -19.82
N PRO H 179 -34.33 -26.46 -20.52
CA PRO H 179 -35.41 -27.29 -21.07
C PRO H 179 -36.11 -28.28 -20.15
N LEU H 180 -37.46 -28.34 -20.25
CA LEU H 180 -38.30 -29.36 -19.64
C LEU H 180 -38.87 -30.14 -20.85
N VAL H 181 -38.44 -31.39 -21.02
CA VAL H 181 -38.86 -32.19 -22.16
C VAL H 181 -39.73 -33.38 -21.74
N CYS H 182 -40.84 -33.60 -22.49
CA CYS H 182 -41.81 -34.68 -22.26
C CYS H 182 -42.11 -35.34 -23.59
N ARG H 183 -42.14 -36.68 -23.58
CA ARG H 183 -42.46 -37.55 -24.71
C ARG H 183 -41.91 -37.00 -26.07
N GLY H 184 -40.62 -36.71 -26.08
CA GLY H 184 -39.91 -36.26 -27.28
C GLY H 184 -39.88 -34.78 -27.61
N THR H 185 -40.78 -33.97 -27.02
CA THR H 185 -40.80 -32.53 -27.37
C THR H 185 -40.51 -31.59 -26.19
N LEU H 186 -40.14 -30.36 -26.52
CA LEU H 186 -39.91 -29.32 -25.48
C LEU H 186 -41.26 -28.85 -24.96
N GLN H 187 -41.59 -29.18 -23.73
CA GLN H 187 -42.88 -28.77 -23.18
C GLN H 187 -42.73 -27.48 -22.36
N GLY H 188 -41.56 -27.25 -21.73
CA GLY H 188 -41.39 -26.06 -20.89
C GLY H 188 -39.99 -25.52 -20.79
N LEU H 189 -39.88 -24.24 -20.40
CA LEU H 189 -38.61 -23.54 -20.13
C LEU H 189 -38.64 -23.23 -18.62
N VAL H 190 -37.55 -23.53 -17.86
CA VAL H 190 -37.50 -23.24 -16.40
C VAL H 190 -37.74 -21.74 -16.18
N SER H 191 -38.74 -21.40 -15.38
CA SER H 191 -39.09 -19.99 -15.16
C SER H 191 -38.89 -19.55 -13.71
N TRP H 192 -39.76 -20.00 -12.77
CA TRP H 192 -39.67 -19.64 -11.36
C TRP H 192 -40.16 -20.73 -10.44
N GLY H 193 -39.98 -20.51 -9.15
CA GLY H 193 -40.38 -21.41 -8.08
C GLY H 193 -40.15 -20.74 -6.74
N THR H 194 -40.21 -21.53 -5.68
CA THR H 194 -40.00 -21.07 -4.30
C THR H 194 -38.50 -20.97 -3.98
N PHE H 195 -38.17 -20.14 -3.00
CA PHE H 195 -36.79 -19.99 -2.55
C PHE H 195 -36.78 -20.06 -1.04
N PRO H 196 -35.97 -20.96 -0.43
CA PRO H 196 -35.04 -21.93 -1.05
C PRO H 196 -35.70 -22.92 -2.02
N CYS H 197 -34.92 -23.37 -3.03
CA CYS H 197 -35.39 -24.36 -4.03
C CYS H 197 -35.63 -25.73 -3.40
N GLY H 198 -36.29 -26.59 -4.17
CA GLY H 198 -36.55 -27.98 -3.84
C GLY H 198 -37.33 -28.25 -2.58
N GLN H 199 -38.32 -27.40 -2.28
CA GLN H 199 -39.17 -27.60 -1.12
C GLN H 199 -40.29 -28.58 -1.56
N PRO H 200 -40.56 -29.66 -0.79
CA PRO H 200 -41.57 -30.65 -1.24
C PRO H 200 -42.98 -30.08 -1.32
N ASN H 201 -43.69 -30.44 -2.42
CA ASN H 201 -45.08 -30.05 -2.76
C ASN H 201 -45.19 -28.56 -3.19
N ASP H 202 -44.05 -27.97 -3.57
CA ASP H 202 -43.93 -26.62 -4.12
C ASP H 202 -43.44 -26.87 -5.55
N PRO H 203 -44.34 -26.90 -6.54
CA PRO H 203 -43.90 -27.19 -7.92
C PRO H 203 -42.97 -26.15 -8.52
N GLY H 204 -42.24 -26.57 -9.54
CA GLY H 204 -41.42 -25.68 -10.34
C GLY H 204 -42.32 -25.14 -11.43
N VAL H 205 -42.26 -23.84 -11.65
CA VAL H 205 -43.15 -23.23 -12.69
C VAL H 205 -42.35 -23.05 -13.97
N TYR H 206 -42.91 -23.49 -15.08
CA TYR H 206 -42.24 -23.43 -16.39
C TYR H 206 -43.10 -22.65 -17.38
N THR H 207 -42.49 -22.04 -18.39
CA THR H 207 -43.21 -21.35 -19.42
C THR H 207 -43.71 -22.46 -20.34
N GLN H 208 -45.01 -22.49 -20.63
CA GLN H 208 -45.59 -23.53 -21.46
C GLN H 208 -45.34 -23.29 -22.93
N VAL H 209 -44.31 -23.93 -23.46
CA VAL H 209 -43.91 -23.73 -24.84
C VAL H 209 -44.96 -23.94 -25.94
N CYS H 210 -45.91 -24.83 -25.72
CA CYS H 210 -46.99 -25.11 -26.71
C CYS H 210 -47.95 -23.94 -26.99
N LYS H 211 -48.01 -22.99 -26.08
CA LYS H 211 -48.80 -21.80 -26.20
C LYS H 211 -48.06 -20.70 -26.92
N PHE H 212 -46.81 -20.92 -27.32
CA PHE H 212 -46.00 -19.90 -27.99
C PHE H 212 -45.40 -20.25 -29.36
N THR H 213 -45.90 -21.29 -30.01
CA THR H 213 -45.40 -21.75 -31.33
C THR H 213 -45.40 -20.62 -32.38
N LYS H 214 -46.50 -19.90 -32.54
CA LYS H 214 -46.66 -18.80 -33.51
C LYS H 214 -45.60 -17.72 -33.27
N TRP H 215 -45.52 -17.15 -32.05
CA TRP H 215 -44.50 -16.12 -31.74
C TRP H 215 -43.08 -16.60 -31.96
N ILE H 216 -42.73 -17.86 -31.60
CA ILE H 216 -41.36 -18.40 -31.76
C ILE H 216 -40.94 -18.36 -33.23
N ASN H 217 -41.73 -19.00 -34.11
CA ASN H 217 -41.48 -19.05 -35.56
C ASN H 217 -41.59 -17.69 -36.27
N ASP H 218 -42.53 -16.83 -35.86
CA ASP H 218 -42.66 -15.49 -36.47
C ASP H 218 -41.50 -14.59 -36.12
N THR H 219 -41.06 -14.60 -34.84
CA THR H 219 -39.91 -13.79 -34.38
C THR H 219 -38.65 -14.21 -35.13
N MET H 220 -38.43 -15.53 -35.24
CA MET H 220 -37.30 -16.07 -35.99
C MET H 220 -37.31 -15.65 -37.47
N LYS H 221 -38.48 -15.68 -38.14
CA LYS H 221 -38.60 -15.27 -39.54
C LYS H 221 -38.45 -13.76 -39.70
N LYS H 222 -39.01 -12.96 -38.77
CA LYS H 222 -38.95 -11.50 -38.77
C LYS H 222 -37.51 -10.98 -38.64
N HIS H 223 -36.70 -11.66 -37.82
CA HIS H 223 -35.33 -11.26 -37.55
C HIS H 223 -34.29 -12.20 -38.21
N ARG H 224 -34.71 -12.88 -39.30
CA ARG H 224 -33.84 -13.78 -40.09
C ARG H 224 -32.95 -12.97 -41.04
#